data_6B9J
#
_entry.id   6B9J
#
_cell.length_a   234.282
_cell.length_b   253.842
_cell.length_c   73.760
_cell.angle_alpha   90.000
_cell.angle_beta   90.000
_cell.angle_gamma   90.000
#
_symmetry.space_group_name_H-M   'C 2 2 21'
#
loop_
_entity.id
_entity.type
_entity.pdbx_description
1 polymer 'IMV membrane protein'
2 polymer 'Fab vv138 Heavy chain'
3 polymer 'Fab vv138 Light chain'
4 non-polymer GLYCEROL
5 non-polymer 'SODIUM ION'
6 water water
#
loop_
_entity_poly.entity_id
_entity_poly.type
_entity_poly.pdbx_seq_one_letter_code
_entity_poly.pdbx_strand_id
1 'polypeptide(L)'
;MPQQLSPINIETKKAISNARLKPLDIHYNESKPTTIQNTGKLVRINFKGGYISGGFLPNEYVLSSLHIYWGKEDDYGSNH
LIDVYKYSGEINLVHWNKKKYSSYEEAKKHDDGLIIISIFLQVLDHKNVYFQKIVNQLDSIRSANTSAPFDSVFYLDNLL
PSKLDYFTYLGTTINHSADAVWIIFPTPINIHSDQLSKFRTLLSLSNHEGKPHYITENYRNPYKLNDDTEVYYSGHHHHH
H
;
X,Y
2 'polypeptide(L)'
;EVQLVQSGAEVKKDLASVKVSCKVSGYTFTDYYMHWVQQAPGKGLEWMGLVDPQEGETTYAEKFQGRVTITADTSTDTAY
MELSSLRSEDTAVYYCAKESFGIPHFWGQGTLVTVSSASTKGPSVFPLAPSSKSTSGGTAALGCLVKDYFPEPVTVSWNS
GALTSGVHTFPAVLQSSGLYSLSSVVTVPSSSLGTQTYICNVNHKPSNTKVDKKVEP
;
H,A
3 'polypeptide(L)'
;EIVLTQSPGTLSLSPGERATLSCRASQSVTSTYLAWHQQKPGQAPRLLIYSASSRATGIPDRFSGSGSGTDFTLTISRLE
PEDFAVYYCQQYGSSPPYTFGQGTKVDIKRTVAAPSVFIFPPSDEQLKSGTASVVCLLNNFYPREAKVQWKVDNALQSGN
SQESVTEQDSKDSTYSLSSTLTLSKADYEKHKVYACEVTHQGLSSPVTKSFNRGE
;
L,B
#
# COMPACT_ATOMS: atom_id res chain seq x y z
N PRO A 2 -1.19 23.53 -31.42
CA PRO A 2 -2.37 23.75 -30.58
C PRO A 2 -3.07 22.44 -30.20
N GLN A 3 -4.20 22.57 -29.49
CA GLN A 3 -5.03 21.42 -29.14
C GLN A 3 -5.73 20.86 -30.38
N GLN A 4 -5.81 19.54 -30.45
CA GLN A 4 -6.51 18.81 -31.52
C GLN A 4 -7.70 18.13 -30.88
N LEU A 5 -8.89 18.64 -31.16
CA LEU A 5 -10.11 18.09 -30.59
C LEU A 5 -10.44 16.70 -31.14
N SER A 6 -11.09 15.88 -30.34
CA SER A 6 -11.48 14.51 -30.72
C SER A 6 -12.99 14.34 -30.57
N PRO A 7 -13.63 13.42 -31.31
CA PRO A 7 -12.99 12.57 -32.29
C PRO A 7 -12.84 13.26 -33.63
N ILE A 8 -12.21 12.56 -34.57
CA ILE A 8 -11.98 13.03 -35.91
C ILE A 8 -12.38 11.97 -36.92
N ASN A 9 -12.41 12.40 -38.17
CA ASN A 9 -12.47 11.48 -39.30
C ASN A 9 -11.04 11.08 -39.68
N ILE A 10 -10.82 9.80 -39.95
CA ILE A 10 -9.52 9.32 -40.42
C ILE A 10 -9.50 9.15 -41.94
N GLU A 11 -8.86 10.09 -42.64
CA GLU A 11 -8.56 9.92 -44.08
C GLU A 11 -7.44 8.90 -44.27
N THR A 12 -7.81 7.66 -44.56
CA THR A 12 -6.85 6.57 -44.76
C THR A 12 -5.79 6.91 -45.82
N LYS A 13 -6.23 7.60 -46.87
CA LYS A 13 -5.37 8.03 -47.97
C LYS A 13 -4.32 9.09 -47.56
N LYS A 14 -4.70 9.98 -46.62
CA LYS A 14 -3.78 11.02 -46.08
C LYS A 14 -2.92 10.56 -44.89
N ALA A 15 -3.18 9.36 -44.37
CA ALA A 15 -2.39 8.82 -43.27
C ALA A 15 -0.97 8.51 -43.73
N ILE A 16 0.02 8.94 -42.94
CA ILE A 16 1.45 8.74 -43.28
C ILE A 16 2.02 7.53 -42.56
N SER A 17 2.82 6.75 -43.29
CA SER A 17 3.36 5.48 -42.80
C SER A 17 4.76 5.70 -42.27
N ASN A 18 4.98 5.37 -41.00
CA ASN A 18 6.26 5.63 -40.32
C ASN A 18 6.93 4.32 -39.90
N ALA A 19 8.22 4.19 -40.23
CA ALA A 19 9.01 2.99 -39.91
C ALA A 19 9.36 2.87 -38.42
N ARG A 20 9.34 4.00 -37.70
CA ARG A 20 9.58 4.01 -36.24
C ARG A 20 8.48 3.35 -35.40
N LEU A 21 7.32 3.08 -36.01
CA LEU A 21 6.30 2.24 -35.40
C LEU A 21 6.77 0.77 -35.41
N LYS A 22 6.95 0.21 -34.21
CA LYS A 22 7.18 -1.23 -34.02
C LYS A 22 5.79 -1.89 -33.92
N PRO A 23 5.71 -3.20 -33.60
CA PRO A 23 4.36 -3.75 -33.46
C PRO A 23 3.82 -3.48 -32.08
N LEU A 24 2.53 -3.13 -32.00
CA LEU A 24 1.89 -2.85 -30.72
C LEU A 24 1.76 -4.13 -29.92
N ASP A 25 1.88 -3.99 -28.61
CA ASP A 25 2.03 -5.11 -27.69
C ASP A 25 1.00 -4.97 -26.57
N ILE A 26 0.01 -5.86 -26.54
CA ILE A 26 -1.15 -5.74 -25.65
C ILE A 26 -1.18 -6.88 -24.62
N HIS A 27 -1.09 -6.52 -23.34
CA HIS A 27 -1.10 -7.50 -22.23
C HIS A 27 -2.30 -7.31 -21.31
N TYR A 28 -3.48 -7.65 -21.80
CA TYR A 28 -4.68 -7.68 -20.96
C TYR A 28 -4.93 -9.05 -20.31
N ASN A 29 -4.05 -10.02 -20.55
CA ASN A 29 -4.13 -11.36 -19.91
C ASN A 29 -4.31 -11.36 -18.37
N GLU A 30 -3.75 -10.35 -17.68
CA GLU A 30 -3.83 -10.23 -16.22
C GLU A 30 -4.92 -9.25 -15.73
N SER A 31 -5.69 -8.67 -16.64
CA SER A 31 -6.63 -7.60 -16.28
C SER A 31 -8.04 -8.13 -16.01
N LYS A 32 -8.44 -8.06 -14.74
CA LYS A 32 -9.79 -8.45 -14.31
C LYS A 32 -10.62 -7.17 -14.04
N PRO A 33 -11.87 -7.13 -14.51
CA PRO A 33 -12.72 -5.96 -14.27
C PRO A 33 -13.21 -5.88 -12.83
N THR A 34 -13.36 -4.66 -12.33
CA THR A 34 -13.77 -4.43 -10.94
C THR A 34 -15.25 -4.06 -10.85
N THR A 35 -15.56 -2.79 -11.10
CA THR A 35 -16.96 -2.33 -11.13
C THR A 35 -17.31 -1.82 -12.49
N ILE A 36 -18.61 -1.91 -12.77
CA ILE A 36 -19.20 -1.35 -13.97
C ILE A 36 -20.09 -0.19 -13.54
N GLN A 37 -20.10 0.85 -14.35
CA GLN A 37 -20.75 2.10 -13.98
C GLN A 37 -21.55 2.72 -15.14
N ASN A 38 -22.73 3.23 -14.81
CA ASN A 38 -23.47 4.12 -15.69
C ASN A 38 -23.20 5.52 -15.18
N THR A 39 -22.54 6.32 -15.99
CA THR A 39 -22.10 7.67 -15.56
C THR A 39 -23.17 8.73 -15.76
N GLY A 40 -24.34 8.33 -16.26
CA GLY A 40 -25.33 9.27 -16.76
C GLY A 40 -25.17 9.58 -18.25
N LYS A 41 -23.95 9.43 -18.76
CA LYS A 41 -23.63 9.67 -20.17
C LYS A 41 -23.19 8.42 -20.92
N LEU A 42 -22.58 7.46 -20.21
CA LEU A 42 -22.06 6.24 -20.86
C LEU A 42 -21.83 5.09 -19.88
N VAL A 43 -21.56 3.91 -20.44
CA VAL A 43 -21.15 2.74 -19.66
C VAL A 43 -19.64 2.78 -19.51
N ARG A 44 -19.18 2.66 -18.26
CA ARG A 44 -17.76 2.59 -17.94
C ARG A 44 -17.44 1.28 -17.22
N ILE A 45 -16.41 0.58 -17.67
CA ILE A 45 -15.94 -0.62 -16.98
C ILE A 45 -14.54 -0.42 -16.45
N ASN A 46 -14.41 -0.44 -15.13
CA ASN A 46 -13.14 -0.20 -14.44
C ASN A 46 -12.32 -1.48 -14.35
N PHE A 47 -11.02 -1.36 -14.61
CA PHE A 47 -10.10 -2.50 -14.58
C PHE A 47 -8.97 -2.33 -13.58
N LYS A 48 -8.63 -3.47 -12.96
CA LYS A 48 -7.45 -3.62 -12.13
C LYS A 48 -6.53 -4.51 -12.94
N GLY A 49 -5.32 -4.02 -13.22
CA GLY A 49 -4.33 -4.76 -14.00
C GLY A 49 -4.45 -4.54 -15.49
N GLY A 50 -3.44 -4.99 -16.22
CA GLY A 50 -3.39 -4.86 -17.67
C GLY A 50 -2.58 -3.65 -18.10
N TYR A 51 -1.87 -3.79 -19.21
CA TYR A 51 -1.08 -2.71 -19.77
C TYR A 51 -0.85 -2.90 -21.26
N ILE A 52 -0.33 -1.85 -21.90
CA ILE A 52 0.10 -1.90 -23.29
C ILE A 52 1.52 -1.35 -23.41
N SER A 53 2.25 -1.83 -24.42
CA SER A 53 3.65 -1.44 -24.64
C SER A 53 4.01 -1.54 -26.11
N GLY A 54 5.28 -1.27 -26.43
CA GLY A 54 5.77 -1.37 -27.80
C GLY A 54 5.22 -0.28 -28.71
N GLY A 55 5.36 -0.51 -30.01
CA GLY A 55 4.93 0.47 -31.01
C GLY A 55 5.71 1.77 -30.89
N PHE A 56 4.99 2.89 -30.83
CA PHE A 56 5.58 4.22 -30.66
C PHE A 56 5.66 4.64 -29.19
N LEU A 57 5.31 3.75 -28.27
CA LEU A 57 5.19 4.09 -26.85
C LEU A 57 6.56 4.23 -26.18
N PRO A 58 6.78 5.34 -25.40
CA PRO A 58 8.02 5.49 -24.64
C PRO A 58 8.25 4.39 -23.63
N ASN A 59 7.16 3.86 -23.08
CA ASN A 59 7.25 2.81 -22.06
C ASN A 59 5.89 2.13 -21.91
N GLU A 60 5.72 1.32 -20.87
CA GLU A 60 4.45 0.70 -20.57
C GLU A 60 3.43 1.75 -20.15
N TYR A 61 2.20 1.64 -20.66
CA TYR A 61 1.05 2.39 -20.15
C TYR A 61 0.06 1.39 -19.56
N VAL A 62 -0.38 1.62 -18.33
CA VAL A 62 -1.30 0.68 -17.64
C VAL A 62 -2.77 0.96 -17.91
N LEU A 63 -3.56 -0.11 -17.96
CA LEU A 63 -4.99 -0.02 -18.24
C LEU A 63 -5.73 0.53 -17.04
N SER A 64 -6.50 1.59 -17.25
CA SER A 64 -7.29 2.22 -16.18
C SER A 64 -8.73 1.74 -16.23
N SER A 65 -9.35 1.95 -17.39
CA SER A 65 -10.78 1.70 -17.58
C SER A 65 -11.18 1.69 -19.05
N LEU A 66 -12.45 1.39 -19.27
CA LEU A 66 -13.06 1.20 -20.59
C LEU A 66 -14.33 2.05 -20.68
N HIS A 67 -14.56 2.69 -21.81
CA HIS A 67 -15.83 3.38 -22.09
C HIS A 67 -16.55 2.76 -23.28
N ILE A 68 -17.87 2.84 -23.27
CA ILE A 68 -18.70 2.32 -24.36
C ILE A 68 -19.57 3.43 -24.92
N TYR A 69 -19.58 3.55 -26.24
CA TYR A 69 -20.39 4.52 -26.94
C TYR A 69 -21.27 3.86 -27.99
N TRP A 70 -22.39 4.52 -28.28
CA TRP A 70 -23.34 4.04 -29.28
C TRP A 70 -24.20 5.19 -29.81
N GLY A 71 -25.00 4.88 -30.82
CA GLY A 71 -25.91 5.84 -31.43
C GLY A 71 -27.38 5.48 -31.30
N LYS A 72 -28.23 6.39 -31.79
CA LYS A 72 -29.69 6.24 -31.80
C LYS A 72 -30.07 5.01 -32.63
N GLU A 73 -29.41 4.87 -33.79
CA GLU A 73 -29.63 3.76 -34.70
C GLU A 73 -28.39 2.88 -34.79
N ASP A 74 -28.60 1.58 -34.99
CA ASP A 74 -27.51 0.60 -35.08
C ASP A 74 -26.46 0.91 -36.15
N ASP A 75 -26.85 1.58 -37.23
CA ASP A 75 -25.93 1.74 -38.36
C ASP A 75 -24.91 2.87 -38.21
N TYR A 76 -25.11 3.74 -37.21
CA TYR A 76 -24.32 4.97 -37.08
C TYR A 76 -24.25 5.40 -35.62
N GLY A 77 -23.21 4.94 -34.93
CA GLY A 77 -23.02 5.23 -33.50
C GLY A 77 -21.62 5.24 -32.87
N SER A 78 -20.57 5.12 -33.68
CA SER A 78 -19.19 5.27 -33.18
C SER A 78 -18.80 6.76 -33.08
N ASN A 79 -17.63 7.03 -32.49
CA ASN A 79 -17.11 8.39 -32.35
C ASN A 79 -16.27 8.74 -33.55
N HIS A 80 -15.22 7.96 -33.74
CA HIS A 80 -14.28 8.15 -34.84
C HIS A 80 -14.90 7.58 -36.08
N LEU A 81 -14.41 8.06 -37.22
CA LEU A 81 -14.88 7.64 -38.53
C LEU A 81 -13.69 7.27 -39.41
N ILE A 82 -13.86 6.24 -40.24
CA ILE A 82 -12.86 5.86 -41.23
C ILE A 82 -13.40 6.17 -42.63
N ASP A 83 -12.79 7.17 -43.27
CA ASP A 83 -13.26 7.72 -44.57
C ASP A 83 -14.78 8.01 -44.59
N VAL A 84 -15.25 8.60 -43.48
CA VAL A 84 -16.62 9.08 -43.30
C VAL A 84 -17.58 7.92 -43.00
N TYR A 85 -17.09 6.68 -43.07
CA TYR A 85 -17.85 5.53 -42.60
C TYR A 85 -17.82 5.50 -41.07
N LYS A 86 -18.95 5.12 -40.47
CA LYS A 86 -19.09 5.04 -39.02
C LYS A 86 -19.61 3.65 -38.68
N TYR A 87 -19.05 3.07 -37.62
CA TYR A 87 -19.49 1.77 -37.14
C TYR A 87 -20.64 1.96 -36.15
N SER A 88 -21.21 0.86 -35.65
CA SER A 88 -22.39 0.91 -34.77
C SER A 88 -22.12 1.54 -33.41
N GLY A 89 -20.90 1.35 -32.94
CA GLY A 89 -20.48 1.87 -31.64
C GLY A 89 -18.98 1.79 -31.50
N GLU A 90 -18.49 2.18 -30.34
CA GLU A 90 -17.05 2.30 -30.09
C GLU A 90 -16.74 2.00 -28.64
N ILE A 91 -15.77 1.10 -28.45
CA ILE A 91 -15.15 0.88 -27.15
C ILE A 91 -13.87 1.74 -27.08
N ASN A 92 -13.71 2.48 -25.99
CA ASN A 92 -12.50 3.25 -25.72
C ASN A 92 -11.80 2.68 -24.48
N LEU A 93 -10.68 2.00 -24.69
CA LEU A 93 -9.86 1.49 -23.58
C LEU A 93 -8.83 2.54 -23.15
N VAL A 94 -8.94 2.99 -21.91
CA VAL A 94 -8.11 4.09 -21.41
C VAL A 94 -6.90 3.58 -20.64
N HIS A 95 -5.72 4.07 -21.06
CA HIS A 95 -4.46 3.78 -20.37
C HIS A 95 -3.75 5.07 -19.99
N TRP A 96 -2.91 4.98 -18.96
CA TRP A 96 -2.10 6.12 -18.53
C TRP A 96 -0.67 5.74 -18.20
N ASN A 97 0.17 6.77 -18.12
CA ASN A 97 1.61 6.62 -17.99
C ASN A 97 2.03 6.52 -16.53
N LYS A 98 2.01 5.29 -16.00
CA LYS A 98 2.31 5.06 -14.59
C LYS A 98 3.79 5.05 -14.31
N LYS A 99 4.58 4.54 -15.27
CA LYS A 99 6.04 4.61 -15.20
C LYS A 99 6.47 6.01 -14.82
N LYS A 100 5.92 7.01 -15.51
CA LYS A 100 6.28 8.41 -15.27
C LYS A 100 5.55 9.03 -14.09
N TYR A 101 4.23 9.14 -14.17
CA TYR A 101 3.47 10.00 -13.25
C TYR A 101 2.97 9.33 -12.00
N SER A 102 2.62 10.17 -11.04
CA SER A 102 2.16 9.72 -9.71
C SER A 102 0.76 9.13 -9.70
N SER A 103 -0.04 9.49 -10.71
CA SER A 103 -1.45 9.12 -10.75
C SER A 103 -2.03 9.36 -12.13
N TYR A 104 -3.18 8.74 -12.36
CA TYR A 104 -4.03 9.03 -13.52
C TYR A 104 -4.40 10.52 -13.49
N GLU A 105 -4.87 10.98 -12.33
CA GLU A 105 -5.25 12.38 -12.12
C GLU A 105 -4.19 13.33 -12.65
N GLU A 106 -2.93 13.02 -12.37
CA GLU A 106 -1.79 13.79 -12.88
C GLU A 106 -1.56 13.52 -14.37
N ALA A 107 -1.59 12.25 -14.76
CA ALA A 107 -1.36 11.87 -16.16
C ALA A 107 -2.19 12.69 -17.15
N LYS A 108 -3.44 12.96 -16.79
CA LYS A 108 -4.37 13.80 -17.59
C LYS A 108 -3.82 15.19 -17.92
N LYS A 109 -2.95 15.70 -17.04
CA LYS A 109 -2.39 17.05 -17.18
C LYS A 109 -1.26 17.16 -18.20
N HIS A 110 -0.88 16.08 -18.89
CA HIS A 110 0.28 16.08 -19.81
C HIS A 110 0.03 15.29 -21.09
N ASP A 111 0.48 15.82 -22.23
CA ASP A 111 0.25 15.20 -23.54
C ASP A 111 0.89 13.81 -23.79
N ASP A 112 1.80 13.40 -22.90
CA ASP A 112 2.34 12.02 -22.89
C ASP A 112 1.68 11.12 -21.83
N GLY A 113 0.60 11.61 -21.23
CA GLY A 113 0.00 10.96 -20.07
C GLY A 113 -1.00 9.86 -20.38
N LEU A 114 -1.85 10.08 -21.39
CA LEU A 114 -2.96 9.16 -21.73
C LEU A 114 -2.85 8.54 -23.12
N ILE A 115 -3.17 7.25 -23.19
CA ILE A 115 -3.28 6.54 -24.46
C ILE A 115 -4.59 5.77 -24.47
N ILE A 116 -5.46 6.13 -25.42
CA ILE A 116 -6.80 5.53 -25.52
C ILE A 116 -6.87 4.65 -26.77
N ILE A 117 -7.06 3.36 -26.57
CA ILE A 117 -7.26 2.42 -27.68
C ILE A 117 -8.73 2.45 -28.04
N SER A 118 -9.01 2.51 -29.34
CA SER A 118 -10.38 2.54 -29.85
C SER A 118 -10.69 1.24 -30.62
N ILE A 119 -11.69 0.51 -30.14
CA ILE A 119 -12.16 -0.74 -30.77
C ILE A 119 -13.59 -0.55 -31.28
N PHE A 120 -13.78 -0.73 -32.59
CA PHE A 120 -15.09 -0.49 -33.21
C PHE A 120 -16.08 -1.66 -33.06
N LEU A 121 -17.33 -1.30 -32.79
CA LEU A 121 -18.44 -2.24 -32.65
C LEU A 121 -19.29 -2.19 -33.90
N GLN A 122 -19.43 -3.33 -34.57
CA GLN A 122 -20.26 -3.46 -35.77
C GLN A 122 -21.38 -4.48 -35.59
N VAL A 123 -22.62 -4.02 -35.72
CA VAL A 123 -23.80 -4.89 -35.58
C VAL A 123 -24.01 -5.73 -36.83
N LEU A 124 -23.78 -7.03 -36.71
CA LEU A 124 -24.14 -8.04 -37.72
C LEU A 124 -25.23 -8.97 -37.14
N ASP A 125 -25.51 -10.08 -37.84
CA ASP A 125 -26.41 -11.11 -37.32
C ASP A 125 -25.59 -12.21 -36.63
N HIS A 126 -24.96 -11.84 -35.52
CA HIS A 126 -24.08 -12.72 -34.77
C HIS A 126 -24.01 -12.25 -33.31
N LYS A 127 -24.54 -13.07 -32.39
CA LYS A 127 -24.42 -12.81 -30.96
C LYS A 127 -22.96 -13.01 -30.53
N ASN A 128 -22.33 -11.94 -30.06
CA ASN A 128 -20.96 -11.99 -29.55
C ASN A 128 -20.98 -12.50 -28.11
N VAL A 129 -20.47 -13.71 -27.94
CA VAL A 129 -20.49 -14.41 -26.63
C VAL A 129 -19.71 -13.66 -25.54
N TYR A 130 -18.60 -13.02 -25.93
CA TYR A 130 -17.73 -12.31 -25.00
C TYR A 130 -18.31 -10.96 -24.61
N PHE A 131 -18.72 -10.20 -25.61
CA PHE A 131 -19.42 -8.92 -25.41
C PHE A 131 -20.69 -9.07 -24.58
N GLN A 132 -21.35 -10.23 -24.68
CA GLN A 132 -22.57 -10.53 -23.89
C GLN A 132 -22.36 -10.39 -22.38
N LYS A 133 -21.15 -10.70 -21.92
CA LYS A 133 -20.80 -10.60 -20.49
C LYS A 133 -21.05 -9.17 -19.97
N ILE A 134 -20.69 -8.18 -20.78
CA ILE A 134 -20.94 -6.78 -20.45
C ILE A 134 -22.44 -6.50 -20.47
N VAL A 135 -23.12 -7.01 -21.50
CA VAL A 135 -24.58 -6.82 -21.68
C VAL A 135 -25.35 -7.35 -20.48
N ASN A 136 -24.94 -8.52 -19.97
CA ASN A 136 -25.52 -9.13 -18.77
C ASN A 136 -25.50 -8.24 -17.51
N GLN A 137 -24.54 -7.33 -17.44
CA GLN A 137 -24.42 -6.40 -16.31
C GLN A 137 -25.44 -5.24 -16.33
N LEU A 138 -25.95 -4.88 -17.51
CA LEU A 138 -26.62 -3.58 -17.70
C LEU A 138 -27.85 -3.34 -16.81
N ASP A 139 -28.53 -4.41 -16.41
CA ASP A 139 -29.63 -4.27 -15.44
C ASP A 139 -29.15 -3.64 -14.12
N SER A 140 -27.97 -4.08 -13.66
CA SER A 140 -27.41 -3.62 -12.39
CA SER A 140 -27.39 -3.62 -12.39
C SER A 140 -27.13 -2.12 -12.38
N ILE A 141 -26.79 -1.57 -13.56
CA ILE A 141 -26.47 -0.13 -13.71
C ILE A 141 -27.49 0.66 -14.55
N ARG A 142 -28.76 0.25 -14.54
CA ARG A 142 -29.79 0.97 -15.30
C ARG A 142 -29.96 2.41 -14.79
N SER A 143 -29.85 2.61 -13.48
CA SER A 143 -29.93 3.94 -12.88
C SER A 143 -28.69 4.75 -13.17
N ALA A 144 -28.82 6.07 -13.15
CA ALA A 144 -27.68 6.96 -13.42
C ALA A 144 -26.77 7.06 -12.20
N ASN A 145 -25.50 7.42 -12.45
CA ASN A 145 -24.48 7.55 -11.40
C ASN A 145 -24.54 6.34 -10.47
N THR A 146 -24.40 5.17 -11.07
CA THR A 146 -24.61 3.92 -10.40
C THR A 146 -23.49 2.97 -10.73
N SER A 147 -22.87 2.43 -9.69
CA SER A 147 -21.74 1.52 -9.79
C SER A 147 -22.19 0.19 -9.25
N ALA A 148 -21.60 -0.89 -9.74
CA ALA A 148 -21.96 -2.22 -9.27
C ALA A 148 -20.88 -3.23 -9.61
N PRO A 149 -20.70 -4.27 -8.77
CA PRO A 149 -19.61 -5.20 -9.03
C PRO A 149 -19.85 -5.99 -10.30
N PHE A 150 -18.85 -5.99 -11.19
CA PHE A 150 -18.93 -6.79 -12.42
C PHE A 150 -19.04 -8.25 -12.01
N ASP A 151 -20.24 -8.81 -12.20
CA ASP A 151 -20.68 -10.07 -11.57
C ASP A 151 -20.52 -11.33 -12.45
N SER A 152 -19.36 -11.47 -13.06
CA SER A 152 -19.07 -12.63 -13.90
C SER A 152 -17.60 -12.72 -14.25
N VAL A 153 -17.22 -13.84 -14.86
CA VAL A 153 -15.88 -14.01 -15.43
C VAL A 153 -15.86 -13.27 -16.78
N PHE A 154 -14.79 -12.55 -17.04
CA PHE A 154 -14.63 -11.78 -18.28
C PHE A 154 -13.16 -11.50 -18.56
N TYR A 155 -12.68 -11.94 -19.71
CA TYR A 155 -11.34 -11.61 -20.17
C TYR A 155 -11.44 -10.52 -21.25
N LEU A 156 -10.91 -9.35 -20.94
CA LEU A 156 -10.91 -8.21 -21.86
C LEU A 156 -10.18 -8.54 -23.18
N ASP A 157 -9.21 -9.44 -23.11
CA ASP A 157 -8.48 -9.91 -24.29
C ASP A 157 -9.39 -10.40 -25.42
N ASN A 158 -10.54 -10.96 -25.05
CA ASN A 158 -11.51 -11.50 -26.02
C ASN A 158 -12.30 -10.46 -26.85
N LEU A 159 -12.28 -9.19 -26.42
CA LEU A 159 -12.86 -8.09 -27.22
C LEU A 159 -11.90 -7.47 -28.23
N LEU A 160 -10.67 -8.00 -28.35
CA LEU A 160 -9.70 -7.46 -29.30
C LEU A 160 -10.08 -7.86 -30.73
N PRO A 161 -9.89 -6.95 -31.69
CA PRO A 161 -10.06 -7.30 -33.09
C PRO A 161 -9.12 -8.40 -33.57
N SER A 162 -9.55 -9.08 -34.63
CA SER A 162 -8.76 -10.11 -35.30
C SER A 162 -7.53 -9.53 -35.99
N LYS A 163 -7.58 -8.24 -36.33
CA LYS A 163 -6.50 -7.55 -37.03
C LYS A 163 -6.17 -6.25 -36.31
N LEU A 164 -4.96 -6.17 -35.78
CA LEU A 164 -4.54 -5.07 -34.90
C LEU A 164 -3.59 -4.09 -35.57
N ASP A 165 -3.76 -3.89 -36.88
CA ASP A 165 -3.17 -2.73 -37.54
C ASP A 165 -3.93 -1.50 -37.02
N TYR A 166 -3.25 -0.35 -36.95
CA TYR A 166 -3.82 0.82 -36.28
C TYR A 166 -3.44 2.16 -36.86
N PHE A 167 -4.35 3.11 -36.73
CA PHE A 167 -4.08 4.51 -36.93
C PHE A 167 -3.79 5.12 -35.58
N THR A 168 -3.01 6.20 -35.57
CA THR A 168 -2.71 6.90 -34.33
C THR A 168 -2.55 8.40 -34.57
N TYR A 169 -3.04 9.18 -33.62
CA TYR A 169 -2.91 10.63 -33.70
C TYR A 169 -2.99 11.27 -32.31
N LEU A 170 -2.40 12.46 -32.19
CA LEU A 170 -2.46 13.22 -30.96
C LEU A 170 -3.76 14.02 -30.92
N GLY A 171 -4.71 13.53 -30.12
CA GLY A 171 -6.01 14.18 -29.96
C GLY A 171 -6.27 14.57 -28.53
N THR A 172 -7.54 14.50 -28.14
CA THR A 172 -7.95 14.74 -26.76
C THR A 172 -8.82 13.60 -26.32
N THR A 173 -9.14 13.59 -25.03
CA THR A 173 -10.21 12.75 -24.54
C THR A 173 -11.49 13.21 -25.21
N ILE A 174 -12.51 12.35 -25.19
CA ILE A 174 -13.76 12.62 -25.88
C ILE A 174 -14.48 13.83 -25.28
N ASN A 175 -14.42 13.96 -23.95
CA ASN A 175 -15.00 15.15 -23.28
C ASN A 175 -14.09 16.40 -23.26
N HIS A 176 -12.97 16.37 -23.99
CA HIS A 176 -12.00 17.47 -24.07
C HIS A 176 -11.27 17.85 -22.77
N SER A 177 -11.39 17.03 -21.72
CA SER A 177 -10.77 17.32 -20.41
C SER A 177 -9.24 17.32 -20.45
N ALA A 178 -8.69 16.47 -21.31
CA ALA A 178 -7.27 16.23 -21.37
C ALA A 178 -6.83 15.95 -22.78
N ASP A 179 -5.58 16.27 -23.08
CA ASP A 179 -4.92 15.73 -24.27
C ASP A 179 -4.80 14.21 -24.12
N ALA A 180 -4.80 13.52 -25.26
CA ALA A 180 -4.68 12.06 -25.27
C ALA A 180 -4.22 11.60 -26.63
N VAL A 181 -3.47 10.51 -26.65
CA VAL A 181 -3.03 9.91 -27.89
C VAL A 181 -3.94 8.72 -28.19
N TRP A 182 -4.43 8.68 -29.42
CA TRP A 182 -5.38 7.65 -29.85
C TRP A 182 -4.69 6.55 -30.61
N ILE A 183 -5.09 5.32 -30.32
CA ILE A 183 -4.71 4.14 -31.11
C ILE A 183 -6.04 3.56 -31.56
N ILE A 184 -6.28 3.59 -32.87
CA ILE A 184 -7.58 3.23 -33.44
C ILE A 184 -7.41 2.03 -34.37
N PHE A 185 -7.97 0.89 -33.95
CA PHE A 185 -8.05 -0.31 -34.80
C PHE A 185 -9.27 -0.23 -35.73
N PRO A 186 -9.04 -0.14 -37.05
CA PRO A 186 -10.17 -0.01 -38.00
C PRO A 186 -10.97 -1.30 -38.21
N THR A 187 -10.33 -2.45 -38.02
CA THR A 187 -11.03 -3.74 -38.00
C THR A 187 -11.89 -3.81 -36.74
N PRO A 188 -13.22 -3.93 -36.91
CA PRO A 188 -14.11 -3.95 -35.76
C PRO A 188 -14.33 -5.35 -35.24
N ILE A 189 -14.88 -5.44 -34.04
CA ILE A 189 -15.48 -6.69 -33.54
C ILE A 189 -16.97 -6.63 -33.80
N ASN A 190 -17.58 -7.81 -34.00
CA ASN A 190 -18.98 -7.89 -34.41
C ASN A 190 -19.91 -8.25 -33.26
N ILE A 191 -21.07 -7.60 -33.21
CA ILE A 191 -22.11 -7.87 -32.21
C ILE A 191 -23.50 -7.98 -32.85
N HIS A 192 -24.49 -8.36 -32.03
CA HIS A 192 -25.88 -8.43 -32.45
C HIS A 192 -26.64 -7.19 -32.03
N SER A 193 -27.67 -6.84 -32.79
CA SER A 193 -28.49 -5.66 -32.53
C SER A 193 -29.19 -5.69 -31.18
N ASP A 194 -29.57 -6.89 -30.74
CA ASP A 194 -30.23 -7.10 -29.43
C ASP A 194 -29.30 -6.76 -28.26
N GLN A 195 -28.00 -6.98 -28.45
CA GLN A 195 -26.99 -6.64 -27.46
C GLN A 195 -26.84 -5.12 -27.28
N LEU A 196 -26.75 -4.41 -28.39
CA LEU A 196 -26.63 -2.95 -28.35
C LEU A 196 -27.91 -2.26 -27.86
N SER A 197 -29.05 -2.92 -27.98
CA SER A 197 -30.34 -2.32 -27.61
C SER A 197 -30.53 -2.17 -26.09
N LYS A 198 -29.95 -3.08 -25.31
CA LYS A 198 -29.98 -2.99 -23.83
C LYS A 198 -29.38 -1.69 -23.31
N PHE A 199 -28.31 -1.23 -23.96
CA PHE A 199 -27.65 0.03 -23.61
C PHE A 199 -28.58 1.25 -23.68
N ARG A 200 -29.50 1.25 -24.65
CA ARG A 200 -30.40 2.40 -24.87
C ARG A 200 -31.52 2.53 -23.81
N THR A 201 -31.70 1.46 -23.01
CA THR A 201 -32.62 1.46 -21.86
C THR A 201 -32.01 2.04 -20.56
N LEU A 202 -30.71 2.36 -20.59
CA LEU A 202 -30.06 2.99 -19.43
C LEU A 202 -30.53 4.43 -19.26
N LEU A 203 -30.69 4.86 -18.02
CA LEU A 203 -31.18 6.20 -17.70
C LEU A 203 -30.04 7.20 -17.75
N SER A 204 -30.39 8.45 -18.03
CA SER A 204 -29.42 9.55 -18.12
C SER A 204 -29.61 10.52 -16.96
N LEU A 205 -28.78 11.57 -16.92
CA LEU A 205 -28.69 12.51 -15.78
C LEU A 205 -30.00 13.22 -15.45
N HIS A 213 -35.67 10.96 -19.49
CA HIS A 213 -34.75 10.80 -20.61
C HIS A 213 -33.86 9.55 -20.46
N TYR A 214 -33.52 8.94 -21.59
CA TYR A 214 -32.71 7.71 -21.67
C TYR A 214 -31.46 7.96 -22.51
N ILE A 215 -30.42 7.16 -22.30
CA ILE A 215 -29.18 7.29 -23.08
C ILE A 215 -29.37 6.51 -24.38
N THR A 216 -30.10 7.12 -25.32
CA THR A 216 -30.39 6.51 -26.61
C THR A 216 -29.19 6.64 -27.56
N GLU A 217 -28.46 7.76 -27.43
CA GLU A 217 -27.17 7.94 -28.09
C GLU A 217 -26.26 8.80 -27.23
N ASN A 218 -24.96 8.53 -27.32
CA ASN A 218 -23.95 9.24 -26.54
C ASN A 218 -22.64 9.58 -27.26
N TYR A 219 -22.55 9.35 -28.57
CA TYR A 219 -21.32 9.66 -29.30
C TYR A 219 -21.14 11.16 -29.49
N ARG A 220 -19.88 11.59 -29.65
CA ARG A 220 -19.54 12.99 -29.92
C ARG A 220 -19.30 13.15 -31.40
N ASN A 221 -19.83 14.23 -31.94
CA ASN A 221 -19.70 14.51 -33.35
C ASN A 221 -18.32 15.05 -33.67
N PRO A 222 -17.75 14.65 -34.82
CA PRO A 222 -16.34 14.83 -35.16
C PRO A 222 -15.89 16.26 -35.29
N TYR A 223 -14.56 16.44 -35.31
CA TYR A 223 -13.90 17.74 -35.47
C TYR A 223 -12.93 17.78 -36.64
N LYS A 224 -12.62 19.00 -37.05
CA LYS A 224 -11.67 19.24 -38.12
C LYS A 224 -10.29 18.78 -37.69
N LEU A 225 -9.65 17.98 -38.55
CA LEU A 225 -8.25 17.64 -38.37
C LEU A 225 -7.44 18.92 -38.57
N ASN A 226 -6.64 19.28 -37.57
CA ASN A 226 -5.85 20.51 -37.62
C ASN A 226 -4.73 20.41 -38.67
N ASP A 227 -4.31 21.57 -39.17
CA ASP A 227 -3.34 21.66 -40.27
C ASP A 227 -2.01 20.97 -39.94
N ASP A 228 -1.51 21.22 -38.73
CA ASP A 228 -0.28 20.58 -38.23
C ASP A 228 -0.45 19.11 -37.77
N THR A 229 -1.68 18.69 -37.43
CA THR A 229 -1.95 17.31 -36.96
C THR A 229 -1.77 16.27 -38.04
N GLU A 230 -0.91 15.30 -37.75
CA GLU A 230 -0.66 14.17 -38.63
C GLU A 230 -1.27 12.91 -38.01
N VAL A 231 -1.80 12.06 -38.87
CA VAL A 231 -2.34 10.77 -38.48
C VAL A 231 -1.42 9.70 -39.07
N TYR A 232 -0.86 8.88 -38.21
CA TYR A 232 0.10 7.86 -38.63
C TYR A 232 -0.61 6.53 -38.75
N TYR A 233 -0.09 5.66 -39.61
CA TYR A 233 -0.66 4.33 -39.84
C TYR A 233 0.42 3.27 -39.84
N SER A 234 0.24 2.22 -39.02
CA SER A 234 1.13 1.08 -38.99
C SER A 234 0.53 -0.05 -39.81
N GLY A 235 1.37 -0.75 -40.58
CA GLY A 235 0.93 -1.94 -41.32
C GLY A 235 1.06 -3.19 -40.46
N HIS A 236 0.43 -3.15 -39.29
CA HIS A 236 0.58 -4.17 -38.22
C HIS A 236 1.99 -4.17 -37.64
N GLU B 1 -14.70 -3.76 7.17
CA GLU B 1 -14.29 -3.64 5.72
C GLU B 1 -14.16 -2.16 5.36
N VAL B 2 -15.28 -1.53 5.02
CA VAL B 2 -15.29 -0.16 4.52
C VAL B 2 -15.35 0.77 5.72
N GLN B 3 -14.47 1.76 5.75
CA GLN B 3 -14.49 2.80 6.78
C GLN B 3 -14.34 4.20 6.17
N LEU B 4 -15.21 5.12 6.59
CA LEU B 4 -15.11 6.53 6.23
C LEU B 4 -14.87 7.36 7.49
N VAL B 5 -13.71 8.00 7.53
CA VAL B 5 -13.24 8.78 8.67
C VAL B 5 -13.25 10.24 8.28
N GLN B 6 -14.21 11.00 8.79
CA GLN B 6 -14.31 12.41 8.47
C GLN B 6 -13.54 13.28 9.45
N SER B 7 -13.19 14.48 8.99
CA SER B 7 -12.50 15.46 9.84
C SER B 7 -13.32 15.86 11.06
N GLY B 8 -12.62 16.43 12.04
CA GLY B 8 -13.22 16.81 13.30
C GLY B 8 -14.12 18.03 13.16
N ALA B 9 -15.00 18.20 14.15
CA ALA B 9 -15.95 19.32 14.19
C ALA B 9 -15.22 20.66 14.14
N GLU B 10 -15.85 21.65 13.50
CA GLU B 10 -15.23 22.98 13.35
C GLU B 10 -16.18 24.09 13.79
N VAL B 11 -15.57 25.20 14.19
CA VAL B 11 -16.29 26.45 14.53
C VAL B 11 -15.69 27.59 13.72
N LYS B 12 -16.53 28.28 12.96
CA LYS B 12 -16.06 29.27 11.98
C LYS B 12 -16.83 30.57 12.08
N LYS B 13 -16.11 31.67 11.85
CA LYS B 13 -16.71 33.01 11.82
C LYS B 13 -17.41 33.20 10.48
N ASP B 14 -18.23 34.23 10.39
CA ASP B 14 -19.02 34.47 9.19
C ASP B 14 -18.16 35.00 8.04
N LEU B 15 -18.50 34.54 6.84
CA LEU B 15 -17.78 34.88 5.61
C LEU B 15 -16.48 34.10 5.44
N ALA B 16 -16.31 33.04 6.25
CA ALA B 16 -15.10 32.23 6.21
C ALA B 16 -15.37 31.02 5.36
N SER B 17 -14.30 30.37 4.90
CA SER B 17 -14.43 29.10 4.19
C SER B 17 -13.84 27.97 5.04
N VAL B 18 -14.65 26.96 5.28
CA VAL B 18 -14.20 25.71 5.91
C VAL B 18 -13.96 24.66 4.81
N LYS B 19 -13.03 23.74 5.05
CA LYS B 19 -12.81 22.60 4.17
C LYS B 19 -12.83 21.30 4.97
N VAL B 20 -14.01 20.69 5.01
CA VAL B 20 -14.22 19.39 5.65
C VAL B 20 -13.62 18.28 4.78
N SER B 21 -13.00 17.29 5.44
CA SER B 21 -12.37 16.16 4.75
C SER B 21 -13.05 14.85 5.08
N CYS B 22 -12.77 13.87 4.23
CA CYS B 22 -13.22 12.51 4.37
C CYS B 22 -12.04 11.61 4.02
N LYS B 23 -11.66 10.73 4.94
CA LYS B 23 -10.58 9.78 4.71
C LYS B 23 -11.19 8.41 4.49
N VAL B 24 -10.83 7.80 3.37
CA VAL B 24 -11.51 6.61 2.88
C VAL B 24 -10.57 5.42 3.01
N SER B 25 -11.14 4.26 3.32
CA SER B 25 -10.37 3.00 3.38
C SER B 25 -11.26 1.79 3.16
N GLY B 26 -10.63 0.68 2.77
CA GLY B 26 -11.31 -0.62 2.67
C GLY B 26 -12.07 -0.90 1.38
N TYR B 27 -11.88 -0.05 0.38
CA TYR B 27 -12.43 -0.28 -0.97
C TYR B 27 -11.65 0.59 -1.97
N THR B 28 -11.81 0.32 -3.26
CA THR B 28 -11.15 1.14 -4.30
C THR B 28 -11.91 2.47 -4.48
N PHE B 29 -11.28 3.56 -4.05
CA PHE B 29 -11.89 4.90 -4.01
C PHE B 29 -12.57 5.31 -5.32
N THR B 30 -11.88 5.06 -6.43
CA THR B 30 -12.31 5.47 -7.77
C THR B 30 -13.38 4.58 -8.44
N ASP B 31 -13.49 3.32 -8.00
CA ASP B 31 -14.52 2.39 -8.51
C ASP B 31 -15.98 2.74 -8.17
N TYR B 32 -16.20 3.64 -7.21
CA TYR B 32 -17.55 4.05 -6.79
C TYR B 32 -17.63 5.57 -6.67
N TYR B 33 -18.85 6.07 -6.77
CA TYR B 33 -19.13 7.50 -6.56
C TYR B 33 -19.02 7.84 -5.08
N MET B 34 -19.05 9.13 -4.79
CA MET B 34 -18.92 9.65 -3.42
C MET B 34 -19.88 10.81 -3.28
N HIS B 35 -20.77 10.70 -2.30
CA HIS B 35 -21.82 11.70 -2.07
C HIS B 35 -21.52 12.56 -0.85
N TRP B 36 -22.16 13.73 -0.81
CA TRP B 36 -22.16 14.62 0.34
C TRP B 36 -23.57 15.07 0.67
N VAL B 37 -23.87 15.16 1.96
CA VAL B 37 -25.23 15.40 2.45
C VAL B 37 -25.18 16.39 3.61
N GLN B 38 -26.22 17.22 3.72
CA GLN B 38 -26.38 18.19 4.81
C GLN B 38 -27.45 17.71 5.79
N GLN B 39 -27.29 18.08 7.06
CA GLN B 39 -28.29 17.87 8.11
C GLN B 39 -28.19 18.96 9.16
N ALA B 40 -29.03 19.97 9.04
CA ALA B 40 -29.13 21.04 10.04
C ALA B 40 -29.70 20.46 11.34
N PRO B 41 -29.37 21.09 12.50
CA PRO B 41 -29.74 20.48 13.78
C PRO B 41 -31.25 20.43 13.95
N GLY B 42 -31.79 19.22 14.05
CA GLY B 42 -33.23 19.01 14.22
C GLY B 42 -33.97 18.73 12.93
N LYS B 43 -33.65 19.49 11.89
CA LYS B 43 -34.24 19.28 10.55
C LYS B 43 -33.61 18.03 9.88
N GLY B 44 -34.20 17.59 8.76
CA GLY B 44 -33.84 16.32 8.12
C GLY B 44 -32.68 16.41 7.14
N LEU B 45 -32.53 15.35 6.34
CA LEU B 45 -31.42 15.22 5.39
C LEU B 45 -31.66 16.00 4.09
N GLU B 46 -30.58 16.49 3.49
CA GLU B 46 -30.65 17.21 2.22
C GLU B 46 -29.40 16.96 1.39
N TRP B 47 -29.58 16.38 0.20
CA TRP B 47 -28.45 16.03 -0.69
C TRP B 47 -27.78 17.26 -1.25
N MET B 48 -26.46 17.32 -1.07
CA MET B 48 -25.64 18.48 -1.45
C MET B 48 -24.98 18.34 -2.81
N GLY B 49 -24.61 17.12 -3.18
CA GLY B 49 -23.79 16.90 -4.37
C GLY B 49 -23.12 15.55 -4.41
N LEU B 50 -22.36 15.32 -5.48
CA LEU B 50 -21.54 14.10 -5.62
C LEU B 50 -20.28 14.34 -6.44
N VAL B 51 -19.40 13.35 -6.41
CA VAL B 51 -18.18 13.38 -7.21
C VAL B 51 -17.81 11.96 -7.67
N ASP B 52 -17.37 11.87 -8.93
CA ASP B 52 -16.69 10.70 -9.46
C ASP B 52 -15.21 10.88 -9.09
N PRO B 53 -14.70 10.07 -8.15
CA PRO B 53 -13.32 10.29 -7.76
C PRO B 53 -12.31 9.94 -8.85
N GLN B 54 -12.69 9.09 -9.79
CA GLN B 54 -11.77 8.67 -10.86
C GLN B 54 -11.30 9.84 -11.73
N GLU B 55 -12.25 10.68 -12.14
CA GLU B 55 -11.98 11.85 -12.99
C GLU B 55 -12.19 13.19 -12.28
N GLY B 56 -12.65 13.16 -11.03
CA GLY B 56 -12.92 14.38 -10.28
C GLY B 56 -14.03 15.24 -10.86
N GLU B 57 -14.96 14.59 -11.56
CA GLU B 57 -16.11 15.27 -12.17
C GLU B 57 -17.21 15.32 -11.13
N THR B 58 -17.78 16.51 -10.94
CA THR B 58 -18.82 16.72 -9.93
C THR B 58 -20.13 17.23 -10.52
N THR B 59 -21.23 16.92 -9.84
CA THR B 59 -22.49 17.63 -10.04
C THR B 59 -23.06 17.98 -8.67
N TYR B 60 -23.34 19.27 -8.44
CA TYR B 60 -23.96 19.75 -7.20
C TYR B 60 -25.47 19.99 -7.38
N ALA B 61 -26.21 19.96 -6.27
CA ALA B 61 -27.61 20.42 -6.25
C ALA B 61 -27.62 21.93 -6.48
N GLU B 62 -28.60 22.41 -7.26
CA GLU B 62 -28.65 23.84 -7.66
C GLU B 62 -28.78 24.78 -6.47
N LYS B 63 -29.41 24.27 -5.42
CA LYS B 63 -29.57 24.95 -4.14
C LYS B 63 -28.20 25.34 -3.51
N PHE B 64 -27.25 24.41 -3.54
CA PHE B 64 -25.89 24.61 -3.01
C PHE B 64 -24.86 25.12 -4.02
N GLN B 65 -25.25 25.14 -5.31
CA GLN B 65 -24.37 25.57 -6.42
C GLN B 65 -23.64 26.88 -6.11
N GLY B 66 -22.40 26.99 -6.59
CA GLY B 66 -21.61 28.23 -6.42
C GLY B 66 -20.91 28.36 -5.08
N ARG B 67 -21.64 28.07 -4.00
CA ARG B 67 -21.11 28.13 -2.62
C ARG B 67 -20.64 26.77 -2.07
N VAL B 68 -20.21 25.87 -2.94
CA VAL B 68 -19.71 24.55 -2.53
C VAL B 68 -18.72 24.01 -3.56
N THR B 69 -17.70 23.29 -3.09
CA THR B 69 -16.72 22.66 -3.98
C THR B 69 -16.32 21.29 -3.42
N ILE B 70 -16.76 20.22 -4.09
CA ILE B 70 -16.36 18.86 -3.75
C ILE B 70 -15.15 18.45 -4.58
N THR B 71 -14.18 17.79 -3.92
CA THR B 71 -12.96 17.32 -4.57
C THR B 71 -12.58 15.91 -4.12
N ALA B 72 -11.66 15.29 -4.85
CA ALA B 72 -11.22 13.94 -4.55
C ALA B 72 -9.72 13.77 -4.82
N ASP B 73 -8.98 13.42 -3.78
CA ASP B 73 -7.53 13.21 -3.87
C ASP B 73 -7.23 11.71 -3.95
N THR B 74 -7.02 11.24 -5.19
CA THR B 74 -6.75 9.82 -5.43
C THR B 74 -5.44 9.33 -4.81
N SER B 75 -4.51 10.23 -4.52
CA SER B 75 -3.25 9.91 -3.84
C SER B 75 -3.43 9.52 -2.38
N THR B 76 -4.15 10.35 -1.63
CA THR B 76 -4.40 10.14 -0.20
C THR B 76 -5.75 9.44 0.13
N ASP B 77 -6.48 8.96 -0.88
CA ASP B 77 -7.84 8.39 -0.70
C ASP B 77 -8.73 9.28 0.18
N THR B 78 -8.75 10.56 -0.16
CA THR B 78 -9.44 11.56 0.63
C THR B 78 -10.36 12.41 -0.25
N ALA B 79 -11.66 12.33 0.03
CA ALA B 79 -12.62 13.26 -0.55
C ALA B 79 -12.64 14.51 0.32
N TYR B 80 -12.88 15.66 -0.29
CA TYR B 80 -13.04 16.92 0.46
C TYR B 80 -14.34 17.64 0.07
N MET B 81 -14.70 18.61 0.90
CA MET B 81 -15.94 19.37 0.78
C MET B 81 -15.66 20.78 1.31
N GLU B 82 -15.71 21.76 0.42
CA GLU B 82 -15.33 23.14 0.75
C GLU B 82 -16.51 24.11 0.61
N LEU B 83 -16.91 24.69 1.74
CA LEU B 83 -18.00 25.66 1.80
C LEU B 83 -17.41 27.07 1.66
N SER B 84 -18.01 27.87 0.79
CA SER B 84 -17.37 29.09 0.27
C SER B 84 -17.53 30.32 1.17
N SER B 85 -18.76 30.82 1.30
CA SER B 85 -19.05 32.00 2.14
C SER B 85 -20.01 31.57 3.21
N LEU B 86 -19.48 31.34 4.41
CA LEU B 86 -20.25 30.72 5.49
C LEU B 86 -21.20 31.68 6.18
N ARG B 87 -22.40 31.17 6.48
CA ARG B 87 -23.47 31.94 7.09
C ARG B 87 -24.04 31.17 8.27
N SER B 88 -24.68 31.91 9.18
CA SER B 88 -25.41 31.35 10.32
C SER B 88 -26.16 30.05 9.99
N GLU B 89 -26.93 30.09 8.91
CA GLU B 89 -27.82 28.98 8.51
C GLU B 89 -27.07 27.73 8.04
N ASP B 90 -25.81 27.89 7.62
CA ASP B 90 -24.94 26.77 7.25
C ASP B 90 -24.47 25.90 8.44
N THR B 91 -24.77 26.33 9.67
CA THR B 91 -24.56 25.48 10.85
C THR B 91 -25.31 24.17 10.66
N ALA B 92 -24.55 23.08 10.52
CA ALA B 92 -25.11 21.75 10.26
C ALA B 92 -24.06 20.64 10.41
N VAL B 93 -24.52 19.39 10.30
CA VAL B 93 -23.64 18.22 10.26
C VAL B 93 -23.51 17.77 8.80
N TYR B 94 -22.27 17.67 8.32
CA TYR B 94 -22.00 17.32 6.92
C TYR B 94 -21.44 15.91 6.72
N TYR B 95 -22.23 15.03 6.10
CA TYR B 95 -21.83 13.62 5.85
C TYR B 95 -21.21 13.39 4.48
N CYS B 96 -20.01 12.83 4.41
CA CYS B 96 -19.50 12.19 3.16
C CYS B 96 -20.13 10.79 3.17
N ALA B 97 -20.30 10.20 1.99
CA ALA B 97 -20.92 8.87 1.88
C ALA B 97 -20.58 8.15 0.59
N LYS B 98 -20.18 6.88 0.71
CA LYS B 98 -19.82 6.06 -0.45
C LYS B 98 -21.08 5.60 -1.18
N GLU B 99 -21.10 5.74 -2.50
CA GLU B 99 -22.17 5.21 -3.33
C GLU B 99 -21.98 3.70 -3.55
N SER B 100 -23.08 2.97 -3.78
CA SER B 100 -22.99 1.55 -4.20
C SER B 100 -24.06 1.01 -5.14
N PHE B 101 -25.30 1.49 -5.06
CA PHE B 101 -26.32 1.09 -6.03
C PHE B 101 -27.13 2.31 -6.48
N GLY B 102 -26.40 3.34 -6.90
CA GLY B 102 -26.99 4.61 -7.32
C GLY B 102 -27.14 5.65 -6.22
N ILE B 103 -26.87 5.24 -4.97
CA ILE B 103 -27.23 6.02 -3.77
C ILE B 103 -26.18 5.89 -2.65
N PRO B 104 -26.24 6.78 -1.63
CA PRO B 104 -25.33 6.67 -0.47
C PRO B 104 -25.52 5.37 0.32
N HIS B 105 -24.57 4.46 0.15
CA HIS B 105 -24.65 3.07 0.67
C HIS B 105 -24.06 2.96 2.07
N PHE B 106 -22.81 3.43 2.21
CA PHE B 106 -22.10 3.48 3.47
C PHE B 106 -21.81 4.94 3.79
N TRP B 107 -22.32 5.39 4.94
CA TRP B 107 -22.15 6.77 5.38
C TRP B 107 -20.99 6.91 6.35
N GLY B 108 -20.40 8.09 6.36
CA GLY B 108 -19.45 8.50 7.40
C GLY B 108 -20.17 8.98 8.66
N GLN B 109 -19.40 9.51 9.60
CA GLN B 109 -19.95 9.90 10.91
C GLN B 109 -20.33 11.36 11.01
N GLY B 110 -20.15 12.10 9.90
CA GLY B 110 -20.49 13.52 9.87
C GLY B 110 -19.44 14.43 10.48
N THR B 111 -19.56 15.72 10.20
CA THR B 111 -18.65 16.74 10.71
C THR B 111 -19.50 17.94 11.08
N LEU B 112 -19.55 18.25 12.36
CA LEU B 112 -20.38 19.34 12.87
C LEU B 112 -19.69 20.68 12.65
N VAL B 113 -19.95 21.29 11.50
CA VAL B 113 -19.48 22.65 11.26
C VAL B 113 -20.50 23.59 11.91
N THR B 114 -20.00 24.56 12.68
CA THR B 114 -20.84 25.50 13.42
C THR B 114 -20.41 26.92 13.07
N VAL B 115 -21.39 27.79 12.78
CA VAL B 115 -21.11 29.13 12.25
C VAL B 115 -21.69 30.18 13.19
N SER B 116 -20.82 31.08 13.67
CA SER B 116 -21.20 32.16 14.59
C SER B 116 -20.09 33.21 14.65
N SER B 117 -20.47 34.46 14.88
CA SER B 117 -19.52 35.53 15.24
C SER B 117 -19.22 35.51 16.74
N ALA B 118 -20.09 34.87 17.52
CA ALA B 118 -19.96 34.74 18.97
C ALA B 118 -18.64 34.13 19.44
N SER B 119 -17.98 34.82 20.38
CA SER B 119 -16.73 34.35 20.99
C SER B 119 -16.98 33.33 22.10
N THR B 120 -15.94 32.55 22.43
CA THR B 120 -16.03 31.51 23.45
C THR B 120 -16.27 32.14 24.83
N LYS B 121 -17.53 32.12 25.28
CA LYS B 121 -17.93 32.62 26.61
C LYS B 121 -18.42 31.48 27.49
N GLY B 122 -18.06 31.53 28.78
CA GLY B 122 -18.52 30.56 29.78
C GLY B 122 -19.90 30.91 30.33
N PRO B 123 -20.65 29.90 30.82
CA PRO B 123 -22.02 30.13 31.25
C PRO B 123 -22.19 30.88 32.57
N SER B 124 -23.43 31.24 32.86
CA SER B 124 -23.83 31.78 34.15
C SER B 124 -24.96 30.89 34.67
N VAL B 125 -24.68 30.16 35.75
CA VAL B 125 -25.67 29.21 36.30
C VAL B 125 -26.53 29.89 37.37
N PHE B 126 -27.84 29.83 37.19
CA PHE B 126 -28.81 30.41 38.11
C PHE B 126 -29.81 29.35 38.57
N PRO B 127 -30.30 29.46 39.82
CA PRO B 127 -31.18 28.42 40.35
C PRO B 127 -32.62 28.53 39.87
N LEU B 128 -33.33 27.40 39.92
CA LEU B 128 -34.77 27.34 39.70
C LEU B 128 -35.40 26.67 40.91
N ALA B 129 -35.53 27.45 41.98
CA ALA B 129 -36.03 26.96 43.27
C ALA B 129 -37.56 27.07 43.34
N PRO B 130 -38.24 26.04 43.89
CA PRO B 130 -39.69 26.12 44.08
C PRO B 130 -40.09 26.86 45.37
N SER B 131 -41.41 26.96 45.59
CA SER B 131 -41.98 27.61 46.78
C SER B 131 -43.06 26.75 47.45
N SER B 132 -44.05 26.32 46.67
CA SER B 132 -45.16 25.45 47.11
C SER B 132 -46.04 26.11 48.15
N GLY B 138 -47.71 14.53 46.17
CA GLY B 138 -46.69 15.28 46.90
C GLY B 138 -45.29 15.14 46.32
N THR B 139 -45.10 15.73 45.14
CA THR B 139 -43.78 15.87 44.49
C THR B 139 -43.56 17.31 44.03
N ALA B 140 -42.30 17.72 44.00
CA ALA B 140 -41.90 19.09 43.65
C ALA B 140 -40.74 19.10 42.67
N ALA B 141 -40.69 20.16 41.86
CA ALA B 141 -39.67 20.33 40.84
C ALA B 141 -38.69 21.42 41.24
N LEU B 142 -37.42 21.20 40.89
CA LEU B 142 -36.37 22.19 41.09
C LEU B 142 -35.30 21.99 40.01
N GLY B 143 -34.52 23.04 39.75
CA GLY B 143 -33.51 22.97 38.69
C GLY B 143 -32.48 24.09 38.64
N CYS B 144 -31.67 24.04 37.59
CA CYS B 144 -30.65 25.06 37.29
C CYS B 144 -30.77 25.56 35.86
N LEU B 145 -30.75 26.88 35.70
CA LEU B 145 -30.77 27.52 34.38
C LEU B 145 -29.34 27.90 33.98
N VAL B 146 -28.79 27.18 33.01
CA VAL B 146 -27.47 27.47 32.46
C VAL B 146 -27.64 28.47 31.31
N LYS B 147 -26.97 29.62 31.40
CA LYS B 147 -27.27 30.75 30.48
C LYS B 147 -26.02 31.48 29.96
N ASP B 148 -26.18 32.13 28.81
CA ASP B 148 -25.18 33.04 28.22
C ASP B 148 -23.82 32.37 27.92
N TYR B 149 -23.86 31.26 27.18
CA TYR B 149 -22.63 30.52 26.82
C TYR B 149 -22.51 30.18 25.33
N PHE B 150 -21.26 30.09 24.88
CA PHE B 150 -20.90 29.64 23.52
C PHE B 150 -19.52 29.00 23.57
N PRO B 151 -19.27 27.87 22.87
CA PRO B 151 -20.23 27.13 22.05
C PRO B 151 -20.84 25.95 22.81
N GLU B 152 -21.56 25.11 22.07
CA GLU B 152 -21.94 23.77 22.54
C GLU B 152 -20.66 22.92 22.70
N PRO B 153 -20.71 21.82 23.47
CA PRO B 153 -21.83 21.43 24.31
C PRO B 153 -21.61 21.90 25.76
N VAL B 154 -22.52 21.51 26.65
CA VAL B 154 -22.33 21.67 28.09
C VAL B 154 -23.01 20.52 28.82
N THR B 155 -22.28 19.86 29.72
CA THR B 155 -22.83 18.75 30.50
C THR B 155 -23.31 19.22 31.86
N VAL B 156 -24.39 18.60 32.33
CA VAL B 156 -24.98 18.90 33.64
C VAL B 156 -25.33 17.58 34.35
N SER B 157 -25.01 17.51 35.65
CA SER B 157 -25.35 16.37 36.50
C SER B 157 -25.72 16.85 37.90
N TRP B 158 -26.39 15.99 38.67
CA TRP B 158 -26.91 16.33 40.00
C TRP B 158 -26.26 15.55 41.15
N ASN B 159 -25.72 16.30 42.12
CA ASN B 159 -25.03 15.77 43.31
C ASN B 159 -23.79 14.94 42.93
N SER B 160 -22.94 15.54 42.10
CA SER B 160 -21.75 14.89 41.52
C SER B 160 -22.07 13.54 40.83
N GLY B 161 -23.18 13.52 40.08
CA GLY B 161 -23.64 12.31 39.38
C GLY B 161 -24.36 11.27 40.23
N ALA B 162 -24.73 11.64 41.46
CA ALA B 162 -25.40 10.73 42.41
C ALA B 162 -26.90 10.64 42.13
N LEU B 163 -27.53 11.82 42.00
CA LEU B 163 -28.96 11.93 41.68
C LEU B 163 -29.19 11.93 40.16
N THR B 164 -29.35 10.74 39.59
CA THR B 164 -29.66 10.57 38.16
C THR B 164 -31.16 10.36 37.91
N SER B 165 -31.84 9.69 38.85
CA SER B 165 -33.23 9.29 38.67
C SER B 165 -34.18 10.50 38.72
N GLY B 166 -35.21 10.48 37.87
CA GLY B 166 -36.19 11.57 37.78
C GLY B 166 -35.69 12.91 37.24
N VAL B 167 -34.58 12.89 36.50
CA VAL B 167 -33.90 14.11 36.00
C VAL B 167 -34.21 14.32 34.52
N HIS B 168 -34.23 15.59 34.09
CA HIS B 168 -34.35 15.94 32.67
C HIS B 168 -33.49 17.15 32.31
N THR B 169 -32.39 16.89 31.63
CA THR B 169 -31.53 17.93 31.07
C THR B 169 -32.00 18.23 29.63
N PHE B 170 -32.46 19.46 29.41
CA PHE B 170 -33.03 19.87 28.11
C PHE B 170 -31.95 20.21 27.09
N PRO B 171 -32.29 20.12 25.78
CA PRO B 171 -31.42 20.69 24.76
C PRO B 171 -31.38 22.21 24.82
N ALA B 172 -30.29 22.78 24.32
CA ALA B 172 -30.09 24.23 24.33
C ALA B 172 -30.97 24.94 23.32
N VAL B 173 -31.13 26.25 23.51
CA VAL B 173 -31.75 27.13 22.50
C VAL B 173 -30.82 28.31 22.22
N LEU B 174 -30.69 28.66 20.95
CA LEU B 174 -29.85 29.80 20.58
C LEU B 174 -30.64 31.09 20.78
N GLN B 175 -30.17 31.96 21.68
CA GLN B 175 -30.78 33.28 21.87
C GLN B 175 -30.39 34.21 20.71
N SER B 176 -31.11 35.32 20.58
CA SER B 176 -30.85 36.31 19.53
C SER B 176 -29.48 36.98 19.65
N SER B 177 -28.93 36.98 20.86
CA SER B 177 -27.55 37.43 21.13
C SER B 177 -26.46 36.56 20.47
N GLY B 178 -26.80 35.31 20.14
CA GLY B 178 -25.86 34.36 19.53
C GLY B 178 -25.39 33.28 20.51
N LEU B 179 -25.72 33.47 21.79
CA LEU B 179 -25.26 32.59 22.88
C LEU B 179 -26.33 31.59 23.27
N TYR B 180 -25.91 30.35 23.54
CA TYR B 180 -26.82 29.25 23.88
C TYR B 180 -27.30 29.36 25.33
N SER B 181 -28.39 28.65 25.66
CA SER B 181 -29.01 28.70 27.00
C SER B 181 -29.95 27.52 27.27
N LEU B 182 -29.46 26.51 27.99
CA LEU B 182 -30.29 25.36 28.38
C LEU B 182 -30.75 25.43 29.83
N SER B 183 -31.60 24.48 30.21
CA SER B 183 -32.04 24.33 31.59
C SER B 183 -32.09 22.85 31.96
N SER B 184 -31.63 22.53 33.18
CA SER B 184 -31.72 21.17 33.73
C SER B 184 -32.65 21.16 34.95
N VAL B 185 -33.46 20.12 35.06
CA VAL B 185 -34.44 19.99 36.15
C VAL B 185 -34.52 18.57 36.70
N VAL B 186 -35.09 18.47 37.90
CA VAL B 186 -35.35 17.19 38.57
C VAL B 186 -36.63 17.28 39.40
N THR B 187 -37.38 16.17 39.40
CA THR B 187 -38.60 16.05 40.21
C THR B 187 -38.27 15.22 41.43
N VAL B 188 -38.53 15.78 42.61
CA VAL B 188 -38.18 15.13 43.88
C VAL B 188 -39.40 15.06 44.78
N PRO B 189 -39.38 14.15 45.79
CA PRO B 189 -40.46 14.22 46.77
C PRO B 189 -40.39 15.53 47.55
N SER B 190 -41.55 16.16 47.72
CA SER B 190 -41.66 17.45 48.41
C SER B 190 -41.33 17.33 49.90
N SER B 191 -41.56 16.14 50.47
CA SER B 191 -41.20 15.86 51.86
C SER B 191 -39.70 16.02 52.15
N SER B 192 -38.85 15.74 51.15
CA SER B 192 -37.39 15.88 51.28
C SER B 192 -36.86 17.20 50.71
N LEU B 193 -37.60 18.29 50.89
CA LEU B 193 -37.22 19.59 50.29
C LEU B 193 -36.18 20.30 51.16
N GLY B 194 -36.54 20.60 52.40
CA GLY B 194 -35.65 21.29 53.34
C GLY B 194 -34.47 20.47 53.85
N THR B 195 -34.69 19.17 54.01
CA THR B 195 -33.69 18.24 54.56
C THR B 195 -32.54 17.98 53.58
N GLN B 196 -32.88 17.39 52.44
CA GLN B 196 -31.89 16.95 51.44
C GLN B 196 -31.30 18.15 50.68
N THR B 197 -29.99 18.10 50.44
CA THR B 197 -29.28 19.11 49.64
C THR B 197 -29.33 18.73 48.15
N TYR B 198 -29.38 19.75 47.28
CA TYR B 198 -29.40 19.56 45.83
C TYR B 198 -28.42 20.51 45.12
N ILE B 199 -27.39 19.91 44.50
CA ILE B 199 -26.33 20.64 43.80
C ILE B 199 -26.28 20.20 42.34
N CYS B 200 -26.19 21.17 41.44
CA CYS B 200 -26.07 20.94 40.00
C CYS B 200 -24.60 21.14 39.61
N ASN B 201 -24.07 20.25 38.78
CA ASN B 201 -22.65 20.29 38.39
C ASN B 201 -22.53 20.60 36.91
N VAL B 202 -22.36 21.88 36.60
CA VAL B 202 -22.23 22.35 35.23
C VAL B 202 -20.76 22.29 34.80
N ASN B 203 -20.52 21.83 33.58
CA ASN B 203 -19.17 21.68 33.03
C ASN B 203 -19.13 22.12 31.56
N HIS B 204 -18.47 23.25 31.29
CA HIS B 204 -18.34 23.82 29.94
C HIS B 204 -16.87 23.87 29.50
N LYS B 205 -16.45 22.82 28.80
CA LYS B 205 -15.02 22.58 28.50
C LYS B 205 -14.29 23.65 27.65
N PRO B 206 -14.92 24.17 26.58
CA PRO B 206 -14.28 25.21 25.75
C PRO B 206 -13.77 26.49 26.45
N SER B 207 -14.26 26.80 27.65
CA SER B 207 -13.74 27.92 28.47
C SER B 207 -13.19 27.47 29.84
N ASN B 208 -13.02 26.16 30.02
CA ASN B 208 -12.55 25.54 31.28
C ASN B 208 -13.43 25.85 32.51
N THR B 209 -14.71 26.12 32.28
CA THR B 209 -15.61 26.62 33.33
C THR B 209 -16.40 25.48 34.01
N LYS B 210 -15.86 25.01 35.13
CA LYS B 210 -16.58 24.11 36.04
C LYS B 210 -17.27 24.95 37.11
N VAL B 211 -18.56 24.73 37.30
CA VAL B 211 -19.35 25.46 38.30
C VAL B 211 -20.32 24.50 38.99
N ASP B 212 -20.33 24.55 40.32
CA ASP B 212 -21.27 23.81 41.15
C ASP B 212 -22.20 24.81 41.85
N LYS B 213 -23.49 24.51 41.88
CA LYS B 213 -24.51 25.46 42.35
C LYS B 213 -25.52 24.80 43.30
N LYS B 214 -25.53 25.27 44.55
CA LYS B 214 -26.48 24.82 45.55
C LYS B 214 -27.86 25.41 45.26
N VAL B 215 -28.89 24.57 45.28
CA VAL B 215 -30.25 24.99 44.92
C VAL B 215 -31.15 24.93 46.14
N GLU B 216 -31.52 26.10 46.65
CA GLU B 216 -32.36 26.23 47.85
C GLU B 216 -33.50 27.24 47.65
N PRO B 217 -34.68 27.00 48.27
CA PRO B 217 -35.73 28.04 48.32
C PRO B 217 -35.36 29.23 49.21
N ILE C 2 -39.69 15.37 -8.39
CA ILE C 2 -38.98 16.30 -7.44
C ILE C 2 -39.40 15.98 -6.00
N VAL C 3 -40.58 16.47 -5.59
CA VAL C 3 -40.93 16.58 -4.17
C VAL C 3 -41.52 15.28 -3.62
N LEU C 4 -40.96 14.81 -2.51
CA LEU C 4 -41.50 13.67 -1.76
C LEU C 4 -42.09 14.14 -0.45
N THR C 5 -43.20 13.50 -0.06
CA THR C 5 -43.84 13.72 1.25
C THR C 5 -44.18 12.36 1.85
N GLN C 6 -43.68 12.14 3.06
CA GLN C 6 -43.87 10.88 3.78
C GLN C 6 -45.09 10.96 4.69
N SER C 7 -45.68 9.80 4.94
CA SER C 7 -46.83 9.68 5.85
C SER C 7 -46.55 8.62 6.92
N PRO C 8 -46.96 8.84 8.18
CA PRO C 8 -47.57 10.11 8.65
C PRO C 8 -46.51 11.18 8.98
N GLY C 9 -46.92 12.22 9.71
CA GLY C 9 -45.96 13.16 10.30
C GLY C 9 -45.06 12.44 11.29
N THR C 10 -45.69 11.74 12.24
CA THR C 10 -45.01 10.81 13.16
C THR C 10 -45.91 9.57 13.40
N LEU C 11 -45.31 8.38 13.43
CA LEU C 11 -46.05 7.11 13.54
C LEU C 11 -45.81 6.39 14.87
N SER C 12 -46.86 6.32 15.70
CA SER C 12 -46.76 5.76 17.06
C SER C 12 -47.20 4.30 17.13
N LEU C 13 -46.32 3.42 17.63
CA LEU C 13 -46.62 1.99 17.78
C LEU C 13 -45.82 1.35 18.92
N SER C 14 -46.22 0.12 19.28
CA SER C 14 -45.53 -0.68 20.30
C SER C 14 -44.65 -1.76 19.66
N PRO C 15 -43.70 -2.34 20.43
CA PRO C 15 -42.95 -3.51 19.95
C PRO C 15 -43.80 -4.75 19.68
N GLY C 16 -43.27 -5.68 18.88
CA GLY C 16 -43.94 -6.93 18.54
C GLY C 16 -44.89 -6.88 17.34
N GLU C 17 -45.50 -5.72 17.09
CA GLU C 17 -46.49 -5.57 16.01
C GLU C 17 -45.85 -5.07 14.70
N ARG C 18 -46.68 -4.73 13.71
CA ARG C 18 -46.23 -4.33 12.37
C ARG C 18 -46.24 -2.81 12.17
N ALA C 19 -45.19 -2.29 11.52
CA ALA C 19 -45.09 -0.88 11.12
C ALA C 19 -45.18 -0.71 9.60
N THR C 20 -46.05 0.21 9.18
CA THR C 20 -46.28 0.52 7.75
C THR C 20 -45.94 1.99 7.49
N LEU C 21 -44.70 2.22 7.07
CA LEU C 21 -44.25 3.55 6.61
C LEU C 21 -44.50 3.72 5.12
N SER C 22 -44.80 4.96 4.71
CA SER C 22 -45.11 5.25 3.31
C SER C 22 -44.58 6.60 2.86
N CYS C 23 -44.11 6.63 1.62
CA CYS C 23 -43.60 7.83 0.98
C CYS C 23 -44.30 8.02 -0.35
N ARG C 24 -44.82 9.22 -0.59
CA ARG C 24 -45.52 9.56 -1.82
C ARG C 24 -44.83 10.73 -2.51
N ALA C 25 -44.81 10.69 -3.85
CA ALA C 25 -44.04 11.63 -4.67
C ALA C 25 -44.93 12.46 -5.60
N SER C 26 -44.38 13.58 -6.10
CA SER C 26 -45.11 14.50 -6.99
C SER C 26 -45.13 13.98 -8.43
N GLN C 27 -43.95 13.63 -8.95
CA GLN C 27 -43.78 13.07 -10.30
C GLN C 27 -43.38 11.60 -10.24
N SER C 28 -43.57 10.90 -11.36
CA SER C 28 -43.20 9.48 -11.46
C SER C 28 -41.73 9.25 -11.13
N VAL C 29 -41.47 8.30 -10.24
CA VAL C 29 -40.11 7.90 -9.91
C VAL C 29 -39.65 6.91 -10.99
N THR C 30 -38.90 7.45 -11.96
CA THR C 30 -38.58 6.72 -13.19
C THR C 30 -37.95 5.38 -12.87
N SER C 31 -38.47 4.34 -13.55
CA SER C 31 -38.05 2.95 -13.35
C SER C 31 -38.10 2.49 -11.88
N THR C 32 -38.92 3.16 -11.08
CA THR C 32 -39.12 2.86 -9.65
C THR C 32 -37.82 2.78 -8.82
N TYR C 33 -36.98 3.81 -8.95
CA TYR C 33 -35.74 3.93 -8.15
C TYR C 33 -35.96 4.82 -6.92
N LEU C 34 -36.45 4.18 -5.86
CA LEU C 34 -36.58 4.79 -4.53
C LEU C 34 -35.85 3.94 -3.49
N ALA C 35 -35.26 4.63 -2.50
CA ALA C 35 -34.54 4.00 -1.40
C ALA C 35 -34.99 4.50 -0.03
N TRP C 36 -34.83 3.64 0.98
CA TRP C 36 -35.24 3.92 2.37
C TRP C 36 -34.04 3.90 3.32
N HIS C 37 -33.86 5.01 4.05
CA HIS C 37 -32.78 5.15 5.06
C HIS C 37 -33.32 5.26 6.49
N GLN C 38 -32.71 4.50 7.41
CA GLN C 38 -32.97 4.63 8.87
C GLN C 38 -31.95 5.59 9.49
N GLN C 39 -32.42 6.44 10.42
CA GLN C 39 -31.51 7.27 11.22
C GLN C 39 -31.91 7.36 12.69
N LYS C 40 -31.13 6.71 13.55
CA LYS C 40 -31.26 6.82 15.01
C LYS C 40 -30.63 8.14 15.48
N PRO C 41 -30.99 8.62 16.69
CA PRO C 41 -30.57 9.98 17.08
C PRO C 41 -29.08 10.10 17.38
N GLY C 42 -28.51 11.26 17.06
CA GLY C 42 -27.07 11.51 17.18
C GLY C 42 -26.22 10.47 16.45
N GLN C 43 -26.64 10.11 15.24
CA GLN C 43 -26.01 9.02 14.49
C GLN C 43 -26.06 9.22 12.99
N ALA C 44 -25.26 8.39 12.31
CA ALA C 44 -25.21 8.37 10.86
C ALA C 44 -26.41 7.61 10.32
N PRO C 45 -26.96 8.04 9.15
CA PRO C 45 -28.01 7.26 8.52
C PRO C 45 -27.54 5.89 8.03
N ARG C 46 -28.52 5.04 7.72
CA ARG C 46 -28.29 3.64 7.42
C ARG C 46 -29.22 3.23 6.29
N LEU C 47 -28.66 2.75 5.19
CA LEU C 47 -29.45 2.29 4.05
C LEU C 47 -30.11 0.97 4.41
N LEU C 48 -31.45 0.97 4.41
CA LEU C 48 -32.23 -0.24 4.60
C LEU C 48 -32.44 -0.93 3.26
N ILE C 49 -33.08 -0.24 2.33
CA ILE C 49 -33.55 -0.83 1.06
C ILE C 49 -33.48 0.16 -0.12
N TYR C 50 -33.25 -0.37 -1.34
CA TYR C 50 -33.10 0.43 -2.59
C TYR C 50 -33.91 -0.08 -3.80
N SER C 53 -37.42 -1.97 -3.26
CA SER C 53 -37.63 -3.27 -2.59
C SER C 53 -36.42 -4.23 -2.55
N SER C 54 -35.20 -3.70 -2.73
CA SER C 54 -33.98 -4.52 -2.70
C SER C 54 -33.33 -4.41 -1.33
N ARG C 55 -33.03 -5.57 -0.73
CA ARG C 55 -32.39 -5.65 0.58
C ARG C 55 -30.93 -5.24 0.50
N ALA C 56 -30.49 -4.41 1.45
CA ALA C 56 -29.06 -4.16 1.65
C ALA C 56 -28.50 -5.25 2.56
N THR C 57 -27.26 -5.68 2.27
CA THR C 57 -26.63 -6.73 3.09
C THR C 57 -26.32 -6.18 4.47
N GLY C 58 -26.62 -6.97 5.50
CA GLY C 58 -26.60 -6.52 6.89
C GLY C 58 -27.99 -6.23 7.47
N ILE C 59 -28.95 -5.91 6.61
CA ILE C 59 -30.30 -5.54 7.04
C ILE C 59 -31.14 -6.80 7.20
N PRO C 60 -31.87 -6.93 8.33
CA PRO C 60 -32.55 -8.18 8.64
C PRO C 60 -33.86 -8.41 7.89
N ASP C 61 -34.35 -9.67 7.98
CA ASP C 61 -35.58 -10.13 7.32
C ASP C 61 -36.87 -9.40 7.71
N ARG C 62 -36.87 -8.73 8.87
CA ARG C 62 -37.98 -7.87 9.33
C ARG C 62 -38.46 -6.86 8.30
N PHE C 63 -37.51 -6.12 7.72
CA PHE C 63 -37.80 -5.02 6.81
C PHE C 63 -38.21 -5.51 5.44
N SER C 64 -38.96 -4.68 4.72
CA SER C 64 -39.32 -4.95 3.31
C SER C 64 -39.98 -3.71 2.70
N GLY C 65 -39.53 -3.34 1.50
CA GLY C 65 -40.08 -2.19 0.79
C GLY C 65 -40.91 -2.64 -0.39
N SER C 66 -41.74 -1.73 -0.89
CA SER C 66 -42.52 -1.99 -2.11
C SER C 66 -43.11 -0.69 -2.66
N GLY C 67 -43.65 -0.79 -3.87
CA GLY C 67 -44.34 0.32 -4.52
C GLY C 67 -43.89 0.55 -5.95
N SER C 68 -44.42 1.63 -6.52
CA SER C 68 -44.15 2.04 -7.90
C SER C 68 -44.70 3.45 -8.12
N GLY C 69 -44.41 4.03 -9.27
CA GLY C 69 -44.97 5.32 -9.65
C GLY C 69 -44.68 6.45 -8.67
N THR C 70 -45.69 6.81 -7.90
CA THR C 70 -45.60 7.89 -6.90
C THR C 70 -46.06 7.44 -5.51
N ASP C 71 -46.27 6.14 -5.31
CA ASP C 71 -46.68 5.59 -4.02
C ASP C 71 -45.79 4.41 -3.66
N PHE C 72 -44.98 4.61 -2.61
CA PHE C 72 -44.09 3.58 -2.09
C PHE C 72 -44.33 3.34 -0.61
N THR C 73 -44.03 2.13 -0.16
CA THR C 73 -44.28 1.72 1.23
C THR C 73 -43.15 0.83 1.79
N LEU C 74 -42.60 1.28 2.93
CA LEU C 74 -41.70 0.46 3.74
C LEU C 74 -42.53 -0.27 4.80
N THR C 75 -42.35 -1.59 4.88
CA THR C 75 -43.08 -2.43 5.81
C THR C 75 -42.10 -3.14 6.74
N ILE C 76 -42.32 -2.98 8.04
CA ILE C 76 -41.59 -3.73 9.06
C ILE C 76 -42.56 -4.69 9.73
N SER C 77 -42.47 -5.97 9.38
CA SER C 77 -43.24 -7.02 10.06
C SER C 77 -42.49 -7.39 11.32
N ARG C 78 -43.21 -7.47 12.45
CA ARG C 78 -42.65 -7.88 13.74
C ARG C 78 -41.59 -6.90 14.28
N LEU C 79 -42.07 -5.75 14.76
CA LEU C 79 -41.21 -4.69 15.33
C LEU C 79 -40.23 -5.13 16.44
N GLU C 80 -39.31 -4.24 16.76
CA GLU C 80 -38.36 -4.42 17.87
C GLU C 80 -38.04 -3.06 18.50
N PRO C 81 -37.32 -3.05 19.66
CA PRO C 81 -37.00 -1.77 20.31
C PRO C 81 -35.98 -0.90 19.56
N GLU C 82 -34.96 -1.54 18.98
CA GLU C 82 -33.95 -0.84 18.16
C GLU C 82 -34.54 -0.17 16.89
N ASP C 83 -35.63 -0.75 16.34
CA ASP C 83 -36.30 -0.24 15.14
C ASP C 83 -36.98 1.14 15.28
N PHE C 84 -37.16 1.62 16.50
CA PHE C 84 -37.78 2.92 16.74
C PHE C 84 -36.82 4.07 16.47
N ALA C 85 -36.99 4.70 15.30
CA ALA C 85 -36.06 5.71 14.81
C ALA C 85 -36.76 6.70 13.88
N VAL C 86 -36.01 7.65 13.33
CA VAL C 86 -36.47 8.52 12.26
C VAL C 86 -36.16 7.85 10.91
N TYR C 87 -37.12 7.86 10.00
CA TYR C 87 -37.01 7.20 8.68
C TYR C 87 -37.15 8.17 7.51
N TYR C 88 -36.33 7.95 6.48
CA TYR C 88 -36.27 8.82 5.30
C TYR C 88 -36.36 8.01 4.00
N CYS C 89 -37.07 8.58 3.03
CA CYS C 89 -37.24 8.01 1.69
C CYS C 89 -36.50 8.91 0.70
N GLN C 90 -35.68 8.30 -0.16
CA GLN C 90 -34.87 9.04 -1.14
C GLN C 90 -35.15 8.55 -2.56
N GLN C 91 -35.26 9.50 -3.49
CA GLN C 91 -35.57 9.21 -4.88
C GLN C 91 -34.32 9.41 -5.71
N TYR C 92 -33.92 8.37 -6.44
CA TYR C 92 -32.69 8.38 -7.24
C TYR C 92 -32.91 7.89 -8.68
N GLY C 93 -31.81 7.81 -9.44
CA GLY C 93 -31.82 7.27 -10.79
C GLY C 93 -31.90 8.36 -11.84
N PRO C 97 -32.47 15.57 -8.95
CA PRO C 97 -32.37 14.23 -8.39
C PRO C 97 -31.80 14.18 -6.96
N TYR C 98 -31.90 12.98 -6.37
CA TYR C 98 -31.42 12.65 -5.02
C TYR C 98 -32.14 13.37 -3.87
N THR C 99 -33.34 13.85 -4.16
CA THR C 99 -34.14 14.57 -3.18
C THR C 99 -34.60 13.60 -2.08
N PHE C 100 -34.66 14.13 -0.86
CA PHE C 100 -35.01 13.35 0.33
C PHE C 100 -36.43 13.69 0.80
N GLY C 101 -37.11 12.68 1.35
CA GLY C 101 -38.36 12.89 2.07
C GLY C 101 -38.13 13.73 3.32
N GLN C 102 -39.15 14.45 3.77
CA GLN C 102 -39.01 15.35 4.93
C GLN C 102 -38.84 14.60 6.27
N GLY C 103 -39.09 13.28 6.27
CA GLY C 103 -38.78 12.41 7.41
C GLY C 103 -40.01 11.97 8.16
N THR C 104 -39.99 10.73 8.68
CA THR C 104 -41.05 10.22 9.56
C THR C 104 -40.49 9.68 10.89
N LYS C 105 -40.89 10.31 12.00
CA LYS C 105 -40.43 9.92 13.34
C LYS C 105 -41.28 8.78 13.92
N VAL C 106 -40.65 7.62 14.17
CA VAL C 106 -41.34 6.46 14.77
C VAL C 106 -41.09 6.45 16.30
N ASP C 107 -42.02 7.03 17.05
CA ASP C 107 -41.97 7.03 18.53
C ASP C 107 -42.71 5.79 19.11
N ILE C 108 -42.85 5.74 20.43
CA ILE C 108 -43.47 4.61 21.13
C ILE C 108 -44.88 4.97 21.65
N LYS C 109 -45.81 4.03 21.47
CA LYS C 109 -47.22 4.20 21.84
C LYS C 109 -47.38 4.04 23.36
N ARG C 110 -47.58 5.16 24.06
CA ARG C 110 -47.86 5.14 25.51
C ARG C 110 -49.24 5.70 25.79
N THR C 111 -49.84 5.26 26.90
CA THR C 111 -51.17 5.72 27.34
C THR C 111 -51.16 7.23 27.54
N VAL C 112 -52.31 7.86 27.30
CA VAL C 112 -52.39 9.34 27.26
C VAL C 112 -52.06 9.88 28.67
N ALA C 113 -50.86 10.42 28.80
CA ALA C 113 -50.40 11.06 30.04
C ALA C 113 -50.72 12.55 30.03
N ALA C 114 -50.38 13.26 31.11
CA ALA C 114 -50.62 14.70 31.24
C ALA C 114 -49.46 15.41 31.96
N PRO C 115 -49.22 16.70 31.65
CA PRO C 115 -48.07 17.40 32.19
C PRO C 115 -48.20 17.81 33.65
N SER C 116 -47.20 17.45 34.46
CA SER C 116 -47.02 18.05 35.78
C SER C 116 -46.33 19.39 35.58
N VAL C 117 -47.11 20.47 35.69
CA VAL C 117 -46.63 21.82 35.38
C VAL C 117 -46.04 22.52 36.61
N PHE C 118 -44.95 23.25 36.41
CA PHE C 118 -44.25 23.99 37.46
C PHE C 118 -43.71 25.30 36.91
N ILE C 119 -44.10 26.42 37.49
CA ILE C 119 -43.53 27.73 37.15
C ILE C 119 -42.29 27.98 38.02
N PHE C 120 -41.34 28.77 37.49
CA PHE C 120 -40.15 29.20 38.23
C PHE C 120 -39.82 30.67 37.98
N PRO C 121 -39.76 31.49 39.03
CA PRO C 121 -39.40 32.90 38.86
C PRO C 121 -37.91 33.09 38.58
N PRO C 122 -37.49 34.34 38.28
CA PRO C 122 -36.07 34.60 38.11
C PRO C 122 -35.31 34.73 39.43
N SER C 123 -34.02 34.40 39.40
CA SER C 123 -33.14 34.55 40.55
C SER C 123 -32.71 36.01 40.72
N ASP C 124 -32.40 36.37 41.95
CA ASP C 124 -31.87 37.71 42.29
C ASP C 124 -30.46 37.94 41.76
N GLU C 125 -29.67 36.87 41.68
CA GLU C 125 -28.30 36.91 41.14
C GLU C 125 -28.29 37.29 39.65
N GLN C 126 -29.29 36.80 38.90
CA GLN C 126 -29.48 37.19 37.49
C GLN C 126 -29.96 38.62 37.37
N LEU C 127 -30.97 39.00 38.17
CA LEU C 127 -31.51 40.37 38.16
C LEU C 127 -30.45 41.47 38.38
N LYS C 128 -29.38 41.14 39.12
CA LYS C 128 -28.18 41.98 39.25
C LYS C 128 -27.61 42.40 37.89
N SER C 129 -27.49 41.41 37.00
CA SER C 129 -26.98 41.57 35.62
C SER C 129 -27.75 42.57 34.76
N GLY C 130 -29.07 42.57 34.92
CA GLY C 130 -29.96 43.45 34.12
C GLY C 130 -31.02 42.72 33.31
N THR C 131 -30.99 41.39 33.29
CA THR C 131 -32.00 40.59 32.58
C THR C 131 -32.65 39.61 33.55
N ALA C 132 -33.83 39.13 33.19
CA ALA C 132 -34.59 38.20 34.02
C ALA C 132 -35.24 37.09 33.19
N SER C 133 -35.07 35.85 33.63
CA SER C 133 -35.58 34.67 32.92
C SER C 133 -36.67 33.95 33.72
N VAL C 134 -37.83 33.77 33.10
CA VAL C 134 -38.98 33.11 33.73
C VAL C 134 -39.22 31.78 33.04
N VAL C 135 -38.93 30.70 33.76
CA VAL C 135 -39.02 29.32 33.24
C VAL C 135 -40.37 28.69 33.60
N CYS C 136 -40.86 27.87 32.69
CA CYS C 136 -42.08 27.11 32.88
C CYS C 136 -41.74 25.68 32.47
N LEU C 137 -41.89 24.73 33.39
CA LEU C 137 -41.63 23.32 33.08
C LEU C 137 -42.93 22.56 32.96
N LEU C 138 -43.03 21.73 31.92
CA LEU C 138 -44.07 20.73 31.76
C LEU C 138 -43.39 19.35 31.72
N ASN C 139 -43.82 18.41 32.55
CA ASN C 139 -43.10 17.15 32.78
C ASN C 139 -43.89 15.87 32.46
N ASN C 140 -43.27 15.00 31.64
CA ASN C 140 -43.67 13.59 31.44
C ASN C 140 -45.11 13.45 31.01
N PHE C 141 -45.34 13.80 29.75
CA PHE C 141 -46.66 13.75 29.13
C PHE C 141 -46.58 13.07 27.79
N TYR C 142 -47.75 12.71 27.27
CA TYR C 142 -47.89 12.09 25.96
C TYR C 142 -49.29 12.42 25.41
N PRO C 143 -49.40 12.82 24.15
CA PRO C 143 -48.33 12.92 23.17
C PRO C 143 -47.46 14.19 23.28
N ARG C 144 -46.42 14.25 22.45
CA ARG C 144 -45.46 15.40 22.41
C ARG C 144 -46.13 16.75 22.20
N GLU C 145 -47.24 16.77 21.45
CA GLU C 145 -47.88 18.00 21.04
C GLU C 145 -48.49 18.69 22.27
N ALA C 146 -47.80 19.71 22.75
CA ALA C 146 -48.23 20.51 23.90
C ALA C 146 -48.15 21.96 23.49
N LYS C 147 -48.88 22.81 24.21
CA LYS C 147 -48.81 24.24 23.96
C LYS C 147 -48.76 25.03 25.26
N VAL C 148 -47.96 26.09 25.24
CA VAL C 148 -47.69 26.91 26.39
C VAL C 148 -47.87 28.37 26.01
N GLN C 149 -48.59 29.10 26.86
CA GLN C 149 -48.92 30.49 26.61
C GLN C 149 -48.56 31.33 27.82
N TRP C 150 -47.69 32.33 27.63
CA TRP C 150 -47.26 33.21 28.72
C TRP C 150 -48.20 34.42 28.85
N LYS C 151 -48.54 34.78 30.09
CA LYS C 151 -49.39 35.95 30.38
C LYS C 151 -48.77 36.81 31.48
N VAL C 152 -48.60 38.11 31.19
CA VAL C 152 -48.03 39.10 32.11
C VAL C 152 -49.07 40.19 32.36
N ASP C 153 -49.70 40.14 33.55
CA ASP C 153 -50.90 40.93 33.88
C ASP C 153 -52.10 40.55 32.96
N ASN C 154 -52.21 39.25 32.67
CA ASN C 154 -53.18 38.68 31.69
C ASN C 154 -53.05 39.18 30.24
N ALA C 155 -51.97 39.89 29.92
CA ALA C 155 -51.66 40.31 28.55
C ALA C 155 -50.97 39.15 27.88
N LEU C 156 -51.62 38.58 26.87
CA LEU C 156 -51.16 37.35 26.22
C LEU C 156 -49.87 37.60 25.43
N GLN C 157 -48.80 36.85 25.75
CA GLN C 157 -47.45 37.08 25.19
C GLN C 157 -47.15 36.15 24.00
N SER C 158 -46.32 36.65 23.08
CA SER C 158 -45.76 35.83 21.98
C SER C 158 -44.52 36.52 21.40
N GLY C 159 -43.59 35.72 20.90
CA GLY C 159 -42.35 36.23 20.29
C GLY C 159 -41.19 36.52 21.24
N ASN C 160 -41.47 36.51 22.54
CA ASN C 160 -40.43 36.64 23.58
C ASN C 160 -40.17 35.28 24.29
N SER C 161 -40.96 34.27 23.92
CA SER C 161 -40.80 32.88 24.38
C SER C 161 -39.79 32.11 23.51
N GLN C 162 -39.01 31.24 24.15
CA GLN C 162 -38.24 30.19 23.46
C GLN C 162 -38.48 28.87 24.18
N GLU C 163 -38.31 27.74 23.48
CA GLU C 163 -38.64 26.41 24.04
C GLU C 163 -37.63 25.32 23.69
N SER C 164 -37.60 24.28 24.52
CA SER C 164 -36.88 23.03 24.24
C SER C 164 -37.83 21.87 24.46
N VAL C 165 -37.46 20.70 23.97
CA VAL C 165 -38.19 19.46 24.26
C VAL C 165 -37.17 18.32 24.38
N THR C 166 -37.37 17.47 25.38
CA THR C 166 -36.52 16.28 25.55
C THR C 166 -36.91 15.23 24.54
N GLU C 167 -35.95 14.39 24.18
CA GLU C 167 -36.24 13.19 23.40
C GLU C 167 -37.14 12.26 24.21
N GLN C 168 -37.84 11.37 23.51
CA GLN C 168 -38.76 10.43 24.16
C GLN C 168 -38.00 9.59 25.18
N ASP C 169 -38.34 9.79 26.45
CA ASP C 169 -37.62 9.16 27.57
C ASP C 169 -37.78 7.65 27.50
N SER C 170 -36.66 6.93 27.60
CA SER C 170 -36.58 5.51 27.25
C SER C 170 -37.21 4.55 28.26
N LYS C 171 -37.45 5.03 29.48
CA LYS C 171 -37.94 4.19 30.57
C LYS C 171 -39.48 4.29 30.77
N ASP C 172 -40.05 5.49 30.63
CA ASP C 172 -41.50 5.72 30.78
C ASP C 172 -42.25 6.25 29.54
N SER C 173 -41.53 6.39 28.41
CA SER C 173 -42.13 6.79 27.11
C SER C 173 -42.90 8.11 27.15
N THR C 174 -42.25 9.17 27.65
CA THR C 174 -42.87 10.50 27.76
C THR C 174 -41.92 11.61 27.37
N TYR C 175 -42.49 12.77 27.04
CA TYR C 175 -41.74 13.97 26.68
C TYR C 175 -41.92 15.04 27.77
N SER C 176 -40.84 15.74 28.09
CA SER C 176 -40.87 16.91 28.96
C SER C 176 -40.55 18.14 28.12
N LEU C 177 -40.82 19.33 28.66
CA LEU C 177 -40.73 20.59 27.90
C LEU C 177 -40.36 21.79 28.77
N SER C 178 -39.26 22.45 28.40
CA SER C 178 -38.87 23.74 28.98
C SER C 178 -39.48 24.87 28.17
N SER C 179 -39.66 26.02 28.81
CA SER C 179 -40.13 27.22 28.13
C SER C 179 -39.55 28.46 28.81
N THR C 180 -38.58 29.10 28.16
CA THR C 180 -37.81 30.19 28.75
C THR C 180 -38.32 31.56 28.30
N LEU C 181 -39.21 32.18 29.09
CA LEU C 181 -39.63 33.57 28.85
C LEU C 181 -38.52 34.50 29.30
N THR C 182 -38.21 35.52 28.50
CA THR C 182 -37.06 36.41 28.76
C THR C 182 -37.46 37.87 28.65
N LEU C 183 -37.11 38.64 29.67
CA LEU C 183 -37.31 40.08 29.68
C LEU C 183 -36.15 40.79 30.40
N SER C 184 -36.05 42.09 30.15
CA SER C 184 -35.11 42.96 30.83
C SER C 184 -35.67 43.28 32.22
N LYS C 185 -34.79 43.70 33.13
CA LYS C 185 -35.17 43.97 34.54
C LYS C 185 -36.11 45.17 34.69
N ALA C 186 -35.90 46.20 33.87
CA ALA C 186 -36.79 47.38 33.80
C ALA C 186 -38.20 46.97 33.36
N ASP C 187 -38.27 46.20 32.26
CA ASP C 187 -39.54 45.66 31.74
C ASP C 187 -40.18 44.65 32.71
N TYR C 188 -39.35 43.83 33.35
CA TYR C 188 -39.82 42.84 34.32
C TYR C 188 -40.42 43.50 35.57
N GLU C 189 -39.76 44.55 36.06
CA GLU C 189 -40.22 45.29 37.26
C GLU C 189 -41.25 46.39 36.95
N LYS C 190 -42.21 46.08 36.07
CA LYS C 190 -43.37 46.94 35.82
C LYS C 190 -44.68 46.12 35.69
N HIS C 191 -44.67 44.91 36.25
CA HIS C 191 -45.81 43.98 36.18
C HIS C 191 -45.89 43.14 37.45
N LYS C 192 -47.03 42.48 37.66
CA LYS C 192 -47.30 41.72 38.88
C LYS C 192 -47.46 40.22 38.62
N VAL C 193 -48.53 39.85 37.90
CA VAL C 193 -48.95 38.43 37.81
C VAL C 193 -48.39 37.70 36.57
N TYR C 194 -47.26 37.01 36.78
CA TYR C 194 -46.63 36.19 35.73
C TYR C 194 -47.15 34.75 35.80
N ALA C 195 -47.51 34.20 34.64
CA ALA C 195 -48.19 32.91 34.55
C ALA C 195 -47.89 32.20 33.24
N CYS C 196 -48.03 30.87 33.27
CA CYS C 196 -47.88 30.06 32.08
C CYS C 196 -49.13 29.18 31.93
N GLU C 197 -49.89 29.42 30.87
CA GLU C 197 -51.07 28.62 30.53
C GLU C 197 -50.64 27.41 29.70
N VAL C 198 -50.96 26.21 30.17
CA VAL C 198 -50.58 24.95 29.52
C VAL C 198 -51.80 24.17 29.04
N THR C 199 -52.01 24.15 27.73
CA THR C 199 -53.02 23.30 27.11
C THR C 199 -52.38 21.98 26.68
N HIS C 200 -53.11 20.89 26.83
CA HIS C 200 -52.65 19.56 26.43
C HIS C 200 -53.88 18.65 26.28
N GLN C 201 -53.76 17.64 25.41
CA GLN C 201 -54.88 16.75 25.04
C GLN C 201 -55.32 15.85 26.21
N GLY C 202 -54.35 15.22 26.86
CA GLY C 202 -54.52 14.50 28.13
C GLY C 202 -55.25 15.26 29.23
N LEU C 203 -55.01 16.57 29.32
CA LEU C 203 -55.74 17.45 30.21
C LEU C 203 -57.15 17.68 29.65
N SER C 204 -58.16 17.35 30.45
CA SER C 204 -59.56 17.55 30.08
C SER C 204 -59.95 19.03 29.93
N SER C 205 -59.21 19.92 30.60
CA SER C 205 -59.32 21.37 30.42
C SER C 205 -57.96 22.05 30.65
N PRO C 206 -57.77 23.27 30.09
CA PRO C 206 -56.49 23.99 30.25
C PRO C 206 -56.07 24.24 31.71
N VAL C 207 -54.78 24.04 31.98
CA VAL C 207 -54.19 24.30 33.30
C VAL C 207 -53.41 25.61 33.25
N THR C 208 -53.46 26.36 34.35
CA THR C 208 -52.63 27.54 34.55
C THR C 208 -51.71 27.29 35.74
N LYS C 209 -50.53 27.91 35.70
CA LYS C 209 -49.60 27.97 36.83
C LYS C 209 -49.06 29.39 36.83
N SER C 210 -48.78 29.92 38.02
CA SER C 210 -48.41 31.33 38.13
C SER C 210 -47.79 31.74 39.47
N PHE C 211 -47.26 32.96 39.46
CA PHE C 211 -46.79 33.62 40.68
C PHE C 211 -46.92 35.14 40.55
N ASN C 212 -46.87 35.81 41.70
CA ASN C 212 -46.87 37.28 41.78
C ASN C 212 -45.44 37.73 42.13
N ARG C 213 -44.93 38.75 41.43
CA ARG C 213 -43.54 39.20 41.59
C ARG C 213 -43.17 39.52 43.04
N GLY C 214 -42.04 38.97 43.50
CA GLY C 214 -41.56 39.20 44.86
C GLY C 214 -42.39 38.48 45.90
N GLU C 215 -42.63 37.18 45.67
CA GLU C 215 -43.45 36.35 46.54
C GLU C 215 -43.08 34.88 46.39
N PRO D 2 21.30 24.98 -22.05
CA PRO D 2 22.09 23.78 -21.80
C PRO D 2 22.14 23.39 -20.32
N GLN D 3 22.91 22.34 -20.02
CA GLN D 3 23.12 21.91 -18.63
C GLN D 3 23.98 22.91 -17.88
N GLN D 4 23.64 23.14 -16.62
CA GLN D 4 24.43 24.00 -15.72
C GLN D 4 25.00 23.12 -14.64
N LEU D 5 26.30 22.91 -14.70
CA LEU D 5 26.99 22.05 -13.75
C LEU D 5 27.04 22.67 -12.36
N SER D 6 27.02 21.82 -11.34
CA SER D 6 27.08 22.25 -9.93
C SER D 6 28.30 21.64 -9.22
N PRO D 7 28.83 22.24 -8.16
CA PRO D 7 28.36 23.51 -7.60
C PRO D 7 28.93 24.70 -8.36
N ILE D 8 28.52 25.88 -7.93
CA ILE D 8 28.97 27.14 -8.48
C ILE D 8 29.32 28.10 -7.36
N ASN D 9 29.98 29.18 -7.76
CA ASN D 9 30.16 30.34 -6.93
C ASN D 9 28.94 31.25 -7.09
N ILE D 10 28.43 31.78 -5.98
CA ILE D 10 27.31 32.72 -6.01
C ILE D 10 27.79 34.17 -5.88
N GLU D 11 27.79 34.91 -7.00
CA GLU D 11 28.03 36.36 -6.99
C GLU D 11 26.80 37.07 -6.45
N THR D 12 26.81 37.40 -5.16
CA THR D 12 25.69 38.07 -4.50
C THR D 12 25.27 39.36 -5.21
N LYS D 13 26.26 40.07 -5.73
CA LYS D 13 26.07 41.32 -6.43
C LYS D 13 25.35 41.14 -7.80
N LYS D 14 25.63 40.02 -8.48
CA LYS D 14 24.96 39.67 -9.77
C LYS D 14 23.63 38.91 -9.62
N ALA D 15 23.27 38.53 -8.39
CA ALA D 15 21.99 37.85 -8.15
C ALA D 15 20.82 38.82 -8.39
N ILE D 16 19.81 38.35 -9.12
CA ILE D 16 18.63 39.18 -9.45
C ILE D 16 17.47 38.89 -8.49
N SER D 17 16.80 39.97 -8.06
CA SER D 17 15.72 39.89 -7.07
C SER D 17 14.37 39.84 -7.76
N ASN D 18 13.61 38.78 -7.50
CA ASN D 18 12.34 38.52 -8.17
C ASN D 18 11.16 38.56 -7.19
N ALA D 19 10.13 39.33 -7.52
CA ALA D 19 8.92 39.47 -6.69
C ALA D 19 8.01 38.24 -6.66
N ARG D 20 8.13 37.38 -7.68
CA ARG D 20 7.37 36.11 -7.76
C ARG D 20 7.82 35.06 -6.72
N LEU D 21 8.97 35.27 -6.08
CA LEU D 21 9.37 34.49 -4.91
C LEU D 21 8.49 34.89 -3.72
N LYS D 22 7.72 33.92 -3.23
CA LYS D 22 6.97 34.05 -1.97
C LYS D 22 7.94 33.59 -0.85
N PRO D 23 7.47 33.47 0.41
CA PRO D 23 8.42 32.96 1.40
C PRO D 23 8.47 31.44 1.36
N LEU D 24 9.68 30.89 1.51
CA LEU D 24 9.85 29.44 1.52
C LEU D 24 9.27 28.84 2.80
N ASP D 25 8.71 27.65 2.65
CA ASP D 25 7.87 27.02 3.67
C ASP D 25 8.39 25.60 3.92
N ILE D 26 8.96 25.37 5.10
CA ILE D 26 9.67 24.13 5.43
C ILE D 26 8.95 23.36 6.51
N HIS D 27 8.52 22.14 6.19
CA HIS D 27 7.80 21.26 7.13
C HIS D 27 8.58 19.97 7.39
N TYR D 28 9.69 20.08 8.12
CA TYR D 28 10.41 18.90 8.62
C TYR D 28 9.94 18.43 10.00
N ASN D 29 8.92 19.08 10.58
CA ASN D 29 8.33 18.65 11.88
C ASN D 29 7.92 17.17 11.98
N GLU D 30 7.51 16.57 10.85
CA GLU D 30 7.08 15.16 10.80
C GLU D 30 8.15 14.19 10.28
N SER D 31 9.36 14.68 9.99
CA SER D 31 10.38 13.87 9.33
C SER D 31 11.35 13.23 10.32
N LYS D 32 11.25 11.91 10.44
CA LYS D 32 12.14 11.12 11.30
C LYS D 32 13.16 10.39 10.42
N PRO D 33 14.45 10.38 10.83
CA PRO D 33 15.46 9.69 10.03
C PRO D 33 15.40 8.18 10.17
N THR D 34 15.73 7.47 9.10
CA THR D 34 15.65 6.02 9.06
C THR D 34 17.03 5.42 9.25
N THR D 35 17.79 5.32 8.17
CA THR D 35 19.16 4.81 8.24
C THR D 35 20.17 5.88 7.85
N ILE D 36 21.36 5.72 8.39
CA ILE D 36 22.50 6.54 8.05
C ILE D 36 23.50 5.66 7.29
N GLN D 37 24.14 6.24 6.29
CA GLN D 37 24.97 5.48 5.37
C GLN D 37 26.27 6.19 5.05
N ASN D 38 27.36 5.42 5.01
CA ASN D 38 28.62 5.85 4.43
C ASN D 38 28.63 5.24 3.05
N THR D 39 28.62 6.09 2.03
CA THR D 39 28.51 5.64 0.63
C THR D 39 29.86 5.31 0.01
N GLY D 40 30.94 5.44 0.79
CA GLY D 40 32.29 5.43 0.25
C GLY D 40 32.80 6.83 -0.11
N LYS D 41 31.88 7.74 -0.43
CA LYS D 41 32.22 9.11 -0.81
C LYS D 41 31.69 10.16 0.19
N LEU D 42 30.60 9.85 0.89
CA LEU D 42 30.00 10.80 1.83
C LEU D 42 29.06 10.15 2.84
N VAL D 43 28.66 10.94 3.83
CA VAL D 43 27.64 10.53 4.79
C VAL D 43 26.27 10.88 4.22
N ARG D 44 25.37 9.89 4.21
CA ARG D 44 23.99 10.08 3.78
C ARG D 44 23.05 9.72 4.91
N ILE D 45 22.07 10.58 5.18
CA ILE D 45 21.02 10.28 6.16
C ILE D 45 19.67 10.25 5.45
N ASN D 46 19.05 9.06 5.45
CA ASN D 46 17.77 8.84 4.80
C ASN D 46 16.61 9.22 5.71
N PHE D 47 15.61 9.87 5.12
CA PHE D 47 14.43 10.33 5.87
C PHE D 47 13.13 9.77 5.32
N LYS D 48 12.23 9.50 6.27
CA LYS D 48 10.85 9.16 6.02
C LYS D 48 10.06 10.35 6.51
N GLY D 49 9.27 10.93 5.62
CA GLY D 49 8.44 12.10 5.95
C GLY D 49 9.17 13.41 5.74
N GLY D 50 8.41 14.49 5.79
CA GLY D 50 8.94 15.84 5.60
C GLY D 50 8.77 16.31 4.18
N TYR D 51 8.54 17.61 4.03
CA TYR D 51 8.41 18.24 2.72
C TYR D 51 8.70 19.75 2.77
N ILE D 52 8.82 20.34 1.59
CA ILE D 52 8.96 21.80 1.45
C ILE D 52 7.93 22.30 0.44
N SER D 53 7.51 23.54 0.61
CA SER D 53 6.50 24.17 -0.25
C SER D 53 6.70 25.68 -0.33
N GLY D 54 5.81 26.35 -1.06
CA GLY D 54 5.86 27.80 -1.17
C GLY D 54 7.04 28.29 -2.00
N GLY D 55 7.32 29.59 -1.88
CA GLY D 55 8.38 30.21 -2.67
C GLY D 55 8.07 30.14 -4.15
N PHE D 56 9.05 29.69 -4.94
CA PHE D 56 8.89 29.54 -6.39
C PHE D 56 8.40 28.14 -6.79
N LEU D 57 8.07 27.30 -5.80
CA LEU D 57 7.78 25.89 -6.04
C LEU D 57 6.38 25.68 -6.65
N PRO D 58 6.28 24.88 -7.74
CA PRO D 58 4.96 24.57 -8.30
C PRO D 58 4.03 23.89 -7.32
N ASN D 59 4.59 23.08 -6.44
CA ASN D 59 3.82 22.34 -5.46
C ASN D 59 4.73 21.83 -4.34
N GLU D 60 4.22 20.96 -3.49
CA GLU D 60 5.02 20.33 -2.44
C GLU D 60 6.06 19.42 -3.05
N TYR D 61 7.30 19.49 -2.54
CA TYR D 61 8.35 18.51 -2.83
C TYR D 61 8.69 17.79 -1.53
N VAL D 62 8.67 16.46 -1.55
CA VAL D 62 8.93 15.66 -0.34
C VAL D 62 10.41 15.39 -0.08
N LEU D 63 10.76 15.32 1.20
CA LEU D 63 12.14 15.08 1.64
C LEU D 63 12.52 13.61 1.44
N SER D 64 13.59 13.39 0.70
CA SER D 64 14.10 12.04 0.42
C SER D 64 15.20 11.71 1.40
N SER D 65 16.25 12.52 1.39
CA SER D 65 17.48 12.24 2.12
C SER D 65 18.37 13.48 2.24
N LEU D 66 19.47 13.32 2.96
CA LEU D 66 20.42 14.36 3.32
C LEU D 66 21.83 13.89 2.97
N HIS D 67 22.67 14.78 2.44
CA HIS D 67 24.10 14.48 2.24
C HIS D 67 24.95 15.43 3.06
N ILE D 68 26.14 14.97 3.45
CA ILE D 68 27.10 15.78 4.20
C ILE D 68 28.44 15.84 3.46
N TYR D 69 28.96 17.05 3.33
CA TYR D 69 30.24 17.27 2.68
C TYR D 69 31.18 18.08 3.57
N TRP D 70 32.47 17.85 3.37
CA TRP D 70 33.51 18.53 4.14
C TRP D 70 34.80 18.56 3.34
N GLY D 71 35.80 19.25 3.90
CA GLY D 71 37.12 19.37 3.30
C GLY D 71 38.23 18.80 4.16
N LYS D 72 39.44 18.84 3.60
CA LYS D 72 40.66 18.37 4.27
C LYS D 72 40.91 19.20 5.52
N GLU D 73 40.74 20.52 5.39
CA GLU D 73 40.91 21.47 6.48
C GLU D 73 39.58 22.09 6.87
N ASP D 74 39.40 22.39 8.15
CA ASP D 74 38.18 23.00 8.68
C ASP D 74 37.75 24.28 7.98
N ASP D 75 38.70 25.07 7.48
CA ASP D 75 38.38 26.42 6.98
C ASP D 75 37.78 26.45 5.57
N TYR D 76 37.86 25.34 4.84
CA TYR D 76 37.54 25.31 3.41
C TYR D 76 37.08 23.90 3.02
N GLY D 77 35.77 23.67 3.11
CA GLY D 77 35.17 22.36 2.80
C GLY D 77 33.74 22.26 2.29
N SER D 78 33.06 23.38 2.03
CA SER D 78 31.73 23.36 1.40
C SER D 78 31.84 23.18 -0.12
N ASN D 79 30.70 22.97 -0.77
CA ASN D 79 30.63 22.80 -2.24
C ASN D 79 30.45 24.15 -2.90
N HIS D 80 29.35 24.79 -2.56
CA HIS D 80 29.01 26.09 -3.08
C HIS D 80 29.84 27.13 -2.37
N LEU D 81 29.99 28.28 -3.01
CA LEU D 81 30.73 29.41 -2.46
C LEU D 81 29.90 30.68 -2.56
N ILE D 82 30.04 31.55 -1.57
CA ILE D 82 29.40 32.88 -1.58
C ILE D 82 30.48 33.95 -1.72
N ASP D 83 30.51 34.60 -2.89
CA ASP D 83 31.57 35.55 -3.27
C ASP D 83 32.99 35.01 -3.03
N VAL D 84 33.18 33.75 -3.36
CA VAL D 84 34.47 33.03 -3.32
C VAL D 84 34.81 32.60 -1.89
N TYR D 85 34.02 33.03 -0.91
CA TYR D 85 34.13 32.51 0.45
C TYR D 85 33.54 31.12 0.51
N LYS D 86 34.18 30.24 1.28
CA LYS D 86 33.74 28.84 1.44
C LYS D 86 33.61 28.58 2.92
N TYR D 87 32.56 27.85 3.29
CA TYR D 87 32.33 27.45 4.68
C TYR D 87 33.05 26.12 4.95
N SER D 88 32.98 25.65 6.20
CA SER D 88 33.70 24.43 6.60
C SER D 88 33.17 23.16 5.94
N GLY D 89 31.87 23.15 5.69
CA GLY D 89 31.20 22.03 5.06
C GLY D 89 29.82 22.42 4.59
N GLU D 90 29.08 21.43 4.09
CA GLU D 90 27.78 21.68 3.49
C GLU D 90 26.89 20.47 3.71
N ILE D 91 25.68 20.75 4.20
CA ILE D 91 24.59 19.78 4.20
C ILE D 91 23.73 20.02 2.94
N ASN D 92 23.42 18.95 2.22
CA ASN D 92 22.50 19.01 1.09
C ASN D 92 21.24 18.18 1.41
N LEU D 93 20.12 18.86 1.65
CA LEU D 93 18.83 18.18 1.86
C LEU D 93 18.14 17.98 0.52
N VAL D 94 17.90 16.72 0.14
CA VAL D 94 17.37 16.36 -1.18
C VAL D 94 15.86 16.16 -1.11
N HIS D 95 15.14 16.85 -1.99
CA HIS D 95 13.69 16.68 -2.16
C HIS D 95 13.35 16.34 -3.59
N TRP D 96 12.19 15.71 -3.78
CA TRP D 96 11.70 15.41 -5.13
C TRP D 96 10.21 15.64 -5.27
N ASN D 97 9.78 15.69 -6.53
CA ASN D 97 8.42 16.07 -6.90
C ASN D 97 7.49 14.87 -6.91
N LYS D 98 6.94 14.57 -5.75
CA LYS D 98 6.07 13.38 -5.61
C LYS D 98 4.68 13.63 -6.15
N LYS D 99 4.18 14.85 -5.97
CA LYS D 99 2.90 15.26 -6.56
C LYS D 99 2.84 14.84 -8.02
N LYS D 100 3.90 15.16 -8.77
CA LYS D 100 3.95 14.85 -10.20
C LYS D 100 4.35 13.41 -10.49
N TYR D 101 5.56 13.03 -10.11
CA TYR D 101 6.16 11.79 -10.61
C TYR D 101 5.93 10.55 -9.75
N SER D 102 6.13 9.41 -10.39
CA SER D 102 5.91 8.10 -9.79
C SER D 102 6.94 7.72 -8.75
N SER D 103 8.13 8.32 -8.85
CA SER D 103 9.24 7.94 -8.01
C SER D 103 10.35 8.97 -8.06
N TYR D 104 11.22 8.91 -7.06
CA TYR D 104 12.49 9.64 -7.04
C TYR D 104 13.30 9.25 -8.28
N GLU D 105 13.42 7.94 -8.52
CA GLU D 105 14.12 7.41 -9.69
C GLU D 105 13.70 8.12 -10.97
N GLU D 106 12.38 8.32 -11.13
CA GLU D 106 11.84 9.08 -12.27
C GLU D 106 12.10 10.57 -12.13
N ALA D 107 11.85 11.13 -10.95
CA ALA D 107 12.03 12.56 -10.71
C ALA D 107 13.39 13.08 -11.19
N LYS D 108 14.45 12.30 -10.99
CA LYS D 108 15.81 12.60 -11.47
C LYS D 108 15.88 12.89 -12.96
N LYS D 109 14.98 12.27 -13.73
CA LYS D 109 14.96 12.38 -15.20
C LYS D 109 14.41 13.70 -15.75
N HIS D 110 14.00 14.63 -14.88
CA HIS D 110 13.34 15.87 -15.33
C HIS D 110 13.77 17.08 -14.52
N ASP D 111 13.98 18.21 -15.20
CA ASP D 111 14.46 19.45 -14.57
C ASP D 111 13.54 20.10 -13.52
N ASP D 112 12.28 19.66 -13.44
CA ASP D 112 11.38 20.04 -12.33
C ASP D 112 11.26 18.96 -11.23
N GLY D 113 12.14 17.97 -11.28
CA GLY D 113 12.04 16.79 -10.45
C GLY D 113 12.64 16.93 -9.07
N LEU D 114 13.84 17.51 -8.99
CA LEU D 114 14.62 17.60 -7.75
C LEU D 114 14.82 19.02 -7.25
N ILE D 115 14.71 19.18 -5.93
CA ILE D 115 15.06 20.42 -5.27
C ILE D 115 15.96 20.11 -4.08
N ILE D 116 17.18 20.64 -4.10
CA ILE D 116 18.19 20.38 -3.07
C ILE D 116 18.46 21.65 -2.25
N ILE D 117 18.11 21.60 -0.97
CA ILE D 117 18.39 22.70 -0.06
C ILE D 117 19.81 22.54 0.45
N SER D 118 20.55 23.64 0.47
CA SER D 118 21.94 23.67 0.90
C SER D 118 22.07 24.46 2.19
N ILE D 119 22.54 23.79 3.24
CA ILE D 119 22.78 24.41 4.56
C ILE D 119 24.28 24.36 4.86
N PHE D 120 24.88 25.54 5.09
CA PHE D 120 26.32 25.65 5.33
C PHE D 120 26.75 25.35 6.77
N LEU D 121 27.85 24.62 6.88
CA LEU D 121 28.47 24.27 8.16
C LEU D 121 29.69 25.13 8.38
N GLN D 122 29.69 25.88 9.49
CA GLN D 122 30.81 26.74 9.87
C GLN D 122 31.39 26.35 11.23
N VAL D 123 32.67 25.98 11.24
CA VAL D 123 33.37 25.60 12.47
C VAL D 123 33.74 26.83 13.31
N LEU D 124 33.07 26.98 14.44
CA LEU D 124 33.44 27.95 15.49
C LEU D 124 33.85 27.19 16.75
N ASP D 125 33.99 27.90 17.88
CA ASP D 125 34.25 27.27 19.17
C ASP D 125 32.93 27.07 19.93
N HIS D 126 32.10 26.19 19.38
CA HIS D 126 30.76 25.92 19.91
C HIS D 126 30.32 24.52 19.48
N LYS D 127 30.18 23.62 20.45
CA LYS D 127 29.63 22.28 20.20
C LYS D 127 28.15 22.39 19.89
N ASN D 128 27.76 22.02 18.67
CA ASN D 128 26.36 22.02 18.23
C ASN D 128 25.68 20.76 18.76
N VAL D 129 24.78 20.96 19.72
CA VAL D 129 24.10 19.86 20.40
C VAL D 129 23.25 18.97 19.45
N TYR D 130 22.63 19.61 18.45
CA TYR D 130 21.75 18.93 17.50
C TYR D 130 22.56 18.17 16.45
N PHE D 131 23.54 18.84 15.86
CA PHE D 131 24.48 18.22 14.92
C PHE D 131 25.26 17.05 15.55
N GLN D 132 25.48 17.10 16.86
CA GLN D 132 26.14 16.01 17.60
C GLN D 132 25.45 14.66 17.43
N LYS D 133 24.12 14.69 17.30
CA LYS D 133 23.32 13.47 17.10
C LYS D 133 23.79 12.68 15.88
N ILE D 134 24.12 13.39 14.80
CA ILE D 134 24.66 12.79 13.59
C ILE D 134 26.06 12.25 13.86
N VAL D 135 26.87 13.06 14.56
CA VAL D 135 28.27 12.70 14.90
C VAL D 135 28.33 11.39 15.68
N ASN D 136 27.41 11.26 16.65
CA ASN D 136 27.26 10.04 17.45
C ASN D 136 27.08 8.75 16.64
N GLN D 137 26.50 8.86 15.45
CA GLN D 137 26.29 7.72 14.56
C GLN D 137 27.54 7.22 13.84
N LEU D 138 28.54 8.07 13.67
CA LEU D 138 29.62 7.82 12.69
C LEU D 138 30.46 6.55 12.92
N ASP D 139 30.54 6.09 14.17
CA ASP D 139 31.18 4.80 14.47
C ASP D 139 30.48 3.64 13.76
N SER D 140 29.15 3.67 13.76
CA SER D 140 28.33 2.62 13.14
CA SER D 140 28.32 2.63 13.14
C SER D 140 28.58 2.47 11.64
N ILE D 141 28.89 3.59 10.98
CA ILE D 141 29.13 3.62 9.52
C ILE D 141 30.58 3.93 9.13
N ARG D 142 31.56 3.57 9.97
CA ARG D 142 32.97 3.81 9.63
C ARG D 142 33.41 3.04 8.38
N SER D 143 32.87 1.84 8.18
CA SER D 143 33.16 1.07 6.97
C SER D 143 32.42 1.65 5.76
N ALA D 144 32.97 1.39 4.57
CA ALA D 144 32.35 1.89 3.33
C ALA D 144 31.13 1.04 2.96
N ASN D 145 30.26 1.63 2.14
CA ASN D 145 29.03 0.99 1.67
C ASN D 145 28.31 0.29 2.83
N THR D 146 28.06 1.08 3.88
CA THR D 146 27.60 0.57 5.15
C THR D 146 26.43 1.42 5.65
N SER D 147 25.33 0.74 5.94
CA SER D 147 24.09 1.36 6.37
C SER D 147 23.84 0.92 7.78
N ALA D 148 23.17 1.74 8.57
CA ALA D 148 22.88 1.37 9.95
C ALA D 148 21.73 2.20 10.51
N PRO D 149 20.92 1.63 11.43
CA PRO D 149 19.77 2.39 11.91
C PRO D 149 20.19 3.61 12.71
N PHE D 150 19.64 4.77 12.34
CA PHE D 150 19.92 6.00 13.07
C PHE D 150 19.41 5.81 14.49
N ASP D 151 20.33 5.69 15.44
CA ASP D 151 20.08 5.13 16.77
C ASP D 151 19.85 6.19 17.88
N SER D 152 19.03 7.18 17.58
CA SER D 152 18.71 8.23 18.54
C SER D 152 17.53 9.05 18.10
N VAL D 153 17.07 9.93 18.99
CA VAL D 153 16.06 10.95 18.65
C VAL D 153 16.78 12.10 17.94
N PHE D 154 16.17 12.59 16.86
CA PHE D 154 16.75 13.68 16.07
C PHE D 154 15.66 14.37 15.27
N TYR D 155 15.52 15.68 15.48
CA TYR D 155 14.62 16.50 14.67
C TYR D 155 15.45 17.30 13.68
N LEU D 156 15.27 17.00 12.39
CA LEU D 156 15.98 17.69 11.31
C LEU D 156 15.73 19.21 11.33
N ASP D 157 14.56 19.61 11.82
CA ASP D 157 14.21 21.02 11.98
C ASP D 157 15.27 21.84 12.72
N ASN D 158 15.96 21.21 13.66
CA ASN D 158 16.99 21.86 14.48
C ASN D 158 18.31 22.20 13.77
N LEU D 159 18.55 21.62 12.58
CA LEU D 159 19.71 22.00 11.75
C LEU D 159 19.43 23.17 10.80
N LEU D 160 18.23 23.76 10.86
CA LEU D 160 17.92 24.89 9.99
C LEU D 160 18.65 26.14 10.47
N PRO D 161 19.14 26.96 9.52
CA PRO D 161 19.67 28.25 9.88
C PRO D 161 18.67 29.18 10.56
N SER D 162 19.23 30.12 11.30
CA SER D 162 18.49 31.15 12.00
C SER D 162 17.86 32.16 11.01
N LYS D 163 18.45 32.27 9.82
CA LYS D 163 17.98 33.19 8.77
C LYS D 163 17.86 32.45 7.43
N LEU D 164 16.61 32.35 6.94
CA LEU D 164 16.29 31.50 5.80
C LEU D 164 16.03 32.29 4.51
N ASP D 165 16.69 33.43 4.36
CA ASP D 165 16.81 34.05 3.04
C ASP D 165 17.66 33.13 2.18
N TYR D 166 17.43 33.11 0.87
CA TYR D 166 18.07 32.13 0.00
C TYR D 166 18.39 32.58 -1.41
N PHE D 167 19.45 32.02 -1.96
CA PHE D 167 19.71 32.07 -3.38
C PHE D 167 19.12 30.82 -4.01
N THR D 168 18.83 30.90 -5.31
CA THR D 168 18.33 29.75 -6.06
C THR D 168 18.74 29.79 -7.52
N TYR D 169 19.07 28.62 -8.05
CA TYR D 169 19.49 28.50 -9.44
C TYR D 169 19.28 27.09 -9.96
N LEU D 170 19.10 26.99 -11.28
CA LEU D 170 18.94 25.70 -11.96
C LEU D 170 20.29 25.09 -12.25
N GLY D 171 20.67 24.13 -11.42
CA GLY D 171 21.94 23.44 -11.55
C GLY D 171 21.77 21.97 -11.81
N THR D 172 22.70 21.19 -11.27
CA THR D 172 22.63 19.74 -11.31
C THR D 172 22.83 19.21 -9.90
N THR D 173 22.64 17.90 -9.75
CA THR D 173 23.12 17.22 -8.56
C THR D 173 24.63 17.32 -8.54
N ILE D 174 25.24 17.11 -7.37
CA ILE D 174 26.68 17.29 -7.22
C ILE D 174 27.47 16.29 -8.06
N ASN D 175 26.97 15.06 -8.20
CA ASN D 175 27.61 14.06 -9.08
C ASN D 175 27.22 14.15 -10.58
N HIS D 176 26.50 15.22 -10.96
CA HIS D 176 26.03 15.44 -12.34
C HIS D 176 25.05 14.42 -12.94
N SER D 177 24.50 13.55 -12.09
CA SER D 177 23.59 12.49 -12.56
C SER D 177 22.28 13.06 -13.10
N ALA D 178 21.84 14.16 -12.53
CA ALA D 178 20.54 14.74 -12.81
C ALA D 178 20.59 16.24 -12.73
N ASP D 179 19.71 16.89 -13.48
CA ASP D 179 19.41 18.31 -13.26
C ASP D 179 18.78 18.43 -11.87
N ALA D 180 18.96 19.59 -11.26
CA ALA D 180 18.38 19.87 -9.95
C ALA D 180 18.35 21.36 -9.69
N VAL D 181 17.35 21.80 -8.95
CA VAL D 181 17.23 23.20 -8.58
C VAL D 181 17.74 23.34 -7.15
N TRP D 182 18.60 24.32 -6.96
CA TRP D 182 19.24 24.55 -5.68
C TRP D 182 18.56 25.68 -4.91
N ILE D 183 18.41 25.46 -3.61
CA ILE D 183 18.00 26.49 -2.68
C ILE D 183 19.14 26.55 -1.67
N ILE D 184 19.85 27.68 -1.64
CA ILE D 184 21.07 27.84 -0.85
C ILE D 184 20.90 28.94 0.19
N PHE D 185 20.83 28.54 1.47
CA PHE D 185 20.83 29.48 2.59
C PHE D 185 22.27 29.90 2.92
N PRO D 186 22.60 31.21 2.75
CA PRO D 186 23.96 31.69 2.99
C PRO D 186 24.32 31.83 4.47
N THR D 187 23.31 32.03 5.33
CA THR D 187 23.50 31.97 6.79
C THR D 187 23.75 30.53 7.21
N PRO D 188 24.94 30.25 7.77
CA PRO D 188 25.28 28.87 8.14
C PRO D 188 24.82 28.53 9.55
N ILE D 189 24.83 27.23 9.85
CA ILE D 189 24.76 26.77 11.23
C ILE D 189 26.18 26.49 11.72
N ASN D 190 26.40 26.65 13.02
CA ASN D 190 27.75 26.58 13.60
C ASN D 190 28.03 25.26 14.32
N ILE D 191 29.23 24.73 14.11
CA ILE D 191 29.68 23.49 14.75
C ILE D 191 31.08 23.63 15.33
N HIS D 192 31.52 22.59 16.04
CA HIS D 192 32.87 22.51 16.60
C HIS D 192 33.78 21.66 15.73
N SER D 193 35.07 21.98 15.76
CA SER D 193 36.07 21.29 14.96
C SER D 193 36.16 19.79 15.26
N ASP D 194 35.94 19.44 16.52
CA ASP D 194 35.97 18.04 16.98
C ASP D 194 34.84 17.21 16.36
N GLN D 195 33.71 17.87 16.11
CA GLN D 195 32.57 17.22 15.46
C GLN D 195 32.86 16.88 14.00
N LEU D 196 33.44 17.82 13.27
CA LEU D 196 33.79 17.61 11.86
C LEU D 196 34.93 16.61 11.67
N SER D 197 35.77 16.45 12.69
CA SER D 197 36.94 15.57 12.61
C SER D 197 36.61 14.07 12.57
N LYS D 198 35.52 13.68 13.23
CA LYS D 198 35.03 12.29 13.20
C LYS D 198 34.74 11.80 11.78
N PHE D 199 34.19 12.71 10.95
CA PHE D 199 33.88 12.40 9.54
C PHE D 199 35.10 11.98 8.73
N ARG D 200 36.27 12.55 9.03
CA ARG D 200 37.51 12.28 8.28
C ARG D 200 38.14 10.90 8.61
N THR D 201 37.64 10.27 9.68
CA THR D 201 38.01 8.88 10.04
C THR D 201 37.20 7.79 9.30
N LEU D 202 36.17 8.19 8.56
CA LEU D 202 35.38 7.26 7.76
C LEU D 202 36.21 6.72 6.60
N LEU D 203 36.00 5.44 6.26
CA LEU D 203 36.73 4.78 5.19
C LEU D 203 36.09 5.05 3.83
N SER D 204 36.91 5.01 2.78
CA SER D 204 36.47 5.24 1.42
C SER D 204 36.51 3.95 0.62
N LEU D 205 36.11 4.03 -0.65
CA LEU D 205 35.90 2.86 -1.52
C LEU D 205 37.17 2.00 -1.71
N HIS D 213 42.85 4.18 2.30
CA HIS D 213 42.44 5.58 2.12
C HIS D 213 41.21 5.93 2.97
N TYR D 214 41.13 7.20 3.37
CA TYR D 214 40.06 7.73 4.22
C TYR D 214 39.36 8.87 3.50
N ILE D 215 38.11 9.15 3.88
CA ILE D 215 37.37 10.27 3.31
C ILE D 215 37.77 11.53 4.08
N THR D 216 38.94 12.07 3.74
CA THR D 216 39.47 13.29 4.38
C THR D 216 38.80 14.54 3.84
N GLU D 217 38.49 14.51 2.54
CA GLU D 217 37.66 15.52 1.88
C GLU D 217 36.82 14.88 0.79
N ASN D 218 35.63 15.45 0.57
CA ASN D 218 34.71 14.94 -0.44
C ASN D 218 33.94 16.01 -1.23
N TYR D 219 34.28 17.30 -1.08
CA TYR D 219 33.58 18.36 -1.82
C TYR D 219 33.98 18.36 -3.31
N ARG D 220 33.09 18.89 -4.13
CA ARG D 220 33.29 19.02 -5.58
C ARG D 220 33.69 20.44 -5.90
N ASN D 221 34.72 20.59 -6.71
CA ASN D 221 35.24 21.92 -7.05
C ASN D 221 34.32 22.61 -8.05
N PRO D 222 34.16 23.94 -7.91
CA PRO D 222 33.09 24.68 -8.60
C PRO D 222 33.21 24.77 -10.11
N TYR D 223 32.11 25.18 -10.73
CA TYR D 223 32.01 25.35 -12.18
C TYR D 223 31.59 26.76 -12.60
N LYS D 224 31.87 27.07 -13.86
CA LYS D 224 31.52 28.35 -14.46
C LYS D 224 30.02 28.50 -14.51
N LEU D 225 29.52 29.62 -14.01
CA LEU D 225 28.12 29.97 -14.18
C LEU D 225 27.90 30.24 -15.67
N ASN D 226 26.95 29.52 -16.26
CA ASN D 226 26.68 29.66 -17.69
C ASN D 226 26.04 31.01 -18.02
N ASP D 227 26.25 31.45 -19.26
CA ASP D 227 25.85 32.79 -19.72
C ASP D 227 24.34 33.04 -19.54
N ASP D 228 23.54 32.05 -19.92
CA ASP D 228 22.07 32.07 -19.76
C ASP D 228 21.56 31.78 -18.32
N THR D 229 22.39 31.15 -17.48
CA THR D 229 22.00 30.82 -16.09
C THR D 229 21.90 32.07 -15.22
N GLU D 230 20.73 32.24 -14.61
CA GLU D 230 20.48 33.31 -13.66
C GLU D 230 20.37 32.73 -12.26
N VAL D 231 20.88 33.48 -11.28
CA VAL D 231 20.80 33.12 -9.86
C VAL D 231 19.87 34.14 -9.22
N TYR D 232 18.79 33.65 -8.62
CA TYR D 232 17.79 34.52 -8.03
C TYR D 232 18.03 34.59 -6.53
N TYR D 233 17.61 35.70 -5.92
CA TYR D 233 17.76 35.93 -4.49
C TYR D 233 16.46 36.46 -3.88
N SER D 234 16.00 35.81 -2.81
CA SER D 234 14.82 36.26 -2.08
C SER D 234 15.29 36.99 -0.83
N GLY D 235 14.63 38.09 -0.49
CA GLY D 235 14.90 38.80 0.75
C GLY D 235 14.05 38.24 1.88
N HIS D 236 14.19 36.93 2.12
CA HIS D 236 13.34 36.15 3.04
C HIS D 236 11.90 36.08 2.55
N GLU E 1 9.77 -11.15 8.82
CA GLU E 1 10.00 -9.70 8.56
C GLU E 1 10.54 -9.52 7.14
N VAL E 2 11.84 -9.69 6.96
CA VAL E 2 12.51 -9.44 5.68
C VAL E 2 12.43 -10.69 4.83
N GLN E 3 11.99 -10.55 3.59
CA GLN E 3 11.98 -11.66 2.64
C GLN E 3 12.56 -11.24 1.30
N LEU E 4 13.45 -12.06 0.76
CA LEU E 4 13.96 -11.90 -0.61
C LEU E 4 13.58 -13.10 -1.45
N VAL E 5 12.76 -12.83 -2.47
CA VAL E 5 12.18 -13.83 -3.36
C VAL E 5 12.84 -13.69 -4.73
N GLN E 6 13.72 -14.62 -5.07
CA GLN E 6 14.40 -14.56 -6.35
C GLN E 6 13.65 -15.30 -7.45
N SER E 7 13.92 -14.93 -8.69
CA SER E 7 13.33 -15.60 -9.84
C SER E 7 13.72 -17.08 -9.91
N GLY E 8 12.95 -17.82 -10.70
CA GLY E 8 13.14 -19.25 -10.83
C GLY E 8 14.38 -19.61 -11.63
N ALA E 9 14.84 -20.85 -11.45
CA ALA E 9 16.00 -21.39 -12.15
C ALA E 9 15.84 -21.27 -13.66
N GLU E 10 16.95 -21.05 -14.36
CA GLU E 10 16.93 -20.88 -15.82
C GLU E 10 17.96 -21.74 -16.52
N VAL E 11 17.66 -22.08 -17.77
CA VAL E 11 18.56 -22.82 -18.66
C VAL E 11 18.73 -22.01 -19.93
N LYS E 12 19.98 -21.71 -20.29
CA LYS E 12 20.30 -20.79 -21.39
C LYS E 12 21.37 -21.34 -22.31
N LYS E 13 21.21 -21.04 -23.60
CA LYS E 13 22.18 -21.42 -24.61
C LYS E 13 23.35 -20.46 -24.54
N ASP E 14 24.45 -20.81 -25.21
CA ASP E 14 25.66 -19.99 -25.15
C ASP E 14 25.54 -18.71 -25.95
N LEU E 15 26.13 -17.64 -25.41
CA LEU E 15 26.09 -16.30 -26.00
C LEU E 15 24.76 -15.61 -25.77
N ALA E 16 23.97 -16.12 -24.82
CA ALA E 16 22.66 -15.56 -24.52
C ALA E 16 22.79 -14.69 -23.29
N SER E 17 21.83 -13.81 -23.10
CA SER E 17 21.77 -12.99 -21.88
C SER E 17 20.56 -13.40 -21.03
N VAL E 18 20.82 -13.78 -19.78
CA VAL E 18 19.78 -14.03 -18.79
C VAL E 18 19.63 -12.77 -17.93
N LYS E 19 18.43 -12.56 -17.39
CA LYS E 19 18.19 -11.48 -16.42
C LYS E 19 17.46 -12.05 -15.20
N VAL E 20 18.25 -12.41 -14.19
CA VAL E 20 17.74 -12.88 -12.90
C VAL E 20 17.17 -11.70 -12.10
N SER E 21 16.07 -11.95 -11.40
CA SER E 21 15.40 -10.93 -10.58
C SER E 21 15.42 -11.30 -9.10
N CYS E 22 15.16 -10.27 -8.30
CA CYS E 22 15.05 -10.38 -6.86
C CYS E 22 13.85 -9.52 -6.47
N LYS E 23 12.89 -10.11 -5.77
CA LYS E 23 11.72 -9.38 -5.30
C LYS E 23 11.84 -9.20 -3.79
N VAL E 24 11.77 -7.95 -3.38
CA VAL E 24 12.13 -7.55 -2.02
C VAL E 24 10.88 -7.17 -1.25
N SER E 25 10.86 -7.49 0.04
CA SER E 25 9.76 -7.10 0.93
C SER E 25 10.18 -7.04 2.39
N GLY E 26 9.41 -6.31 3.18
CA GLY E 26 9.59 -6.25 4.63
C GLY E 26 10.64 -5.29 5.16
N TYR E 27 11.15 -4.41 4.29
CA TYR E 27 12.05 -3.32 4.68
C TYR E 27 12.06 -2.26 3.59
N THR E 28 12.60 -1.07 3.90
CA THR E 28 12.70 -0.01 2.88
C THR E 28 13.87 -0.30 1.94
N PHE E 29 13.55 -0.64 0.70
CA PHE E 29 14.50 -1.07 -0.33
C PHE E 29 15.72 -0.16 -0.46
N THR E 30 15.45 1.15 -0.47
CA THR E 30 16.45 2.19 -0.72
C THR E 30 17.32 2.57 0.50
N ASP E 31 16.84 2.30 1.71
CA ASP E 31 17.59 2.55 2.95
C ASP E 31 18.84 1.66 3.19
N TYR E 32 18.98 0.59 2.42
CA TYR E 32 20.12 -0.32 2.52
C TYR E 32 20.66 -0.68 1.14
N TYR E 33 21.93 -1.09 1.11
CA TYR E 33 22.57 -1.58 -0.11
C TYR E 33 22.02 -2.96 -0.45
N MET E 34 22.37 -3.43 -1.64
CA MET E 34 21.92 -4.73 -2.16
C MET E 34 23.11 -5.35 -2.89
N HIS E 35 23.48 -6.56 -2.45
CA HIS E 35 24.62 -7.29 -3.01
C HIS E 35 24.20 -8.44 -3.91
N TRP E 36 25.14 -8.86 -4.77
CA TRP E 36 24.98 -10.05 -5.59
C TRP E 36 26.23 -10.92 -5.49
N VAL E 37 26.03 -12.24 -5.45
CA VAL E 37 27.10 -13.20 -5.16
C VAL E 37 26.97 -14.40 -6.10
N GLN E 38 28.10 -14.98 -6.48
CA GLN E 38 28.15 -16.19 -7.32
C GLN E 38 28.54 -17.40 -6.48
N GLN E 39 28.04 -18.57 -6.88
CA GLN E 39 28.44 -19.85 -6.30
C GLN E 39 28.32 -20.95 -7.36
N ALA E 40 29.45 -21.28 -7.98
CA ALA E 40 29.52 -22.39 -8.94
C ALA E 40 29.33 -23.71 -8.20
N PRO E 41 28.81 -24.75 -8.89
CA PRO E 41 28.44 -25.98 -8.17
C PRO E 41 29.68 -26.64 -7.58
N GLY E 42 29.71 -26.76 -6.25
CA GLY E 42 30.82 -27.38 -5.53
C GLY E 42 31.84 -26.40 -5.00
N LYS E 43 32.21 -25.40 -5.83
CA LYS E 43 33.11 -24.32 -5.39
C LYS E 43 32.42 -23.38 -4.41
N GLY E 44 33.21 -22.49 -3.81
CA GLY E 44 32.71 -21.57 -2.79
C GLY E 44 32.10 -20.28 -3.32
N LEU E 45 31.92 -19.33 -2.42
CA LEU E 45 31.28 -18.04 -2.71
C LEU E 45 32.24 -17.05 -3.34
N GLU E 46 31.71 -16.18 -4.20
CA GLU E 46 32.49 -15.13 -4.86
C GLU E 46 31.63 -13.90 -5.09
N TRP E 47 32.02 -12.77 -4.50
CA TRP E 47 31.28 -11.51 -4.59
C TRP E 47 31.33 -10.93 -6.00
N MET E 48 30.14 -10.65 -6.54
CA MET E 48 29.97 -10.17 -7.90
C MET E 48 29.87 -8.66 -8.03
N GLY E 49 29.27 -8.01 -7.05
CA GLY E 49 28.93 -6.60 -7.14
C GLY E 49 27.90 -6.13 -6.15
N LEU E 50 27.57 -4.84 -6.20
CA LEU E 50 26.52 -4.26 -5.37
C LEU E 50 25.82 -3.11 -6.07
N VAL E 51 24.72 -2.66 -5.47
CA VAL E 51 23.98 -1.50 -5.95
C VAL E 51 23.36 -0.73 -4.77
N ASP E 52 23.44 0.59 -4.85
CA ASP E 52 22.63 1.48 -4.03
C ASP E 52 21.28 1.62 -4.73
N PRO E 53 20.21 1.05 -4.15
CA PRO E 53 18.95 1.15 -4.86
C PRO E 53 18.36 2.54 -4.92
N GLN E 54 18.73 3.42 -3.99
CA GLN E 54 18.20 4.79 -3.94
C GLN E 54 18.52 5.59 -5.21
N GLU E 55 19.78 5.53 -5.65
CA GLU E 55 20.26 6.25 -6.84
C GLU E 55 20.64 5.32 -8.00
N GLY E 56 20.56 4.00 -7.79
CA GLY E 56 20.93 3.03 -8.82
C GLY E 56 22.40 3.04 -9.20
N GLU E 57 23.24 3.47 -8.28
CA GLU E 57 24.69 3.54 -8.49
C GLU E 57 25.29 2.18 -8.13
N THR E 58 26.12 1.65 -9.02
CA THR E 58 26.70 0.32 -8.84
C THR E 58 28.23 0.35 -8.81
N THR E 59 28.81 -0.63 -8.12
CA THR E 59 30.22 -0.98 -8.31
C THR E 59 30.31 -2.50 -8.42
N TYR E 60 30.90 -2.99 -9.51
CA TYR E 60 31.14 -4.43 -9.73
C TYR E 60 32.57 -4.83 -9.41
N ALA E 61 32.78 -6.11 -9.09
CA ALA E 61 34.13 -6.69 -9.01
C ALA E 61 34.74 -6.69 -10.40
N GLU E 62 36.05 -6.39 -10.49
CA GLU E 62 36.73 -6.24 -11.80
C GLU E 62 36.72 -7.53 -12.63
N LYS E 63 36.70 -8.66 -11.92
CA LYS E 63 36.57 -10.00 -12.52
C LYS E 63 35.29 -10.15 -13.36
N PHE E 64 34.16 -9.65 -12.85
CA PHE E 64 32.86 -9.70 -13.54
C PHE E 64 32.54 -8.48 -14.40
N GLN E 65 33.35 -7.41 -14.27
CA GLN E 65 33.16 -6.14 -15.00
C GLN E 65 32.85 -6.34 -16.48
N GLY E 66 31.99 -5.49 -17.05
CA GLY E 66 31.66 -5.55 -18.48
C GLY E 66 30.61 -6.57 -18.85
N ARG E 67 30.73 -7.79 -18.32
CA ARG E 67 29.80 -8.89 -18.55
C ARG E 67 28.73 -9.05 -17.45
N VAL E 68 28.36 -7.96 -16.78
CA VAL E 68 27.32 -7.97 -15.74
C VAL E 68 26.67 -6.59 -15.59
N THR E 69 25.37 -6.57 -15.30
CA THR E 69 24.63 -5.32 -15.07
C THR E 69 23.60 -5.49 -13.95
N ILE E 70 23.89 -4.89 -12.79
CA ILE E 70 22.96 -4.86 -11.66
C ILE E 70 22.09 -3.59 -11.76
N THR E 71 20.79 -3.76 -11.48
CA THR E 71 19.82 -2.66 -11.52
C THR E 71 18.86 -2.75 -10.33
N ALA E 72 18.12 -1.66 -10.10
CA ALA E 72 17.17 -1.60 -9.00
C ALA E 72 15.92 -0.81 -9.38
N ASP E 73 14.77 -1.48 -9.32
CA ASP E 73 13.49 -0.86 -9.66
C ASP E 73 12.74 -0.45 -8.39
N THR E 74 12.86 0.82 -8.03
CA THR E 74 12.23 1.36 -6.81
C THR E 74 10.70 1.31 -6.82
N SER E 75 10.09 1.22 -8.01
CA SER E 75 8.64 1.10 -8.15
C SER E 75 8.12 -0.27 -7.73
N THR E 76 8.75 -1.34 -8.22
CA THR E 76 8.36 -2.72 -7.92
C THR E 76 9.16 -3.40 -6.80
N ASP E 77 10.02 -2.65 -6.09
CA ASP E 77 10.92 -3.20 -5.06
C ASP E 77 11.66 -4.45 -5.55
N THR E 78 12.25 -4.33 -6.73
CA THR E 78 12.87 -5.46 -7.41
C THR E 78 14.28 -5.09 -7.86
N ALA E 79 15.28 -5.77 -7.30
CA ALA E 79 16.65 -5.73 -7.82
C ALA E 79 16.74 -6.71 -8.98
N TYR E 80 17.58 -6.41 -9.96
CA TYR E 80 17.86 -7.32 -11.08
C TYR E 80 19.37 -7.53 -11.27
N MET E 81 19.69 -8.56 -12.04
CA MET E 81 21.06 -8.98 -12.27
C MET E 81 21.11 -9.56 -13.68
N GLU E 82 21.82 -8.90 -14.58
CA GLU E 82 21.83 -9.28 -16.00
C GLU E 82 23.21 -9.71 -16.45
N LEU E 83 23.34 -10.97 -16.85
CA LEU E 83 24.60 -11.54 -17.36
C LEU E 83 24.61 -11.40 -18.88
N SER E 84 25.74 -10.93 -19.42
CA SER E 84 25.80 -10.39 -20.79
C SER E 84 26.00 -11.44 -21.88
N SER E 85 27.17 -12.08 -21.90
CA SER E 85 27.51 -13.12 -22.88
C SER E 85 27.78 -14.39 -22.10
N LEU E 86 26.80 -15.29 -22.09
CA LEU E 86 26.85 -16.46 -21.21
C LEU E 86 27.75 -17.56 -21.75
N ARG E 87 28.48 -18.18 -20.84
CA ARG E 87 29.43 -19.26 -21.16
C ARG E 87 29.22 -20.44 -20.23
N SER E 88 29.68 -21.60 -20.68
CA SER E 88 29.71 -22.84 -19.88
C SER E 88 30.06 -22.63 -18.40
N GLU E 89 31.13 -21.87 -18.16
CA GLU E 89 31.67 -21.66 -16.81
C GLU E 89 30.77 -20.79 -15.91
N ASP E 90 29.89 -19.98 -16.53
CA ASP E 90 28.89 -19.17 -15.80
C ASP E 90 27.75 -19.98 -15.17
N THR E 91 27.67 -21.29 -15.44
CA THR E 91 26.76 -22.19 -14.73
C THR E 91 27.02 -22.10 -13.23
N ALA E 92 26.06 -21.54 -12.50
CA ALA E 92 26.20 -21.29 -11.06
C ALA E 92 24.86 -20.91 -10.42
N VAL E 93 24.89 -20.78 -9.10
CA VAL E 93 23.76 -20.29 -8.32
C VAL E 93 24.03 -18.83 -7.97
N TYR E 94 23.12 -17.94 -8.34
CA TYR E 94 23.28 -16.50 -8.12
C TYR E 94 22.38 -15.91 -7.02
N TYR E 95 22.99 -15.48 -5.91
CA TYR E 95 22.27 -14.91 -4.75
C TYR E 95 22.19 -13.38 -4.79
N CYS E 96 20.99 -12.81 -4.70
CA CYS E 96 20.81 -11.40 -4.28
C CYS E 96 20.87 -11.40 -2.75
N ALA E 97 21.26 -10.29 -2.15
CA ALA E 97 21.37 -10.22 -0.68
C ALA E 97 21.33 -8.79 -0.16
N LYS E 98 20.51 -8.58 0.88
CA LYS E 98 20.37 -7.28 1.52
C LYS E 98 21.58 -7.00 2.41
N GLU E 99 22.13 -5.79 2.29
CA GLU E 99 23.20 -5.30 3.16
C GLU E 99 22.62 -4.82 4.49
N SER E 100 23.40 -4.89 5.56
CA SER E 100 22.99 -4.26 6.84
C SER E 100 24.09 -3.69 7.72
N PHE E 101 25.29 -4.26 7.73
CA PHE E 101 26.41 -3.66 8.48
C PHE E 101 27.68 -3.71 7.64
N GLY E 102 27.56 -3.21 6.42
CA GLY E 102 28.66 -3.21 5.45
C GLY E 102 28.73 -4.42 4.54
N ILE E 103 27.90 -5.43 4.82
CA ILE E 103 28.01 -6.79 4.24
C ILE E 103 26.64 -7.43 3.99
N PRO E 104 26.60 -8.52 3.19
CA PRO E 104 25.34 -9.25 2.97
C PRO E 104 24.76 -9.87 4.25
N HIS E 105 23.70 -9.26 4.75
CA HIS E 105 23.10 -9.58 6.05
C HIS E 105 22.03 -10.65 5.96
N PHE E 106 21.06 -10.40 5.08
CA PHE E 106 19.98 -11.35 4.79
C PHE E 106 20.13 -11.75 3.33
N TRP E 107 20.28 -13.05 3.09
CA TRP E 107 20.45 -13.59 1.75
C TRP E 107 19.12 -14.12 1.18
N GLY E 108 19.00 -14.09 -0.14
CA GLY E 108 17.91 -14.76 -0.85
C GLY E 108 18.22 -16.24 -1.04
N GLN E 109 17.37 -16.93 -1.79
CA GLN E 109 17.48 -18.39 -1.96
C GLN E 109 18.26 -18.83 -3.18
N GLY E 110 18.78 -17.86 -3.93
CA GLY E 110 19.58 -18.14 -5.12
C GLY E 110 18.72 -18.43 -6.34
N THR E 111 19.38 -18.42 -7.49
CA THR E 111 18.76 -18.74 -8.77
C THR E 111 19.77 -19.56 -9.57
N LEU E 112 19.42 -20.81 -9.83
CA LEU E 112 20.31 -21.73 -10.55
C LEU E 112 20.25 -21.46 -12.05
N VAL E 113 21.12 -20.59 -12.53
CA VAL E 113 21.30 -20.39 -13.97
C VAL E 113 22.24 -21.49 -14.48
N THR E 114 21.84 -22.16 -15.55
CA THR E 114 22.61 -23.26 -16.12
C THR E 114 22.85 -22.98 -17.59
N VAL E 115 24.09 -23.18 -18.03
CA VAL E 115 24.50 -22.81 -19.39
C VAL E 115 25.01 -24.03 -20.16
N SER E 116 24.38 -24.30 -21.31
CA SER E 116 24.76 -25.44 -22.16
C SER E 116 24.19 -25.35 -23.57
N SER E 117 24.84 -26.06 -24.50
CA SER E 117 24.31 -26.26 -25.86
C SER E 117 23.27 -27.38 -25.88
N ALA E 118 23.37 -28.30 -24.91
CA ALA E 118 22.46 -29.45 -24.79
C ALA E 118 20.98 -29.07 -24.73
N SER E 119 20.18 -29.73 -25.58
CA SER E 119 18.73 -29.53 -25.62
C SER E 119 18.01 -30.32 -24.52
N THR E 120 16.77 -29.93 -24.24
CA THR E 120 15.95 -30.58 -23.21
C THR E 120 15.61 -32.02 -23.62
N LYS E 121 16.35 -32.98 -23.07
CA LYS E 121 16.14 -34.42 -23.32
C LYS E 121 15.69 -35.14 -22.04
N GLY E 122 14.73 -36.05 -22.17
CA GLY E 122 14.23 -36.86 -21.05
C GLY E 122 15.13 -38.06 -20.78
N PRO E 123 15.14 -38.56 -19.54
CA PRO E 123 16.07 -39.64 -19.17
C PRO E 123 15.72 -41.01 -19.72
N SER E 124 16.65 -41.94 -19.53
CA SER E 124 16.47 -43.37 -19.81
C SER E 124 16.78 -44.11 -18.52
N VAL E 125 15.77 -44.71 -17.90
CA VAL E 125 15.93 -45.39 -16.62
C VAL E 125 16.27 -46.88 -16.86
N PHE E 126 17.39 -47.33 -16.27
CA PHE E 126 17.84 -48.72 -16.37
C PHE E 126 18.02 -49.30 -14.97
N PRO E 127 17.78 -50.61 -14.81
CA PRO E 127 17.85 -51.23 -13.49
C PRO E 127 19.27 -51.51 -13.02
N LEU E 128 19.43 -51.62 -11.70
CA LEU E 128 20.67 -52.09 -11.08
C LEU E 128 20.32 -53.25 -10.15
N ALA E 129 20.08 -54.40 -10.76
CA ALA E 129 19.63 -55.61 -10.05
C ALA E 129 20.83 -56.41 -9.51
N PRO E 130 20.72 -56.95 -8.27
CA PRO E 130 21.78 -57.82 -7.75
C PRO E 130 21.65 -59.28 -8.20
N SER E 131 22.61 -60.11 -7.76
CA SER E 131 22.63 -61.54 -8.07
C SER E 131 22.85 -62.41 -6.81
N SER E 132 23.90 -62.10 -6.06
CA SER E 132 24.25 -62.77 -4.79
C SER E 132 24.61 -64.25 -4.99
N GLY E 138 23.24 -60.44 6.18
CA GLY E 138 22.30 -60.77 5.11
C GLY E 138 21.47 -59.57 4.63
N THR E 139 22.15 -58.63 3.96
CA THR E 139 21.50 -57.50 3.27
C THR E 139 22.02 -57.38 1.85
N ALA E 140 21.17 -56.86 0.96
CA ALA E 140 21.50 -56.73 -0.46
C ALA E 140 21.13 -55.35 -0.99
N ALA E 141 21.85 -54.91 -2.01
CA ALA E 141 21.65 -53.61 -2.62
C ALA E 141 21.02 -53.75 -3.99
N LEU E 142 20.15 -52.81 -4.32
CA LEU E 142 19.53 -52.72 -5.64
C LEU E 142 19.19 -51.26 -5.95
N GLY E 143 19.06 -50.92 -7.23
CA GLY E 143 18.82 -49.54 -7.63
C GLY E 143 18.39 -49.29 -9.06
N CYS E 144 18.30 -48.00 -9.40
CA CYS E 144 17.98 -47.55 -10.76
C CYS E 144 19.02 -46.53 -11.23
N LEU E 145 19.52 -46.71 -12.47
CA LEU E 145 20.45 -45.77 -13.10
C LEU E 145 19.69 -44.84 -14.07
N VAL E 146 19.51 -43.58 -13.66
CA VAL E 146 18.85 -42.57 -14.48
C VAL E 146 19.92 -41.93 -15.38
N LYS E 147 19.71 -41.97 -16.70
CA LYS E 147 20.79 -41.62 -17.65
C LYS E 147 20.32 -40.78 -18.85
N ASP E 148 21.27 -40.05 -19.43
CA ASP E 148 21.08 -39.29 -20.69
C ASP E 148 19.98 -38.23 -20.65
N TYR E 149 20.03 -37.35 -19.64
CA TYR E 149 19.03 -36.28 -19.48
C TYR E 149 19.61 -34.88 -19.29
N PHE E 150 18.84 -33.88 -19.76
CA PHE E 150 19.14 -32.46 -19.56
C PHE E 150 17.81 -31.68 -19.52
N PRO E 151 17.64 -30.70 -18.62
CA PRO E 151 18.59 -30.29 -17.58
C PRO E 151 18.30 -30.92 -16.22
N GLU E 152 19.00 -30.42 -15.19
CA GLU E 152 18.60 -30.65 -13.80
C GLU E 152 17.24 -29.97 -13.53
N PRO E 153 16.53 -30.35 -12.47
CA PRO E 153 16.83 -31.50 -11.62
C PRO E 153 16.02 -32.73 -12.06
N VAL E 154 16.13 -33.81 -11.30
CA VAL E 154 15.27 -34.97 -11.47
C VAL E 154 15.05 -35.62 -10.09
N THR E 155 13.79 -35.88 -9.74
CA THR E 155 13.43 -36.53 -8.47
C THR E 155 13.24 -38.04 -8.65
N VAL E 156 13.65 -38.78 -7.62
CA VAL E 156 13.52 -40.24 -7.59
C VAL E 156 12.99 -40.67 -6.22
N SER E 157 12.03 -41.59 -6.23
CA SER E 157 11.47 -42.19 -5.00
C SER E 157 11.16 -43.66 -5.23
N TRP E 158 11.00 -44.42 -4.14
CA TRP E 158 10.82 -45.87 -4.18
C TRP E 158 9.43 -46.33 -3.69
N ASN E 159 8.75 -47.10 -4.54
CA ASN E 159 7.41 -47.64 -4.29
C ASN E 159 6.37 -46.53 -4.04
N SER E 160 6.34 -45.58 -4.97
CA SER E 160 5.51 -44.36 -4.88
C SER E 160 5.70 -43.59 -3.55
N GLY E 161 6.96 -43.49 -3.12
CA GLY E 161 7.31 -42.80 -1.87
C GLY E 161 7.10 -43.60 -0.58
N ALA E 162 6.84 -44.89 -0.72
CA ALA E 162 6.57 -45.77 0.43
C ALA E 162 7.87 -46.21 1.09
N LEU E 163 8.80 -46.71 0.28
CA LEU E 163 10.12 -47.15 0.75
C LEU E 163 11.10 -45.98 0.78
N THR E 164 11.15 -45.27 1.91
CA THR E 164 12.11 -44.17 2.10
C THR E 164 13.33 -44.61 2.90
N SER E 165 13.15 -45.54 3.82
CA SER E 165 14.21 -45.95 4.74
C SER E 165 15.32 -46.73 4.02
N GLY E 166 16.57 -46.49 4.42
CA GLY E 166 17.74 -47.15 3.83
C GLY E 166 18.07 -46.78 2.39
N VAL E 167 17.57 -45.63 1.92
CA VAL E 167 17.70 -45.19 0.52
C VAL E 167 18.82 -44.15 0.38
N HIS E 168 19.46 -44.12 -0.79
CA HIS E 168 20.44 -43.08 -1.15
C HIS E 168 20.35 -42.67 -2.63
N THR E 169 19.74 -41.52 -2.86
CA THR E 169 19.70 -40.90 -4.19
C THR E 169 20.93 -39.99 -4.34
N PHE E 170 21.80 -40.32 -5.29
CA PHE E 170 23.07 -39.60 -5.49
C PHE E 170 22.89 -38.31 -6.29
N PRO E 171 23.81 -37.34 -6.12
CA PRO E 171 23.86 -36.21 -7.05
C PRO E 171 24.29 -36.60 -8.45
N ALA E 172 23.87 -35.82 -9.43
CA ALA E 172 24.17 -36.08 -10.84
C ALA E 172 25.64 -35.81 -11.18
N VAL E 173 26.09 -36.41 -12.29
CA VAL E 173 27.40 -36.08 -12.88
C VAL E 173 27.18 -35.69 -14.34
N LEU E 174 27.89 -34.66 -14.79
CA LEU E 174 27.81 -34.24 -16.18
C LEU E 174 28.73 -35.11 -17.03
N GLN E 175 28.15 -35.84 -17.98
CA GLN E 175 28.95 -36.62 -18.95
C GLN E 175 29.59 -35.66 -19.95
N SER E 176 30.56 -36.18 -20.71
CA SER E 176 31.23 -35.42 -21.78
C SER E 176 30.28 -35.04 -22.93
N SER E 177 29.21 -35.82 -23.10
CA SER E 177 28.13 -35.52 -24.05
C SER E 177 27.35 -34.23 -23.73
N GLY E 178 27.39 -33.79 -22.48
CA GLY E 178 26.68 -32.60 -22.01
C GLY E 178 25.44 -32.94 -21.18
N LEU E 179 25.07 -34.22 -21.15
CA LEU E 179 23.86 -34.70 -20.50
C LEU E 179 24.16 -35.30 -19.12
N TYR E 180 23.29 -35.01 -18.15
CA TYR E 180 23.46 -35.45 -16.76
C TYR E 180 23.10 -36.94 -16.61
N SER E 181 23.56 -37.55 -15.51
CA SER E 181 23.36 -38.99 -15.24
C SER E 181 23.57 -39.37 -13.77
N LEU E 182 22.48 -39.50 -13.01
CA LEU E 182 22.55 -39.92 -11.59
C LEU E 182 22.16 -41.39 -11.41
N SER E 183 22.32 -41.87 -10.17
CA SER E 183 21.88 -43.20 -9.79
C SER E 183 21.24 -43.17 -8.40
N SER E 184 20.14 -43.90 -8.24
CA SER E 184 19.48 -44.06 -6.93
C SER E 184 19.56 -45.52 -6.51
N VAL E 185 19.81 -45.75 -5.21
CA VAL E 185 19.95 -47.09 -4.66
C VAL E 185 19.27 -47.24 -3.30
N VAL E 186 19.04 -48.51 -2.93
CA VAL E 186 18.47 -48.87 -1.63
C VAL E 186 19.05 -50.20 -1.14
N THR E 187 19.30 -50.28 0.17
CA THR E 187 19.79 -51.49 0.82
C THR E 187 18.58 -52.15 1.48
N VAL E 188 18.36 -53.42 1.15
CA VAL E 188 17.20 -54.15 1.64
C VAL E 188 17.65 -55.48 2.25
N PRO E 189 16.81 -56.09 3.12
CA PRO E 189 17.16 -57.44 3.54
C PRO E 189 17.12 -58.40 2.34
N SER E 190 18.13 -59.25 2.24
CA SER E 190 18.26 -60.20 1.15
C SER E 190 17.17 -61.27 1.18
N SER E 191 16.66 -61.57 2.38
CA SER E 191 15.54 -62.51 2.57
C SER E 191 14.27 -62.09 1.84
N SER E 192 14.05 -60.79 1.70
CA SER E 192 12.88 -60.23 0.99
C SER E 192 13.19 -59.84 -0.47
N LEU E 193 14.03 -60.62 -1.15
CA LEU E 193 14.45 -60.27 -2.52
C LEU E 193 13.39 -60.67 -3.53
N GLY E 194 13.12 -61.98 -3.61
CA GLY E 194 12.15 -62.54 -4.56
C GLY E 194 10.69 -62.20 -4.25
N THR E 195 10.37 -62.10 -2.95
CA THR E 195 9.00 -61.86 -2.50
C THR E 195 8.53 -60.43 -2.78
N GLN E 196 9.22 -59.47 -2.15
CA GLN E 196 8.84 -58.05 -2.21
C GLN E 196 9.18 -57.42 -3.57
N THR E 197 8.26 -56.59 -4.06
CA THR E 197 8.45 -55.83 -5.31
C THR E 197 9.15 -54.50 -5.00
N TYR E 198 9.97 -54.04 -5.94
CA TYR E 198 10.71 -52.77 -5.83
C TYR E 198 10.62 -51.95 -7.13
N ILE E 199 9.95 -50.80 -7.04
CA ILE E 199 9.72 -49.90 -8.17
C ILE E 199 10.31 -48.52 -7.86
N CYS E 200 11.04 -47.96 -8.82
CA CYS E 200 11.64 -46.63 -8.73
C CYS E 200 10.75 -45.66 -9.54
N ASN E 201 10.48 -44.48 -8.98
CA ASN E 201 9.59 -43.50 -9.61
C ASN E 201 10.39 -42.26 -10.00
N VAL E 202 10.82 -42.24 -11.26
CA VAL E 202 11.62 -41.15 -11.80
C VAL E 202 10.68 -40.09 -12.36
N ASN E 203 10.99 -38.82 -12.08
CA ASN E 203 10.17 -37.68 -12.53
C ASN E 203 11.07 -36.54 -13.02
N HIS E 204 11.05 -36.28 -14.33
CA HIS E 204 11.86 -35.22 -14.96
C HIS E 204 10.94 -34.17 -15.61
N LYS E 205 10.66 -33.11 -14.87
CA LYS E 205 9.63 -32.13 -15.25
C LYS E 205 9.84 -31.33 -16.54
N PRO E 206 11.08 -30.86 -16.82
CA PRO E 206 11.35 -30.11 -18.07
C PRO E 206 10.99 -30.77 -19.41
N SER E 207 10.84 -32.11 -19.43
CA SER E 207 10.35 -32.83 -20.62
C SER E 207 9.05 -33.61 -20.37
N ASN E 208 8.38 -33.36 -19.24
CA ASN E 208 7.15 -34.06 -18.81
C ASN E 208 7.29 -35.59 -18.68
N THR E 209 8.51 -36.07 -18.41
CA THR E 209 8.81 -37.50 -18.46
C THR E 209 8.70 -38.16 -17.08
N LYS E 210 7.53 -38.73 -16.81
CA LYS E 210 7.32 -39.62 -15.66
C LYS E 210 7.56 -41.05 -16.11
N VAL E 211 8.40 -41.77 -15.37
CA VAL E 211 8.73 -43.17 -15.67
C VAL E 211 8.82 -43.98 -14.37
N ASP E 212 8.12 -45.11 -14.35
CA ASP E 212 8.17 -46.08 -13.25
C ASP E 212 8.84 -47.35 -13.74
N LYS E 213 9.76 -47.90 -12.95
CA LYS E 213 10.60 -49.03 -13.38
C LYS E 213 10.67 -50.14 -12.33
N LYS E 214 10.16 -51.31 -12.68
CA LYS E 214 10.24 -52.51 -11.84
C LYS E 214 11.66 -53.07 -11.85
N VAL E 215 12.20 -53.34 -10.66
CA VAL E 215 13.59 -53.77 -10.51
C VAL E 215 13.62 -55.22 -10.03
N GLU E 216 14.02 -56.12 -10.93
CA GLU E 216 14.08 -57.57 -10.67
C GLU E 216 15.41 -58.20 -11.15
N PRO E 217 15.92 -59.22 -10.41
CA PRO E 217 17.05 -60.02 -10.93
C PRO E 217 16.65 -60.89 -12.13
N ILE F 2 44.07 -9.00 -1.38
CA ILE F 2 43.42 -9.55 -0.15
C ILE F 2 42.89 -10.97 -0.39
N VAL F 3 43.81 -11.91 -0.51
CA VAL F 3 43.51 -13.35 -0.54
C VAL F 3 43.35 -13.88 0.90
N LEU F 4 42.26 -14.60 1.14
CA LEU F 4 42.03 -15.27 2.41
C LEU F 4 42.17 -16.78 2.24
N THR F 5 42.73 -17.42 3.27
CA THR F 5 42.82 -18.88 3.35
C THR F 5 42.40 -19.32 4.75
N GLN F 6 41.40 -20.21 4.79
CA GLN F 6 40.85 -20.73 6.03
C GLN F 6 41.54 -22.02 6.45
N SER F 7 41.55 -22.27 7.76
CA SER F 7 42.12 -23.49 8.32
C SER F 7 41.10 -24.18 9.23
N PRO F 8 41.02 -25.52 9.21
CA PRO F 8 41.76 -26.40 8.28
C PRO F 8 41.10 -26.49 6.91
N GLY F 9 41.48 -27.49 6.11
CA GLY F 9 40.75 -27.83 4.89
C GLY F 9 39.33 -28.29 5.23
N THR F 10 39.24 -29.27 6.14
CA THR F 10 37.97 -29.70 6.77
C THR F 10 38.21 -30.04 8.26
N LEU F 11 37.29 -29.64 9.14
CA LEU F 11 37.45 -29.79 10.61
C LEU F 11 36.46 -30.79 11.21
N SER F 12 36.98 -31.93 11.69
CA SER F 12 36.16 -33.04 12.19
C SER F 12 36.01 -33.01 13.70
N LEU F 13 34.77 -32.98 14.19
CA LEU F 13 34.48 -32.97 15.64
C LEU F 13 33.12 -33.59 15.96
N SER F 14 32.90 -33.86 17.26
CA SER F 14 31.63 -34.41 17.77
C SER F 14 30.79 -33.30 18.42
N PRO F 15 29.48 -33.55 18.62
CA PRO F 15 28.64 -32.62 19.40
C PRO F 15 29.07 -32.47 20.86
N GLY F 16 28.61 -31.39 21.49
CA GLY F 16 28.91 -31.12 22.90
C GLY F 16 30.21 -30.37 23.19
N GLU F 17 31.23 -30.57 22.35
CA GLU F 17 32.56 -29.98 22.56
C GLU F 17 32.71 -28.63 21.82
N ARG F 18 33.94 -28.10 21.79
CA ARG F 18 34.24 -26.77 21.22
C ARG F 18 34.84 -26.86 19.81
N ALA F 19 34.38 -25.97 18.92
CA ALA F 19 34.93 -25.83 17.56
C ALA F 19 35.69 -24.51 17.41
N THR F 20 36.92 -24.59 16.88
CA THR F 20 37.79 -23.43 16.64
C THR F 20 38.12 -23.32 15.14
N LEU F 21 37.31 -22.52 14.44
CA LEU F 21 37.55 -22.17 13.03
C LEU F 21 38.43 -20.94 12.94
N SER F 22 39.27 -20.89 11.91
CA SER F 22 40.20 -19.77 11.72
C SER F 22 40.40 -19.40 10.25
N CYS F 23 40.50 -18.09 10.02
CA CYS F 23 40.70 -17.50 8.69
C CYS F 23 41.92 -16.59 8.76
N ARG F 24 42.87 -16.81 7.84
CA ARG F 24 44.07 -15.97 7.76
C ARG F 24 44.17 -15.29 6.39
N ALA F 25 44.68 -14.06 6.39
CA ALA F 25 44.67 -13.19 5.21
C ALA F 25 46.09 -12.80 4.75
N SER F 26 46.19 -12.35 3.50
CA SER F 26 47.48 -11.96 2.90
C SER F 26 47.92 -10.56 3.34
N GLN F 27 47.00 -9.60 3.21
CA GLN F 27 47.23 -8.20 3.63
C GLN F 27 46.38 -7.85 4.85
N SER F 28 46.75 -6.77 5.54
CA SER F 28 45.99 -6.31 6.71
C SER F 28 44.53 -6.02 6.37
N VAL F 29 43.62 -6.58 7.17
CA VAL F 29 42.19 -6.31 7.03
C VAL F 29 41.91 -4.98 7.73
N THR F 30 41.85 -3.91 6.94
CA THR F 30 41.83 -2.54 7.45
C THR F 30 40.72 -2.35 8.47
N SER F 31 41.08 -1.74 9.61
CA SER F 31 40.16 -1.54 10.74
C SER F 31 39.46 -2.82 11.23
N THR F 32 40.06 -3.98 10.94
CA THR F 32 39.56 -5.30 11.33
C THR F 32 38.09 -5.57 10.91
N TYR F 33 37.78 -5.32 9.64
CA TYR F 33 36.44 -5.62 9.08
C TYR F 33 36.42 -6.97 8.37
N LEU F 34 36.19 -8.02 9.17
CA LEU F 34 35.97 -9.39 8.70
C LEU F 34 34.65 -9.93 9.22
N ALA F 35 33.97 -10.73 8.39
CA ALA F 35 32.71 -11.36 8.74
C ALA F 35 32.71 -12.86 8.49
N TRP F 36 31.87 -13.58 9.25
CA TRP F 36 31.74 -15.04 9.18
C TRP F 36 30.32 -15.50 8.77
N HIS F 37 30.25 -16.28 7.69
CA HIS F 37 28.97 -16.81 7.17
C HIS F 37 28.89 -18.34 7.29
N GLN F 38 27.74 -18.83 7.79
CA GLN F 38 27.42 -20.28 7.81
C GLN F 38 26.63 -20.65 6.55
N GLN F 39 26.93 -21.80 5.96
CA GLN F 39 26.11 -22.34 4.86
C GLN F 39 25.88 -23.85 4.97
N LYS F 40 24.66 -24.24 5.30
CA LYS F 40 24.22 -25.63 5.28
C LYS F 40 23.95 -26.06 3.83
N PRO F 41 23.92 -27.38 3.55
CA PRO F 41 23.86 -27.82 2.14
C PRO F 41 22.51 -27.58 1.47
N GLY F 42 22.55 -27.27 0.17
CA GLY F 42 21.37 -26.90 -0.60
C GLY F 42 20.60 -25.73 -0.01
N GLN F 43 21.32 -24.73 0.48
CA GLN F 43 20.73 -23.62 1.24
C GLN F 43 21.45 -22.29 1.05
N ALA F 44 20.75 -21.23 1.48
CA ALA F 44 21.28 -19.89 1.45
C ALA F 44 22.27 -19.71 2.60
N PRO F 45 23.34 -18.92 2.39
CA PRO F 45 24.23 -18.57 3.50
C PRO F 45 23.57 -17.72 4.58
N ARG F 46 24.24 -17.66 5.72
CA ARG F 46 23.69 -17.06 6.92
C ARG F 46 24.81 -16.31 7.63
N LEU F 47 24.62 -15.00 7.82
CA LEU F 47 25.60 -14.18 8.52
C LEU F 47 25.56 -14.53 10.00
N LEU F 48 26.70 -15.00 10.50
CA LEU F 48 26.88 -15.24 11.93
C LEU F 48 27.35 -13.97 12.62
N ILE F 49 28.53 -13.49 12.19
CA ILE F 49 29.23 -12.40 12.88
C ILE F 49 29.98 -11.47 11.91
N TYR F 50 30.09 -10.18 12.28
CA TYR F 50 30.75 -9.14 11.47
C TYR F 50 31.72 -8.28 12.30
N SER F 51 32.50 -7.43 11.63
CA SER F 51 33.52 -6.58 12.29
C SER F 51 34.41 -7.40 13.22
N ALA F 52 34.82 -8.59 12.75
CA ALA F 52 35.56 -9.60 13.52
C ALA F 52 34.78 -10.34 14.62
N SER F 53 33.92 -9.62 15.37
CA SER F 53 33.36 -10.13 16.63
C SER F 53 31.98 -9.58 17.03
N SER F 54 31.21 -9.04 16.09
CA SER F 54 29.89 -8.49 16.37
C SER F 54 28.82 -9.52 16.06
N ARG F 55 27.93 -9.74 17.02
CA ARG F 55 26.83 -10.68 16.90
C ARG F 55 25.73 -10.16 15.98
N ALA F 56 25.27 -11.02 15.06
CA ALA F 56 24.06 -10.72 14.28
C ALA F 56 22.85 -11.15 15.10
N THR F 57 21.77 -10.37 15.03
CA THR F 57 20.55 -10.67 15.78
C THR F 57 19.91 -11.93 15.19
N GLY F 58 19.49 -12.83 16.06
CA GLY F 58 19.04 -14.18 15.67
C GLY F 58 20.08 -15.27 15.93
N ILE F 59 21.36 -14.89 15.99
CA ILE F 59 22.47 -15.84 16.17
C ILE F 59 22.70 -16.08 17.66
N PRO F 60 22.81 -17.36 18.08
CA PRO F 60 22.83 -17.67 19.51
C PRO F 60 24.18 -17.43 20.19
N ASP F 61 24.14 -17.48 21.53
CA ASP F 61 25.29 -17.24 22.42
C ASP F 61 26.47 -18.20 22.25
N ARG F 62 26.23 -19.37 21.65
CA ARG F 62 27.28 -20.35 21.30
C ARG F 62 28.44 -19.76 20.51
N PHE F 63 28.10 -19.01 19.47
CA PHE F 63 29.09 -18.47 18.53
C PHE F 63 29.84 -17.28 19.12
N SER F 64 31.05 -17.04 18.61
CA SER F 64 31.83 -15.86 18.96
C SER F 64 33.07 -15.76 18.07
N GLY F 65 33.30 -14.57 17.52
CA GLY F 65 34.44 -14.32 16.65
C GLY F 65 35.48 -13.49 17.35
N SER F 66 36.69 -13.46 16.79
CA SER F 66 37.75 -12.59 17.29
C SER F 66 38.92 -12.53 16.30
N GLY F 67 39.82 -11.59 16.55
CA GLY F 67 41.04 -11.45 15.77
C GLY F 67 41.33 -10.03 15.33
N SER F 68 42.39 -9.88 14.53
CA SER F 68 42.83 -8.58 14.01
C SER F 68 43.82 -8.72 12.85
N THR F 70 45.73 -9.93 10.17
CA THR F 70 45.64 -11.06 9.21
C THR F 70 45.32 -12.43 9.83
N ASP F 71 44.98 -12.45 11.13
CA ASP F 71 44.63 -13.70 11.81
C ASP F 71 43.32 -13.50 12.58
N PHE F 72 42.28 -14.19 12.12
CA PHE F 72 40.95 -14.15 12.75
C PHE F 72 40.47 -15.56 13.08
N THR F 73 39.63 -15.66 14.10
CA THR F 73 39.14 -16.94 14.61
C THR F 73 37.66 -16.89 15.01
N LEU F 74 36.87 -17.79 14.42
CA LEU F 74 35.50 -18.06 14.86
C LEU F 74 35.52 -19.20 15.87
N THR F 75 34.90 -18.97 17.02
CA THR F 75 34.86 -19.95 18.11
C THR F 75 33.41 -20.32 18.43
N ILE F 76 33.12 -21.63 18.39
CA ILE F 76 31.82 -22.15 18.82
C ILE F 76 32.05 -22.96 20.09
N SER F 77 31.71 -22.37 21.23
CA SER F 77 31.72 -23.08 22.51
C SER F 77 30.45 -23.91 22.60
N ARG F 78 30.57 -25.18 22.97
CA ARG F 78 29.43 -26.09 23.19
C ARG F 78 28.65 -26.38 21.90
N LEU F 79 29.23 -27.20 21.02
CA LEU F 79 28.64 -27.57 19.71
C LEU F 79 27.21 -28.16 19.78
N GLU F 80 26.60 -28.28 18.61
CA GLU F 80 25.29 -28.89 18.45
C GLU F 80 25.21 -29.59 17.08
N PRO F 81 24.14 -30.39 16.84
CA PRO F 81 24.03 -31.08 15.54
C PRO F 81 23.76 -30.17 14.34
N GLU F 82 22.92 -29.16 14.53
CA GLU F 82 22.64 -28.16 13.48
C GLU F 82 23.86 -27.34 13.06
N ASP F 83 24.81 -27.13 13.99
CA ASP F 83 26.05 -26.37 13.74
C ASP F 83 27.01 -26.97 12.70
N PHE F 84 26.84 -28.26 12.37
CA PHE F 84 27.72 -28.92 11.41
C PHE F 84 27.39 -28.52 9.97
N ALA F 85 28.22 -27.64 9.43
CA ALA F 85 27.99 -27.02 8.12
C ALA F 85 29.30 -26.59 7.47
N VAL F 86 29.19 -25.99 6.29
CA VAL F 86 30.32 -25.32 5.63
C VAL F 86 30.37 -23.87 6.10
N TYR F 87 31.57 -23.39 6.43
CA TYR F 87 31.78 -22.04 6.97
C TYR F 87 32.70 -21.18 6.08
N TYR F 88 32.35 -19.90 5.96
CA TYR F 88 33.07 -18.95 5.10
C TYR F 88 33.42 -17.66 5.85
N CYS F 89 34.60 -17.14 5.55
CA CYS F 89 35.11 -15.88 6.11
C CYS F 89 35.17 -14.85 4.98
N GLN F 90 34.64 -13.66 5.22
CA GLN F 90 34.59 -12.60 4.20
C GLN F 90 35.24 -11.33 4.74
N GLN F 91 36.02 -10.68 3.88
CA GLN F 91 36.75 -9.46 4.22
C GLN F 91 36.12 -8.25 3.53
N TYR F 92 35.90 -7.18 4.30
CA TYR F 92 35.29 -5.94 3.78
C TYR F 92 35.91 -4.64 4.34
N GLY F 93 37.23 -4.67 4.53
CA GLY F 93 38.05 -3.45 4.73
C GLY F 93 39.40 -3.52 4.01
N SER F 94 39.37 -3.55 2.67
CA SER F 94 40.60 -3.52 1.82
C SER F 94 40.27 -3.23 0.34
N SER F 95 41.31 -3.09 -0.50
CA SER F 95 41.18 -2.51 -1.85
C SER F 95 40.72 -3.46 -2.98
N PRO F 96 41.05 -4.77 -2.91
CA PRO F 96 40.29 -5.79 -3.65
C PRO F 96 39.16 -6.33 -2.76
N PRO F 97 37.96 -5.71 -2.82
CA PRO F 97 37.11 -5.97 -1.67
C PRO F 97 36.05 -7.06 -1.83
N TYR F 98 35.50 -7.43 -0.67
CA TYR F 98 34.43 -8.43 -0.51
C TYR F 98 34.82 -9.86 -0.89
N THR F 99 36.13 -10.12 -0.89
CA THR F 99 36.66 -11.43 -1.22
C THR F 99 36.28 -12.42 -0.13
N PHE F 100 36.00 -13.65 -0.55
CA PHE F 100 35.56 -14.74 0.33
C PHE F 100 36.68 -15.75 0.55
N GLY F 101 36.71 -16.32 1.75
CA GLY F 101 37.55 -17.49 2.04
C GLY F 101 37.11 -18.68 1.21
N GLN F 102 38.03 -19.60 0.94
CA GLN F 102 37.76 -20.77 0.09
C GLN F 102 36.83 -21.82 0.76
N GLY F 103 36.59 -21.68 2.07
CA GLY F 103 35.56 -22.46 2.78
C GLY F 103 36.16 -23.52 3.67
N THR F 104 35.51 -23.77 4.81
CA THR F 104 35.89 -24.86 5.72
C THR F 104 34.69 -25.76 6.04
N LYS F 105 34.78 -27.04 5.64
CA LYS F 105 33.71 -28.03 5.86
C LYS F 105 33.80 -28.69 7.25
N VAL F 106 32.71 -28.61 8.03
CA VAL F 106 32.66 -29.18 9.39
C VAL F 106 31.65 -30.35 9.43
N ASP F 107 32.18 -31.57 9.55
CA ASP F 107 31.36 -32.79 9.64
C ASP F 107 31.38 -33.41 11.04
N ILE F 108 30.38 -34.25 11.31
CA ILE F 108 30.22 -34.92 12.61
C ILE F 108 31.26 -36.05 12.71
N LYS F 109 31.79 -36.24 13.92
CA LYS F 109 32.75 -37.31 14.20
C LYS F 109 31.99 -38.54 14.72
N ARG F 110 31.87 -39.53 13.85
CA ARG F 110 31.24 -40.82 14.13
C ARG F 110 32.32 -41.89 14.19
N THR F 111 32.03 -42.99 14.89
CA THR F 111 32.97 -44.11 15.03
C THR F 111 33.36 -44.66 13.65
N VAL F 112 34.58 -45.18 13.55
CA VAL F 112 35.13 -45.56 12.24
C VAL F 112 34.32 -46.71 11.65
N ALA F 113 33.48 -46.38 10.68
CA ALA F 113 32.65 -47.36 9.95
C ALA F 113 33.40 -47.90 8.72
N ALA F 114 32.78 -48.82 7.99
CA ALA F 114 33.38 -49.40 6.77
C ALA F 114 32.32 -49.63 5.67
N PRO F 115 32.74 -49.57 4.39
CA PRO F 115 31.77 -49.63 3.28
C PRO F 115 31.21 -51.02 3.00
N SER F 116 29.88 -51.12 2.96
CA SER F 116 29.22 -52.29 2.40
C SER F 116 29.24 -52.14 0.87
N VAL F 117 30.14 -52.88 0.22
CA VAL F 117 30.40 -52.72 -1.21
C VAL F 117 29.49 -53.65 -2.04
N PHE F 118 29.00 -53.13 -3.17
CA PHE F 118 28.14 -53.88 -4.09
C PHE F 118 28.46 -53.49 -5.52
N ILE F 119 28.80 -54.47 -6.35
CA ILE F 119 28.97 -54.23 -7.80
C ILE F 119 27.63 -54.43 -8.52
N PHE F 120 27.46 -53.73 -9.64
CA PHE F 120 26.27 -53.87 -10.49
C PHE F 120 26.65 -53.87 -11.97
N PRO F 121 26.30 -54.94 -12.72
CA PRO F 121 26.56 -54.97 -14.16
C PRO F 121 25.62 -54.07 -14.97
N PRO F 122 25.87 -53.93 -16.28
CA PRO F 122 24.97 -53.14 -17.11
C PRO F 122 23.71 -53.92 -17.49
N SER F 123 22.62 -53.18 -17.73
CA SER F 123 21.37 -53.77 -18.20
C SER F 123 21.43 -54.08 -19.69
N ASP F 124 20.62 -55.06 -20.10
CA ASP F 124 20.46 -55.42 -21.52
C ASP F 124 19.73 -54.33 -22.32
N GLU F 125 18.81 -53.60 -21.66
CA GLU F 125 18.09 -52.48 -22.30
C GLU F 125 19.03 -51.35 -22.72
N GLN F 126 20.04 -51.09 -21.89
CA GLN F 126 21.08 -50.10 -22.20
C GLN F 126 22.00 -50.60 -23.32
N LEU F 127 22.45 -51.83 -23.22
CA LEU F 127 23.31 -52.46 -24.25
C LEU F 127 22.75 -52.41 -25.69
N LYS F 128 21.41 -52.43 -25.79
CA LYS F 128 20.67 -52.15 -27.05
C LYS F 128 21.14 -50.84 -27.72
N SER F 129 21.20 -49.79 -26.90
CA SER F 129 21.60 -48.43 -27.30
C SER F 129 22.99 -48.36 -27.92
N GLY F 130 23.92 -49.13 -27.36
CA GLY F 130 25.31 -49.13 -27.81
C GLY F 130 26.33 -48.79 -26.73
N THR F 131 25.87 -48.40 -25.55
CA THR F 131 26.76 -48.08 -24.43
C THR F 131 26.42 -48.95 -23.24
N ALA F 132 27.39 -49.10 -22.32
CA ALA F 132 27.22 -49.92 -21.13
C ALA F 132 27.81 -49.26 -19.89
N SER F 133 27.03 -49.22 -18.80
CA SER F 133 27.43 -48.58 -17.55
C SER F 133 27.59 -49.59 -16.43
N VAL F 134 28.77 -49.59 -15.80
CA VAL F 134 29.10 -50.51 -14.72
C VAL F 134 29.23 -49.74 -13.40
N VAL F 135 28.25 -49.90 -12.52
CA VAL F 135 28.16 -49.16 -11.26
C VAL F 135 28.81 -49.96 -10.13
N CYS F 136 29.40 -49.20 -9.20
CA CYS F 136 30.00 -49.75 -7.99
C CYS F 136 29.47 -48.89 -6.85
N LEU F 137 28.78 -49.50 -5.90
CA LEU F 137 28.27 -48.77 -4.73
C LEU F 137 29.08 -49.11 -3.49
N LEU F 138 29.46 -48.07 -2.75
CA LEU F 138 30.02 -48.19 -1.40
C LEU F 138 29.07 -47.47 -0.44
N ASN F 139 28.65 -48.14 0.63
CA ASN F 139 27.54 -47.66 1.49
C ASN F 139 27.92 -47.46 2.98
N ASN F 140 27.60 -46.26 3.48
CA ASN F 140 27.54 -45.93 4.92
C ASN F 140 28.84 -46.23 5.64
N PHE F 141 29.82 -45.37 5.35
CA PHE F 141 31.15 -45.47 5.92
C PHE F 141 31.61 -44.11 6.46
N TYR F 142 32.67 -44.16 7.25
CA TYR F 142 33.29 -42.97 7.82
C TYR F 142 34.77 -43.28 8.08
N PRO F 143 35.69 -42.39 7.72
CA PRO F 143 35.42 -41.08 7.15
C PRO F 143 35.10 -41.09 5.65
N ARG F 144 34.79 -39.89 5.15
CA ARG F 144 34.48 -39.61 3.75
C ARG F 144 35.55 -40.08 2.74
N GLU F 145 36.81 -40.03 3.16
CA GLU F 145 37.94 -40.39 2.27
C GLU F 145 37.89 -41.87 1.94
N ALA F 146 37.45 -42.17 0.71
CA ALA F 146 37.43 -43.53 0.20
C ALA F 146 38.09 -43.54 -1.17
N LYS F 147 38.56 -44.71 -1.58
CA LYS F 147 39.18 -44.86 -2.89
C LYS F 147 38.69 -46.12 -3.59
N VAL F 148 38.42 -45.95 -4.89
CA VAL F 148 37.85 -46.99 -5.73
C VAL F 148 38.70 -47.13 -6.98
N GLN F 149 39.04 -48.37 -7.31
CA GLN F 149 39.85 -48.67 -8.48
C GLN F 149 39.13 -49.66 -9.37
N TRP F 150 39.07 -49.38 -10.66
CA TRP F 150 38.38 -50.28 -11.57
C TRP F 150 39.32 -51.12 -12.45
N LYS F 151 39.14 -52.45 -12.40
CA LYS F 151 39.95 -53.37 -13.18
C LYS F 151 39.11 -54.21 -14.14
N VAL F 152 39.56 -54.27 -15.38
CA VAL F 152 38.94 -55.02 -16.49
C VAL F 152 39.96 -56.02 -17.08
N ASP F 153 39.83 -57.30 -16.71
CA ASP F 153 40.87 -58.35 -16.91
C ASP F 153 42.14 -58.09 -16.07
N ASN F 154 41.94 -57.57 -14.84
CA ASN F 154 43.03 -57.07 -13.96
C ASN F 154 43.86 -55.89 -14.51
N ALA F 155 43.43 -55.28 -15.62
CA ALA F 155 44.07 -54.10 -16.19
C ALA F 155 43.52 -52.90 -15.44
N LEU F 156 44.37 -52.23 -14.67
CA LEU F 156 43.95 -51.15 -13.77
C LEU F 156 43.49 -49.92 -14.56
N GLN F 157 42.23 -49.50 -14.33
CA GLN F 157 41.58 -48.44 -15.11
C GLN F 157 41.68 -47.06 -14.43
N SER F 158 41.71 -46.02 -15.26
CA SER F 158 41.61 -44.63 -14.79
C SER F 158 41.18 -43.73 -15.95
N GLY F 159 40.48 -42.64 -15.63
CA GLY F 159 40.03 -41.68 -16.65
C GLY F 159 38.71 -42.01 -17.34
N ASN F 160 38.21 -43.23 -17.18
CA ASN F 160 36.88 -43.64 -17.65
C ASN F 160 35.85 -43.67 -16.52
N SER F 161 36.34 -43.51 -15.27
CA SER F 161 35.50 -43.46 -14.07
C SER F 161 34.94 -42.06 -13.81
N GLN F 162 33.69 -42.00 -13.33
CA GLN F 162 33.13 -40.80 -12.70
C GLN F 162 32.53 -41.21 -11.36
N GLU F 163 32.39 -40.25 -10.45
CA GLU F 163 31.90 -40.53 -9.09
C GLU F 163 30.92 -39.48 -8.58
N SER F 164 30.11 -39.89 -7.59
CA SER F 164 29.30 -39.00 -6.76
C SER F 164 29.53 -39.35 -5.30
N VAL F 165 29.14 -38.45 -4.40
CA VAL F 165 29.13 -38.72 -2.95
C VAL F 165 27.89 -38.06 -2.35
N THR F 166 27.21 -38.78 -1.45
CA THR F 166 26.10 -38.20 -0.71
C THR F 166 26.60 -37.29 0.37
N GLU F 167 25.78 -36.31 0.72
CA GLU F 167 26.04 -35.49 1.91
C GLU F 167 26.00 -36.37 3.16
N GLN F 168 26.63 -35.90 4.23
CA GLN F 168 26.67 -36.65 5.48
C GLN F 168 25.25 -36.93 5.97
N ASP F 169 24.88 -38.21 5.98
CA ASP F 169 23.51 -38.63 6.30
C ASP F 169 23.17 -38.27 7.74
N SER F 170 22.01 -37.63 7.93
CA SER F 170 21.67 -36.96 9.19
C SER F 170 21.30 -37.88 10.36
N LYS F 171 20.95 -39.13 10.07
CA LYS F 171 20.50 -40.09 11.08
C LYS F 171 21.62 -40.98 11.65
N ASP F 172 22.52 -41.44 10.77
CA ASP F 172 23.63 -42.33 11.15
C ASP F 172 25.06 -41.77 10.91
N SER F 173 25.17 -40.52 10.46
CA SER F 173 26.47 -39.83 10.31
C SER F 173 27.47 -40.56 9.42
N THR F 174 27.04 -40.94 8.21
CA THR F 174 27.90 -41.66 7.25
C THR F 174 27.76 -41.16 5.82
N TYR F 175 28.78 -41.45 5.00
CA TYR F 175 28.77 -41.13 3.56
C TYR F 175 28.64 -42.39 2.73
N SER F 176 27.86 -42.30 1.66
CA SER F 176 27.80 -43.33 0.63
C SER F 176 28.42 -42.78 -0.66
N LEU F 177 28.73 -43.66 -1.60
CA LEU F 177 29.50 -43.29 -2.80
C LEU F 177 29.14 -44.14 -4.03
N SER F 178 28.71 -43.46 -5.09
CA SER F 178 28.51 -44.08 -6.41
C SER F 178 29.81 -43.98 -7.19
N SER F 179 29.98 -44.88 -8.16
CA SER F 179 31.11 -44.86 -9.09
C SER F 179 30.69 -45.47 -10.43
N THR F 180 30.51 -44.61 -11.43
CA THR F 180 29.93 -45.00 -12.72
C THR F 180 31.03 -45.20 -13.78
N LEU F 181 31.50 -46.44 -13.92
CA LEU F 181 32.42 -46.82 -15.00
C LEU F 181 31.62 -46.94 -16.30
N THR F 182 32.14 -46.36 -17.38
CA THR F 182 31.41 -46.25 -18.65
C THR F 182 32.25 -46.72 -19.85
N LEU F 183 31.67 -47.61 -20.66
CA LEU F 183 32.28 -48.05 -21.94
C LEU F 183 31.23 -48.21 -23.03
N SER F 184 31.72 -48.33 -24.26
CA SER F 184 30.91 -48.73 -25.41
C SER F 184 30.66 -50.24 -25.37
N LYS F 185 29.64 -50.70 -26.09
CA LYS F 185 29.28 -52.12 -26.15
C LYS F 185 30.36 -52.99 -26.82
N ALA F 186 30.97 -52.45 -27.88
CA ALA F 186 32.08 -53.11 -28.58
C ALA F 186 33.29 -53.32 -27.66
N ASP F 187 33.67 -52.23 -26.97
CA ASP F 187 34.74 -52.27 -25.97
C ASP F 187 34.39 -53.14 -24.76
N TYR F 188 33.13 -53.07 -24.32
CA TYR F 188 32.63 -53.88 -23.18
C TYR F 188 32.62 -55.38 -23.48
N GLU F 189 32.20 -55.74 -24.69
CA GLU F 189 32.14 -57.15 -25.13
C GLU F 189 33.48 -57.67 -25.72
N LYS F 190 34.59 -57.30 -25.09
CA LYS F 190 35.92 -57.85 -25.40
C LYS F 190 36.71 -58.17 -24.11
N HIS F 191 35.99 -58.33 -22.99
CA HIS F 191 36.60 -58.58 -21.67
C HIS F 191 35.69 -59.49 -20.84
N LYS F 192 36.25 -60.04 -19.77
CA LYS F 192 35.56 -61.02 -18.91
C LYS F 192 35.33 -60.49 -17.49
N VAL F 193 36.41 -60.32 -16.73
CA VAL F 193 36.33 -60.08 -15.27
C VAL F 193 36.30 -58.59 -14.89
N TYR F 194 35.09 -58.03 -14.72
CA TYR F 194 34.91 -56.65 -14.25
C TYR F 194 34.85 -56.63 -12.73
N ALA F 195 35.56 -55.67 -12.13
CA ALA F 195 35.71 -55.59 -10.68
C ALA F 195 35.94 -54.15 -10.21
N CYS F 196 35.61 -53.92 -8.95
CA CYS F 196 35.87 -52.65 -8.32
C CYS F 196 36.63 -52.90 -7.01
N GLU F 197 37.87 -52.43 -6.94
CA GLU F 197 38.70 -52.53 -5.73
C GLU F 197 38.44 -51.31 -4.84
N VAL F 198 37.99 -51.57 -3.61
CA VAL F 198 37.63 -50.50 -2.66
C VAL F 198 38.58 -50.49 -1.46
N THR F 199 39.45 -49.50 -1.40
CA THR F 199 40.31 -49.25 -0.23
C THR F 199 39.63 -48.25 0.70
N HIS F 200 39.75 -48.47 2.01
CA HIS F 200 39.17 -47.57 3.02
C HIS F 200 39.90 -47.80 4.36
N GLN F 201 39.96 -46.75 5.19
CA GLN F 201 40.73 -46.76 6.45
C GLN F 201 40.14 -47.72 7.50
N GLY F 202 38.83 -47.62 7.71
CA GLY F 202 38.02 -48.60 8.46
C GLY F 202 38.24 -50.07 8.10
N LEU F 203 38.43 -50.34 6.81
CA LEU F 203 38.80 -51.68 6.34
C LEU F 203 40.26 -51.94 6.69
N SER F 204 40.49 -53.03 7.42
CA SER F 204 41.83 -53.43 7.85
C SER F 204 42.71 -53.89 6.65
N SER F 205 42.07 -54.31 5.55
CA SER F 205 42.74 -54.58 4.27
C SER F 205 41.80 -54.30 3.09
N PRO F 206 42.36 -54.05 1.88
CA PRO F 206 41.51 -53.75 0.70
C PRO F 206 40.49 -54.83 0.36
N VAL F 207 39.28 -54.40 0.01
CA VAL F 207 38.19 -55.27 -0.42
C VAL F 207 38.04 -55.19 -1.94
N THR F 208 37.73 -56.33 -2.55
CA THR F 208 37.36 -56.40 -3.97
C THR F 208 35.91 -56.89 -4.08
N LYS F 209 35.23 -56.43 -5.12
CA LYS F 209 33.93 -56.93 -5.53
C LYS F 209 33.99 -57.04 -7.03
N SER F 210 33.29 -58.04 -7.60
CA SER F 210 33.41 -58.30 -9.03
C SER F 210 32.34 -59.21 -9.61
N PHE F 211 32.32 -59.27 -10.94
CA PHE F 211 31.52 -60.23 -11.69
C PHE F 211 32.18 -60.57 -13.03
N ASN F 212 31.74 -61.69 -13.61
CA ASN F 212 32.18 -62.13 -14.93
C ASN F 212 31.03 -61.86 -15.91
N ARG F 213 31.37 -61.28 -17.06
CA ARG F 213 30.39 -60.84 -18.08
C ARG F 213 29.39 -61.94 -18.47
N GLY F 214 28.09 -61.64 -18.42
CA GLY F 214 27.04 -62.61 -18.77
C GLY F 214 26.86 -63.71 -17.73
N GLU F 215 26.77 -63.31 -16.45
CA GLU F 215 26.64 -64.23 -15.32
C GLU F 215 25.96 -63.56 -14.14
#